data_9PMN
#
_entry.id   9PMN
#
_cell.length_a   53.726
_cell.length_b   155.942
_cell.length_c   79.958
_cell.angle_alpha   90.00
_cell.angle_beta   93.17
_cell.angle_gamma   90.00
#
_symmetry.space_group_name_H-M   'P 1 21 1'
#
loop_
_entity.id
_entity.type
_entity.pdbx_description
1 polymer 'Capsular polysaccharide biosynthesis protein'
2 non-polymer 'CHLORIDE ION'
3 non-polymer NICOTINAMIDE-ADENINE-DINUCLEOTIDE
4 non-polymer URIDINE-DIPHOSPHATE-N-ACETYLGALACTOSAMINE
5 non-polymer 'ACETATE ION'
6 water water
#
_entity_poly.entity_id   1
_entity_poly.type   'polypeptide(L)'
_entity_poly.pdbx_seq_one_letter_code
;MAHHHHHHTNRFETTCAQLRAQPQKWLVTGCAGFIGSNLLETLLGLDQAVVGLDNFATGHQHNLDEVRAAVTPEQWARFT
FIEGDIRDLAACQRAVQGVDRVLHQAALGSVPRSLKDPITTNEVNIGGFLNMLVAARDAQVQAFVYAASSSTYGDHPDLP
KVEERIGNPLSPYAVTKYVNELYADVFARSYGFSSVGLRYFNVFGKRQDPDGAYAAVIPKWTAAMIKGEDVVINGDGQTS
RDFCFVENAVQANLLAAMAAPEGANQVYNVAYNARTTLTELFEHLRRTLAGQGVSYEKAPVYAEFRAGDVRHSQADIGKA
GKLLGYEPAYDILRGLEAAMPWYTQFLR
;
_entity_poly.pdbx_strand_id   A,B,C,D
#
# COMPACT_ATOMS: atom_id res chain seq x y z
N THR A 9 -30.69 -36.24 -14.46
CA THR A 9 -29.65 -36.55 -13.50
C THR A 9 -28.56 -35.48 -13.49
N ASN A 10 -28.04 -35.17 -12.31
CA ASN A 10 -26.86 -34.33 -12.21
C ASN A 10 -25.62 -35.12 -12.61
N ARG A 11 -24.51 -34.41 -12.80
CA ARG A 11 -23.28 -35.07 -13.24
C ARG A 11 -22.81 -36.10 -12.22
N PHE A 12 -23.03 -35.87 -10.93
CA PHE A 12 -22.56 -36.83 -9.93
C PHE A 12 -23.25 -38.18 -10.08
N GLU A 13 -24.55 -38.18 -10.36
CA GLU A 13 -25.25 -39.44 -10.56
C GLU A 13 -24.71 -40.18 -11.77
N THR A 14 -24.47 -39.47 -12.88
CA THR A 14 -23.89 -40.11 -14.06
C THR A 14 -22.50 -40.66 -13.75
N THR A 15 -21.70 -39.91 -12.99
CA THR A 15 -20.35 -40.35 -12.68
C THR A 15 -20.36 -41.61 -11.83
N CYS A 16 -21.26 -41.69 -10.85
CA CYS A 16 -21.32 -42.87 -9.99
C CYS A 16 -21.72 -44.11 -10.79
N ALA A 17 -22.68 -43.97 -11.70
CA ALA A 17 -23.06 -45.10 -12.55
C ALA A 17 -21.91 -45.50 -13.47
N GLN A 18 -21.19 -44.52 -14.01
CA GLN A 18 -20.06 -44.81 -14.89
C GLN A 18 -18.96 -45.54 -14.14
N LEU A 19 -18.68 -45.12 -12.90
CA LEU A 19 -17.61 -45.77 -12.14
C LEU A 19 -18.01 -47.18 -11.75
N ARG A 20 -19.26 -47.38 -11.36
CA ARG A 20 -19.72 -48.70 -10.95
C ARG A 20 -19.63 -49.68 -12.12
N ALA A 21 -19.98 -49.22 -13.32
CA ALA A 21 -19.89 -50.06 -14.51
C ALA A 21 -18.47 -50.17 -15.04
N GLN A 22 -17.63 -49.16 -14.79
CA GLN A 22 -16.28 -49.09 -15.33
C GLN A 22 -15.31 -48.74 -14.20
N PRO A 23 -15.04 -49.70 -13.31
CA PRO A 23 -14.23 -49.39 -12.12
C PRO A 23 -12.83 -48.89 -12.48
N GLN A 24 -12.38 -47.88 -11.74
CA GLN A 24 -11.01 -47.42 -11.75
C GLN A 24 -10.33 -47.94 -10.48
N LYS A 25 -9.01 -47.83 -10.43
CA LYS A 25 -8.25 -48.07 -9.21
C LYS A 25 -7.80 -46.72 -8.67
N TRP A 26 -8.09 -46.47 -7.40
CA TRP A 26 -7.88 -45.17 -6.78
C TRP A 26 -6.79 -45.25 -5.72
N LEU A 27 -6.29 -44.08 -5.34
CA LEU A 27 -5.42 -43.91 -4.19
C LEU A 27 -6.00 -42.77 -3.35
N VAL A 28 -6.20 -43.02 -2.06
CA VAL A 28 -6.65 -41.99 -1.13
C VAL A 28 -5.60 -41.87 -0.05
N THR A 29 -4.88 -40.75 -0.03
CA THR A 29 -3.97 -40.44 1.06
C THR A 29 -4.73 -39.72 2.15
N GLY A 30 -4.33 -39.96 3.40
CA GLY A 30 -5.13 -39.52 4.52
C GLY A 30 -6.42 -40.28 4.65
N CYS A 31 -6.47 -41.52 4.18
CA CYS A 31 -7.71 -42.30 4.17
C CYS A 31 -8.17 -42.65 5.59
N ALA A 32 -7.28 -42.61 6.56
CA ALA A 32 -7.64 -42.86 7.95
C ALA A 32 -8.17 -41.62 8.64
N GLY A 33 -8.25 -40.50 7.94
CA GLY A 33 -8.72 -39.26 8.50
C GLY A 33 -10.17 -38.97 8.16
N PHE A 34 -10.59 -37.75 8.47
CA PHE A 34 -11.98 -37.35 8.31
C PHE A 34 -12.44 -37.41 6.86
N ILE A 35 -11.90 -36.54 6.01
CA ILE A 35 -12.34 -36.50 4.62
C ILE A 35 -11.89 -37.74 3.87
N GLY A 36 -10.67 -38.21 4.16
CA GLY A 36 -10.16 -39.37 3.44
C GLY A 36 -11.00 -40.62 3.64
N SER A 37 -11.45 -40.84 4.88
CA SER A 37 -12.24 -42.05 5.16
C SER A 37 -13.64 -41.94 4.56
N ASN A 38 -14.18 -40.74 4.43
CA ASN A 38 -15.47 -40.58 3.75
C ASN A 38 -15.33 -40.85 2.26
N LEU A 39 -14.22 -40.42 1.65
CA LEU A 39 -13.93 -40.77 0.27
C LEU A 39 -13.76 -42.27 0.11
N LEU A 40 -13.08 -42.91 1.06
CA LEU A 40 -12.85 -44.34 0.98
C LEU A 40 -14.15 -45.11 1.02
N GLU A 41 -15.06 -44.74 1.93
CA GLU A 41 -16.33 -45.45 2.03
C GLU A 41 -17.14 -45.29 0.76
N THR A 42 -17.18 -44.08 0.20
CA THR A 42 -17.95 -43.86 -1.01
C THR A 42 -17.37 -44.63 -2.19
N LEU A 43 -16.04 -44.62 -2.35
CA LEU A 43 -15.42 -45.31 -3.48
C LEU A 43 -15.60 -46.81 -3.38
N LEU A 44 -15.37 -47.38 -2.20
CA LEU A 44 -15.59 -48.82 -2.03
C LEU A 44 -17.08 -49.16 -2.22
N GLY A 45 -17.97 -48.25 -1.85
CA GLY A 45 -19.39 -48.44 -2.09
C GLY A 45 -19.78 -48.37 -3.54
N LEU A 46 -18.89 -47.89 -4.41
CA LEU A 46 -19.07 -47.91 -5.84
C LEU A 46 -18.34 -49.08 -6.50
N ASP A 47 -17.84 -50.03 -5.72
CA ASP A 47 -17.17 -51.23 -6.22
C ASP A 47 -15.82 -50.90 -6.85
N GLN A 48 -15.16 -49.86 -6.37
CA GLN A 48 -13.84 -49.49 -6.85
C GLN A 48 -12.77 -50.23 -6.07
N ALA A 49 -11.63 -50.43 -6.71
CA ALA A 49 -10.42 -50.84 -6.02
C ALA A 49 -9.74 -49.58 -5.49
N VAL A 50 -9.35 -49.60 -4.23
CA VAL A 50 -8.82 -48.42 -3.56
C VAL A 50 -7.54 -48.78 -2.80
N VAL A 51 -6.51 -47.96 -2.97
CA VAL A 51 -5.30 -48.02 -2.17
C VAL A 51 -5.33 -46.86 -1.20
N GLY A 52 -4.85 -47.09 0.02
CA GLY A 52 -4.84 -46.09 1.05
C GLY A 52 -3.44 -45.86 1.57
N LEU A 53 -3.16 -44.61 1.95
CA LEU A 53 -1.88 -44.24 2.53
C LEU A 53 -2.13 -43.33 3.72
N ASP A 54 -1.60 -43.70 4.88
CA ASP A 54 -1.77 -42.90 6.08
C ASP A 54 -0.76 -43.35 7.12
N ASN A 55 -0.25 -42.41 7.90
CA ASN A 55 0.69 -42.71 8.98
C ASN A 55 0.07 -42.54 10.35
N PHE A 56 -1.24 -42.28 10.43
CA PHE A 56 -1.95 -42.15 11.70
C PHE A 56 -1.44 -40.99 12.54
N ALA A 57 -0.94 -39.93 11.91
CA ALA A 57 -0.54 -38.75 12.65
C ALA A 57 -1.75 -38.06 13.28
N THR A 58 -2.85 -37.94 12.52
CA THR A 58 -4.08 -37.36 13.02
C THR A 58 -5.31 -38.20 12.70
N GLY A 59 -5.21 -39.17 11.79
CA GLY A 59 -6.28 -40.11 11.56
C GLY A 59 -6.23 -41.25 12.55
N HIS A 60 -7.24 -42.11 12.48
CA HIS A 60 -7.39 -43.16 13.48
C HIS A 60 -7.71 -44.49 12.82
N GLN A 61 -7.19 -45.55 13.42
CA GLN A 61 -7.56 -46.91 12.99
C GLN A 61 -9.06 -47.12 13.07
N HIS A 62 -9.73 -46.52 14.06
CA HIS A 62 -11.16 -46.75 14.22
C HIS A 62 -11.97 -46.12 13.08
N ASN A 63 -11.43 -45.11 12.40
CA ASN A 63 -12.08 -44.62 11.19
C ASN A 63 -12.06 -45.69 10.10
N LEU A 64 -10.93 -46.40 9.97
CA LEU A 64 -10.85 -47.48 9.00
C LEU A 64 -11.81 -48.62 9.37
N ASP A 65 -11.89 -48.95 10.67
CA ASP A 65 -12.76 -50.04 11.09
C ASP A 65 -14.23 -49.70 10.82
N GLU A 66 -14.61 -48.44 11.01
CA GLU A 66 -15.99 -48.04 10.73
C GLU A 66 -16.31 -48.19 9.25
N VAL A 67 -15.38 -47.82 8.38
CA VAL A 67 -15.57 -48.03 6.94
C VAL A 67 -15.72 -49.51 6.65
N ARG A 68 -14.91 -50.33 7.31
CA ARG A 68 -14.96 -51.78 7.13
C ARG A 68 -16.32 -52.33 7.53
N ALA A 69 -16.89 -51.83 8.62
CA ALA A 69 -18.21 -52.29 9.06
C ALA A 69 -19.32 -51.83 8.13
N ALA A 70 -19.12 -50.72 7.42
CA ALA A 70 -20.17 -50.14 6.59
C ALA A 70 -20.24 -50.73 5.19
N VAL A 71 -19.13 -51.20 4.64
CA VAL A 71 -19.13 -51.72 3.27
C VAL A 71 -19.29 -53.24 3.32
N THR A 72 -19.66 -53.81 2.18
CA THR A 72 -19.81 -55.24 2.08
C THR A 72 -18.43 -55.89 2.12
N PRO A 73 -18.37 -57.16 2.53
CA PRO A 73 -17.07 -57.87 2.51
C PRO A 73 -16.45 -57.88 1.13
N GLU A 74 -17.26 -57.94 0.08
CA GLU A 74 -16.70 -57.92 -1.27
C GLU A 74 -15.98 -56.61 -1.54
N GLN A 75 -16.55 -55.50 -1.12
CA GLN A 75 -15.96 -54.18 -1.33
C GLN A 75 -14.71 -53.97 -0.47
N TRP A 76 -14.74 -54.42 0.78
CA TRP A 76 -13.58 -54.27 1.64
C TRP A 76 -12.40 -55.08 1.14
N ALA A 77 -12.67 -56.17 0.43
CA ALA A 77 -11.60 -56.98 -0.15
C ALA A 77 -10.81 -56.22 -1.22
N ARG A 78 -11.39 -55.16 -1.78
CA ARG A 78 -10.73 -54.36 -2.80
C ARG A 78 -9.91 -53.21 -2.22
N PHE A 79 -9.76 -53.15 -0.90
CA PHE A 79 -9.04 -52.07 -0.24
C PHE A 79 -7.70 -52.57 0.23
N THR A 80 -6.63 -51.92 -0.24
CA THR A 80 -5.27 -52.16 0.23
C THR A 80 -4.85 -50.95 1.05
N PHE A 81 -4.44 -51.18 2.29
CA PHE A 81 -4.01 -50.10 3.16
C PHE A 81 -2.50 -50.15 3.33
N ILE A 82 -1.85 -49.00 3.20
CA ILE A 82 -0.41 -48.86 3.37
C ILE A 82 -0.21 -47.87 4.50
N GLU A 83 0.37 -48.33 5.60
CA GLU A 83 0.77 -47.42 6.67
C GLU A 83 2.11 -46.82 6.24
N GLY A 84 2.10 -45.53 5.93
CA GLY A 84 3.29 -44.90 5.41
C GLY A 84 3.20 -43.40 5.46
N ASP A 85 4.34 -42.76 5.22
CA ASP A 85 4.50 -41.32 5.36
C ASP A 85 4.75 -40.71 3.98
N ILE A 86 3.99 -39.67 3.64
CA ILE A 86 4.18 -39.02 2.36
C ILE A 86 5.49 -38.26 2.28
N ARG A 87 6.12 -37.97 3.43
CA ARG A 87 7.45 -37.38 3.44
C ARG A 87 8.49 -38.35 2.90
N ASP A 88 8.16 -39.64 2.86
CA ASP A 88 9.03 -40.68 2.31
C ASP A 88 8.61 -40.95 0.88
N LEU A 89 9.48 -40.56 -0.08
CA LEU A 89 9.12 -40.68 -1.48
C LEU A 89 8.88 -42.13 -1.88
N ALA A 90 9.64 -43.06 -1.31
CA ALA A 90 9.44 -44.47 -1.63
C ALA A 90 8.03 -44.92 -1.25
N ALA A 91 7.49 -44.38 -0.17
CA ALA A 91 6.11 -44.70 0.21
C ALA A 91 5.13 -44.18 -0.83
N CYS A 92 5.32 -42.95 -1.32
CA CYS A 92 4.41 -42.39 -2.31
C CYS A 92 4.45 -43.20 -3.61
N GLN A 93 5.65 -43.56 -4.06
CA GLN A 93 5.76 -44.33 -5.30
C GLN A 93 5.08 -45.69 -5.14
N ARG A 94 5.26 -46.32 -3.98
CA ARG A 94 4.62 -47.59 -3.70
C ARG A 94 3.10 -47.45 -3.70
N ALA A 95 2.58 -46.34 -3.19
CA ALA A 95 1.14 -46.19 -3.07
C ALA A 95 0.49 -45.93 -4.43
N VAL A 96 1.16 -45.20 -5.33
CA VAL A 96 0.56 -44.80 -6.59
C VAL A 96 0.75 -45.82 -7.71
N GLN A 97 1.48 -46.90 -7.48
CA GLN A 97 1.77 -47.84 -8.55
C GLN A 97 0.49 -48.56 -8.98
N GLY A 98 0.26 -48.62 -10.28
CA GLY A 98 -0.95 -49.23 -10.82
C GLY A 98 -2.23 -48.47 -10.57
N VAL A 99 -2.13 -47.20 -10.18
CA VAL A 99 -3.30 -46.39 -9.80
C VAL A 99 -3.69 -45.50 -10.97
N ASP A 100 -5.01 -45.31 -11.14
CA ASP A 100 -5.56 -44.44 -12.17
C ASP A 100 -5.92 -43.06 -11.66
N ARG A 101 -6.46 -42.95 -10.44
CA ARG A 101 -6.96 -41.70 -9.89
C ARG A 101 -6.41 -41.52 -8.49
N VAL A 102 -5.84 -40.36 -8.21
CA VAL A 102 -5.27 -40.04 -6.89
C VAL A 102 -6.11 -38.95 -6.25
N LEU A 103 -6.51 -39.17 -5.00
CA LEU A 103 -7.20 -38.19 -4.17
C LEU A 103 -6.30 -37.93 -2.97
N HIS A 104 -5.55 -36.83 -3.02
CA HIS A 104 -4.54 -36.51 -2.02
C HIS A 104 -5.18 -35.67 -0.91
N GLN A 105 -5.32 -36.27 0.28
CA GLN A 105 -5.81 -35.57 1.45
C GLN A 105 -4.81 -35.48 2.60
N ALA A 106 -3.74 -36.30 2.56
CA ALA A 106 -2.79 -36.33 3.67
C ALA A 106 -2.16 -34.96 3.89
N ALA A 107 -2.27 -34.46 5.11
CA ALA A 107 -1.72 -33.16 5.47
C ALA A 107 -1.91 -32.97 6.97
N LEU A 108 -1.40 -31.84 7.47
CA LEU A 108 -1.60 -31.41 8.85
C LEU A 108 -2.35 -30.08 8.80
N GLY A 109 -3.63 -30.10 9.14
CA GLY A 109 -4.45 -28.90 9.15
C GLY A 109 -4.13 -28.04 10.35
N SER A 110 -5.14 -27.31 10.83
CA SER A 110 -4.99 -26.52 12.05
C SER A 110 -3.94 -25.41 11.95
N VAL A 111 -4.30 -24.31 11.29
CA VAL A 111 -3.52 -23.08 11.36
C VAL A 111 -2.88 -22.91 12.74
N PRO A 112 -3.63 -23.06 13.85
CA PRO A 112 -2.96 -22.94 15.16
C PRO A 112 -1.80 -23.91 15.33
N ARG A 113 -1.95 -25.14 14.83
CA ARG A 113 -0.85 -26.11 14.89
C ARG A 113 0.36 -25.60 14.13
N SER A 114 0.15 -25.01 12.95
CA SER A 114 1.27 -24.55 12.15
C SER A 114 2.01 -23.39 12.81
N LEU A 115 1.30 -22.58 13.60
CA LEU A 115 1.96 -21.48 14.30
C LEU A 115 2.86 -22.00 15.42
N LYS A 116 2.45 -23.06 16.11
CA LYS A 116 3.30 -23.63 17.15
C LYS A 116 4.51 -24.33 16.55
N ASP A 117 4.31 -25.08 15.47
CA ASP A 117 5.34 -25.93 14.88
C ASP A 117 5.31 -25.76 13.37
N PRO A 118 5.76 -24.61 12.86
CA PRO A 118 5.72 -24.39 11.41
C PRO A 118 6.55 -25.40 10.62
N ILE A 119 7.64 -25.90 11.21
CA ILE A 119 8.54 -26.79 10.47
C ILE A 119 7.86 -28.09 10.11
N THR A 120 7.19 -28.72 11.07
CA THR A 120 6.55 -30.01 10.78
C THR A 120 5.43 -29.84 9.76
N THR A 121 4.64 -28.77 9.88
CA THR A 121 3.60 -28.52 8.90
C THR A 121 4.18 -28.31 7.52
N ASN A 122 5.32 -27.61 7.42
CA ASN A 122 5.94 -27.41 6.12
C ASN A 122 6.44 -28.73 5.54
N GLU A 123 7.03 -29.58 6.38
CA GLU A 123 7.59 -30.83 5.90
C GLU A 123 6.51 -31.73 5.31
N VAL A 124 5.37 -31.81 5.99
CA VAL A 124 4.29 -32.70 5.55
C VAL A 124 3.54 -32.10 4.36
N ASN A 125 3.15 -30.83 4.48
CA ASN A 125 2.21 -30.25 3.54
C ASN A 125 2.86 -29.81 2.23
N ILE A 126 4.11 -29.36 2.29
CA ILE A 126 4.83 -28.97 1.08
C ILE A 126 5.72 -30.14 0.64
N GLY A 127 6.60 -30.58 1.52
CA GLY A 127 7.49 -31.68 1.17
C GLY A 127 6.72 -32.95 0.82
N GLY A 128 5.74 -33.30 1.64
CA GLY A 128 4.95 -34.50 1.36
C GLY A 128 4.12 -34.36 0.10
N PHE A 129 3.51 -33.20 -0.10
CA PHE A 129 2.73 -32.97 -1.32
C PHE A 129 3.60 -33.10 -2.55
N LEU A 130 4.81 -32.53 -2.51
CA LEU A 130 5.70 -32.59 -3.67
C LEU A 130 6.12 -34.02 -3.97
N ASN A 131 6.35 -34.82 -2.93
CA ASN A 131 6.67 -36.23 -3.14
C ASN A 131 5.51 -36.94 -3.84
N MET A 132 4.28 -36.67 -3.42
CA MET A 132 3.12 -37.29 -4.06
C MET A 132 2.96 -36.82 -5.50
N LEU A 133 3.20 -35.54 -5.76
CA LEU A 133 3.03 -35.02 -7.11
C LEU A 133 4.05 -35.63 -8.06
N VAL A 134 5.29 -35.82 -7.60
CA VAL A 134 6.32 -36.44 -8.43
C VAL A 134 6.02 -37.92 -8.64
N ALA A 135 5.58 -38.61 -7.58
CA ALA A 135 5.27 -40.03 -7.71
C ALA A 135 4.11 -40.25 -8.68
N ALA A 136 3.08 -39.42 -8.59
CA ALA A 136 1.95 -39.55 -9.51
C ALA A 136 2.36 -39.24 -10.94
N ARG A 137 3.21 -38.23 -11.12
CA ARG A 137 3.70 -37.90 -12.45
C ARG A 137 4.47 -39.07 -13.07
N ASP A 138 5.34 -39.70 -12.28
CA ASP A 138 6.16 -40.79 -12.80
C ASP A 138 5.32 -42.03 -13.07
N ALA A 139 4.32 -42.29 -12.23
CA ALA A 139 3.43 -43.43 -12.43
C ALA A 139 2.39 -43.17 -13.53
N GLN A 140 2.29 -41.94 -14.01
CA GLN A 140 1.38 -41.59 -15.09
C GLN A 140 -0.07 -41.91 -14.73
N VAL A 141 -0.50 -41.36 -13.59
CA VAL A 141 -1.90 -41.50 -13.21
C VAL A 141 -2.74 -40.60 -14.12
N GLN A 142 -4.01 -40.99 -14.31
CA GLN A 142 -4.92 -40.24 -15.15
C GLN A 142 -5.45 -38.98 -14.50
N ALA A 143 -5.44 -38.89 -13.16
CA ALA A 143 -5.99 -37.74 -12.47
C ALA A 143 -5.32 -37.59 -11.12
N PHE A 144 -5.17 -36.34 -10.69
CA PHE A 144 -4.55 -36.03 -9.40
C PHE A 144 -5.32 -34.87 -8.78
N VAL A 145 -6.22 -35.19 -7.86
CA VAL A 145 -7.02 -34.21 -7.13
C VAL A 145 -6.42 -34.07 -5.74
N TYR A 146 -6.12 -32.84 -5.33
CA TYR A 146 -5.48 -32.59 -4.05
C TYR A 146 -6.30 -31.62 -3.23
N ALA A 147 -6.20 -31.75 -1.90
CA ALA A 147 -6.92 -30.89 -0.98
C ALA A 147 -6.20 -29.55 -0.87
N ALA A 148 -6.85 -28.50 -1.35
CA ALA A 148 -6.43 -27.13 -1.12
C ALA A 148 -7.25 -26.56 0.03
N SER A 149 -7.09 -25.27 0.32
CA SER A 149 -7.74 -24.66 1.47
C SER A 149 -8.26 -23.28 1.12
N SER A 150 -9.37 -22.90 1.76
CA SER A 150 -9.89 -21.55 1.64
C SER A 150 -8.99 -20.52 2.31
N SER A 151 -8.00 -20.96 3.09
CA SER A 151 -7.03 -20.03 3.65
C SER A 151 -6.20 -19.34 2.57
N THR A 152 -6.17 -19.90 1.36
CA THR A 152 -5.42 -19.29 0.27
C THR A 152 -5.95 -17.90 -0.08
N TYR A 153 -7.17 -17.59 0.32
CA TYR A 153 -7.69 -16.24 0.12
C TYR A 153 -7.07 -15.24 1.09
N GLY A 154 -6.57 -15.72 2.22
CA GLY A 154 -5.81 -14.86 3.10
C GLY A 154 -6.59 -13.64 3.53
N ASP A 155 -5.99 -12.47 3.33
CA ASP A 155 -6.58 -11.21 3.76
C ASP A 155 -7.39 -10.53 2.66
N HIS A 156 -7.54 -11.16 1.49
CA HIS A 156 -8.34 -10.55 0.44
C HIS A 156 -9.76 -10.36 0.96
N PRO A 157 -10.34 -9.16 0.85
CA PRO A 157 -11.62 -8.90 1.51
C PRO A 157 -12.85 -9.31 0.70
N ASP A 158 -12.74 -9.36 -0.62
CA ASP A 158 -13.93 -9.48 -1.46
C ASP A 158 -14.75 -10.71 -1.08
N LEU A 159 -16.07 -10.53 -1.02
CA LEU A 159 -17.02 -11.58 -0.72
C LEU A 159 -18.15 -11.53 -1.76
N PRO A 160 -18.56 -12.68 -2.32
CA PRO A 160 -18.07 -14.04 -2.05
C PRO A 160 -16.68 -14.24 -2.63
N LYS A 161 -16.01 -15.32 -2.24
CA LYS A 161 -14.64 -15.58 -2.64
C LYS A 161 -14.62 -16.21 -4.03
N VAL A 162 -13.93 -15.58 -4.96
CA VAL A 162 -13.79 -16.08 -6.33
C VAL A 162 -12.38 -16.61 -6.51
N GLU A 163 -12.25 -17.67 -7.29
CA GLU A 163 -11.01 -18.43 -7.34
C GLU A 163 -9.84 -17.59 -7.82
N GLU A 164 -10.06 -16.70 -8.79
CA GLU A 164 -8.94 -15.97 -9.39
C GLU A 164 -8.50 -14.76 -8.56
N ARG A 165 -9.21 -14.42 -7.49
CA ARG A 165 -8.85 -13.28 -6.64
C ARG A 165 -8.48 -13.82 -5.27
N ILE A 166 -7.18 -13.84 -4.97
CA ILE A 166 -6.68 -14.31 -3.68
C ILE A 166 -5.87 -13.23 -3.00
N GLY A 167 -5.42 -13.50 -1.77
CA GLY A 167 -4.64 -12.55 -1.01
C GLY A 167 -3.39 -13.14 -0.41
N ASN A 168 -2.82 -12.44 0.56
CA ASN A 168 -1.57 -12.89 1.18
C ASN A 168 -1.86 -13.95 2.23
N PRO A 169 -1.09 -15.04 2.26
CA PRO A 169 -1.27 -16.04 3.32
C PRO A 169 -1.03 -15.42 4.69
N LEU A 170 -1.80 -15.88 5.67
CA LEU A 170 -1.77 -15.30 7.02
C LEU A 170 -1.22 -16.24 8.06
N SER A 171 -0.86 -17.47 7.70
CA SER A 171 -0.33 -18.44 8.65
C SER A 171 0.60 -19.38 7.92
N PRO A 172 1.49 -20.07 8.64
CA PRO A 172 2.33 -21.08 7.97
C PRO A 172 1.50 -22.13 7.25
N TYR A 173 0.37 -22.55 7.82
CA TYR A 173 -0.49 -23.51 7.15
C TYR A 173 -0.98 -22.96 5.82
N ALA A 174 -1.42 -21.70 5.80
CA ALA A 174 -1.89 -21.11 4.56
C ALA A 174 -0.79 -21.05 3.52
N VAL A 175 0.47 -20.89 3.95
CA VAL A 175 1.57 -20.91 3.01
C VAL A 175 1.67 -22.26 2.32
N THR A 176 1.59 -23.35 3.10
CA THR A 176 1.76 -24.68 2.53
C THR A 176 0.67 -25.00 1.52
N LYS A 177 -0.59 -24.68 1.86
CA LYS A 177 -1.69 -24.99 0.95
C LYS A 177 -1.62 -24.15 -0.31
N TYR A 178 -1.19 -22.89 -0.20
CA TYR A 178 -0.99 -22.09 -1.38
C TYR A 178 0.12 -22.66 -2.25
N VAL A 179 1.18 -23.18 -1.62
CA VAL A 179 2.30 -23.73 -2.37
C VAL A 179 1.91 -25.02 -3.09
N ASN A 180 0.94 -25.77 -2.57
CA ASN A 180 0.45 -26.93 -3.29
C ASN A 180 -0.08 -26.53 -4.66
N GLU A 181 -0.82 -25.43 -4.70
CA GLU A 181 -1.34 -24.93 -5.98
C GLU A 181 -0.21 -24.42 -6.86
N LEU A 182 0.80 -23.78 -6.28
CA LEU A 182 1.90 -23.25 -7.08
C LEU A 182 2.68 -24.39 -7.75
N TYR A 183 2.97 -25.45 -7.00
CA TYR A 183 3.70 -26.57 -7.58
C TYR A 183 2.84 -27.33 -8.60
N ALA A 184 1.54 -27.44 -8.34
CA ALA A 184 0.66 -28.12 -9.30
C ALA A 184 0.62 -27.38 -10.62
N ASP A 185 0.53 -26.05 -10.57
CA ASP A 185 0.54 -25.25 -11.80
C ASP A 185 1.89 -25.37 -12.51
N VAL A 186 2.99 -25.37 -11.75
CA VAL A 186 4.31 -25.45 -12.36
C VAL A 186 4.51 -26.82 -13.00
N PHE A 187 3.96 -27.88 -12.40
CA PHE A 187 4.08 -29.20 -13.00
C PHE A 187 3.26 -29.30 -14.28
N ALA A 188 2.15 -28.58 -14.36
CA ALA A 188 1.40 -28.52 -15.61
C ALA A 188 2.20 -27.81 -16.69
N ARG A 189 2.89 -26.72 -16.33
CA ARG A 189 3.67 -25.97 -17.31
C ARG A 189 4.84 -26.78 -17.83
N SER A 190 5.63 -27.36 -16.92
CA SER A 190 6.92 -27.93 -17.28
C SER A 190 6.82 -29.35 -17.82
N TYR A 191 5.94 -30.16 -17.24
CA TYR A 191 5.85 -31.58 -17.60
C TYR A 191 4.50 -31.94 -18.21
N GLY A 192 3.56 -31.00 -18.31
CA GLY A 192 2.26 -31.34 -18.85
C GLY A 192 1.40 -32.17 -17.95
N PHE A 193 1.69 -32.17 -16.65
CA PHE A 193 0.95 -32.98 -15.68
C PHE A 193 -0.24 -32.18 -15.17
N SER A 194 -1.44 -32.72 -15.37
CA SER A 194 -2.68 -32.06 -14.99
C SER A 194 -3.09 -32.44 -13.57
N SER A 195 -3.75 -31.50 -12.90
CA SER A 195 -4.19 -31.71 -11.52
C SER A 195 -5.34 -30.77 -11.22
N VAL A 196 -6.12 -31.13 -10.20
CA VAL A 196 -7.23 -30.30 -9.74
C VAL A 196 -7.06 -30.06 -8.24
N GLY A 197 -7.07 -28.79 -7.84
CA GLY A 197 -7.06 -28.44 -6.43
C GLY A 197 -8.46 -28.04 -5.98
N LEU A 198 -8.84 -28.52 -4.80
CA LEU A 198 -10.16 -28.25 -4.23
C LEU A 198 -9.98 -27.45 -2.95
N ARG A 199 -10.27 -26.15 -3.01
CA ARG A 199 -10.24 -25.28 -1.84
C ARG A 199 -11.45 -25.56 -0.96
N TYR A 200 -11.27 -26.39 0.05
CA TYR A 200 -12.35 -26.69 0.98
C TYR A 200 -12.66 -25.47 1.84
N PHE A 201 -13.95 -25.32 2.17
CA PHE A 201 -14.43 -24.30 3.10
C PHE A 201 -15.05 -25.00 4.31
N ASN A 202 -14.30 -25.11 5.40
CA ASN A 202 -14.85 -25.53 6.69
C ASN A 202 -15.73 -26.78 6.55
N VAL A 203 -15.09 -27.87 6.15
CA VAL A 203 -15.82 -29.12 5.94
C VAL A 203 -16.14 -29.75 7.30
N PHE A 204 -17.32 -30.33 7.41
CA PHE A 204 -17.77 -30.96 8.65
C PHE A 204 -18.58 -32.21 8.29
N GLY A 205 -18.68 -33.10 9.26
CA GLY A 205 -19.43 -34.32 9.08
C GLY A 205 -18.89 -35.42 9.98
N LYS A 206 -19.39 -36.62 9.75
CA LYS A 206 -19.01 -37.75 10.60
C LYS A 206 -17.51 -38.01 10.48
N ARG A 207 -16.91 -38.37 11.61
CA ARG A 207 -15.50 -38.76 11.71
C ARG A 207 -14.54 -37.59 11.62
N GLN A 208 -15.02 -36.35 11.76
CA GLN A 208 -14.13 -35.23 12.00
C GLN A 208 -13.74 -35.25 13.47
N ASP A 209 -12.45 -35.32 13.75
CA ASP A 209 -11.99 -35.65 15.09
C ASP A 209 -12.47 -34.61 16.10
N PRO A 210 -13.21 -35.00 17.13
CA PRO A 210 -13.61 -34.04 18.18
C PRO A 210 -12.54 -33.88 19.25
N ASP A 211 -11.68 -34.88 19.36
CA ASP A 211 -10.60 -34.87 20.34
C ASP A 211 -9.38 -34.17 19.75
N GLY A 212 -8.48 -33.78 20.64
CA GLY A 212 -7.27 -33.09 20.23
C GLY A 212 -7.32 -31.61 20.56
N ALA A 213 -6.13 -31.03 20.70
CA ALA A 213 -6.02 -29.60 20.96
C ALA A 213 -6.43 -28.75 19.76
N TYR A 214 -6.52 -29.33 18.57
CA TYR A 214 -6.72 -28.56 17.34
C TYR A 214 -8.01 -28.93 16.63
N ALA A 215 -9.03 -29.35 17.38
CA ALA A 215 -10.29 -29.79 16.78
C ALA A 215 -11.05 -28.63 16.15
N ALA A 216 -11.73 -28.93 15.04
CA ALA A 216 -12.56 -27.94 14.37
C ALA A 216 -13.73 -27.52 15.26
N VAL A 217 -14.38 -26.42 14.87
CA VAL A 217 -15.36 -25.79 15.75
C VAL A 217 -16.59 -26.67 15.93
N ILE A 218 -17.10 -27.26 14.84
CA ILE A 218 -18.29 -28.09 14.96
C ILE A 218 -18.04 -29.32 15.81
N PRO A 219 -17.04 -30.16 15.53
CA PRO A 219 -16.79 -31.32 16.40
C PRO A 219 -16.46 -30.92 17.83
N LYS A 220 -15.77 -29.80 18.04
CA LYS A 220 -15.39 -29.38 19.38
C LYS A 220 -16.61 -28.97 20.19
N TRP A 221 -17.46 -28.10 19.61
CA TRP A 221 -18.67 -27.67 20.32
C TRP A 221 -19.62 -28.84 20.54
N THR A 222 -19.70 -29.75 19.58
CA THR A 222 -20.60 -30.89 19.71
C THR A 222 -20.23 -31.75 20.91
N ALA A 223 -18.94 -32.06 21.06
CA ALA A 223 -18.51 -32.85 22.20
C ALA A 223 -18.74 -32.10 23.51
N ALA A 224 -18.44 -30.81 23.54
CA ALA A 224 -18.66 -30.03 24.75
C ALA A 224 -20.13 -30.02 25.14
N MET A 225 -21.01 -29.80 24.17
CA MET A 225 -22.44 -29.74 24.48
C MET A 225 -22.97 -31.08 24.94
N ILE A 226 -22.49 -32.17 24.32
CA ILE A 226 -22.89 -33.50 24.77
C ILE A 226 -22.44 -33.73 26.21
N LYS A 227 -21.25 -33.22 26.56
CA LYS A 227 -20.72 -33.37 27.90
C LYS A 227 -21.15 -32.26 28.84
N GLY A 228 -21.89 -31.27 28.36
CA GLY A 228 -22.35 -30.19 29.21
C GLY A 228 -21.28 -29.22 29.65
N GLU A 229 -20.18 -29.13 28.91
CA GLU A 229 -19.12 -28.18 29.23
C GLU A 229 -19.38 -26.84 28.55
N ASP A 230 -18.61 -25.84 28.93
CA ASP A 230 -18.75 -24.52 28.34
C ASP A 230 -18.37 -24.52 26.87
N VAL A 231 -19.07 -23.71 26.10
CA VAL A 231 -18.79 -23.48 24.68
C VAL A 231 -18.38 -22.03 24.53
N VAL A 232 -17.24 -21.80 23.90
CA VAL A 232 -16.66 -20.47 23.79
C VAL A 232 -16.71 -20.03 22.32
N ILE A 233 -17.16 -18.80 22.10
CA ILE A 233 -17.18 -18.17 20.80
C ILE A 233 -16.05 -17.15 20.77
N ASN A 234 -15.12 -17.31 19.81
CA ASN A 234 -13.96 -16.43 19.70
C ASN A 234 -14.36 -15.16 18.97
N GLY A 235 -14.72 -14.14 19.75
CA GLY A 235 -15.08 -12.84 19.22
C GLY A 235 -16.51 -12.47 19.63
N ASP A 236 -17.16 -11.70 18.75
CA ASP A 236 -18.52 -11.26 19.01
C ASP A 236 -19.55 -12.28 18.53
N GLY A 237 -19.12 -13.34 17.85
CA GLY A 237 -20.00 -14.40 17.40
C GLY A 237 -20.67 -14.19 16.05
N GLN A 238 -20.55 -13.01 15.43
CA GLN A 238 -21.10 -12.79 14.10
C GLN A 238 -20.11 -13.21 13.01
N THR A 239 -18.88 -13.59 13.41
CA THR A 239 -17.94 -14.19 12.46
C THR A 239 -18.66 -15.33 11.75
N SER A 240 -18.69 -15.28 10.42
CA SER A 240 -19.46 -16.21 9.62
C SER A 240 -18.54 -17.08 8.77
N ARG A 241 -19.05 -18.27 8.44
CA ARG A 241 -18.31 -19.26 7.66
C ARG A 241 -19.25 -19.97 6.71
N ASP A 242 -18.68 -20.56 5.67
CA ASP A 242 -19.41 -21.38 4.72
C ASP A 242 -19.13 -22.85 5.06
N PHE A 243 -19.86 -23.36 6.04
CA PHE A 243 -19.66 -24.74 6.45
C PHE A 243 -20.18 -25.69 5.38
N CYS A 244 -19.34 -26.65 5.01
CA CYS A 244 -19.60 -27.54 3.88
C CYS A 244 -19.70 -28.96 4.40
N PHE A 245 -20.88 -29.57 4.24
CA PHE A 245 -21.04 -30.95 4.66
C PHE A 245 -20.11 -31.84 3.85
N VAL A 246 -19.56 -32.87 4.51
CA VAL A 246 -18.50 -33.66 3.90
C VAL A 246 -18.96 -34.34 2.63
N GLU A 247 -20.25 -34.69 2.55
CA GLU A 247 -20.74 -35.35 1.35
C GLU A 247 -20.61 -34.46 0.12
N ASN A 248 -20.72 -33.14 0.30
CA ASN A 248 -20.47 -32.21 -0.79
C ASN A 248 -19.02 -32.30 -1.25
N ALA A 249 -18.08 -32.40 -0.31
CA ALA A 249 -16.69 -32.54 -0.68
C ALA A 249 -16.44 -33.85 -1.40
N VAL A 250 -17.08 -34.94 -0.96
CA VAL A 250 -16.93 -36.22 -1.64
C VAL A 250 -17.36 -36.09 -3.10
N GLN A 251 -18.51 -35.46 -3.33
CA GLN A 251 -18.99 -35.27 -4.70
C GLN A 251 -17.97 -34.49 -5.51
N ALA A 252 -17.34 -33.47 -4.92
CA ALA A 252 -16.38 -32.65 -5.65
C ALA A 252 -15.15 -33.47 -6.04
N ASN A 253 -14.68 -34.36 -5.15
CA ASN A 253 -13.49 -35.14 -5.46
C ASN A 253 -13.71 -36.06 -6.65
N LEU A 254 -14.85 -36.76 -6.68
CA LEU A 254 -15.10 -37.71 -7.76
C LEU A 254 -15.32 -36.99 -9.08
N LEU A 255 -16.04 -35.86 -9.07
CA LEU A 255 -16.24 -35.09 -10.29
C LEU A 255 -14.91 -34.56 -10.81
N ALA A 256 -14.06 -34.05 -9.91
CA ALA A 256 -12.76 -33.52 -10.32
C ALA A 256 -11.88 -34.63 -10.88
N ALA A 257 -11.89 -35.81 -10.26
CA ALA A 257 -11.04 -36.90 -10.69
C ALA A 257 -11.42 -37.40 -12.08
N MET A 258 -12.70 -37.35 -12.41
CA MET A 258 -13.21 -37.85 -13.69
C MET A 258 -13.42 -36.75 -14.71
N ALA A 259 -13.00 -35.52 -14.42
CA ALA A 259 -13.23 -34.40 -15.32
C ALA A 259 -12.37 -34.51 -16.57
N ALA A 260 -12.83 -33.88 -17.63
CA ALA A 260 -12.08 -33.78 -18.88
C ALA A 260 -10.97 -32.73 -18.72
N PRO A 261 -10.10 -32.60 -19.73
CA PRO A 261 -9.01 -31.60 -19.63
C PRO A 261 -9.48 -30.17 -19.42
N GLU A 262 -10.69 -29.81 -19.82
CA GLU A 262 -11.18 -28.47 -19.51
C GLU A 262 -11.32 -28.29 -18.00
N GLY A 263 -11.82 -29.30 -17.31
CA GLY A 263 -11.95 -29.27 -15.87
C GLY A 263 -10.69 -29.60 -15.10
N ALA A 264 -9.60 -29.96 -15.78
CA ALA A 264 -8.35 -30.26 -15.13
C ALA A 264 -7.39 -29.07 -15.21
N ASN A 265 -6.32 -29.16 -14.42
CA ASN A 265 -5.39 -28.04 -14.22
C ASN A 265 -6.15 -26.80 -13.75
N GLN A 266 -7.11 -27.03 -12.84
CA GLN A 266 -7.96 -25.97 -12.32
C GLN A 266 -8.01 -26.04 -10.80
N VAL A 267 -8.43 -24.93 -10.19
CA VAL A 267 -8.69 -24.85 -8.76
C VAL A 267 -10.15 -24.45 -8.58
N TYR A 268 -10.85 -25.13 -7.67
CA TYR A 268 -12.28 -24.96 -7.48
C TYR A 268 -12.61 -24.72 -6.02
N ASN A 269 -13.52 -23.78 -5.76
CA ASN A 269 -14.12 -23.67 -4.44
C ASN A 269 -15.07 -24.83 -4.20
N VAL A 270 -15.01 -25.40 -3.00
CA VAL A 270 -15.86 -26.52 -2.60
C VAL A 270 -16.59 -26.09 -1.34
N ALA A 271 -17.83 -25.65 -1.50
CA ALA A 271 -18.63 -25.17 -0.38
C ALA A 271 -20.11 -25.16 -0.80
N TYR A 272 -20.94 -24.47 -0.02
CA TYR A 272 -22.36 -24.36 -0.31
C TYR A 272 -22.78 -22.97 -0.77
N ASN A 273 -21.87 -21.98 -0.72
CA ASN A 273 -22.20 -20.58 -1.00
C ASN A 273 -23.29 -20.09 -0.04
N ALA A 274 -22.98 -20.16 1.25
CA ALA A 274 -23.90 -19.74 2.29
C ALA A 274 -23.11 -19.19 3.47
N ARG A 275 -23.81 -18.40 4.29
CA ARG A 275 -23.24 -17.71 5.43
C ARG A 275 -23.89 -18.20 6.71
N THR A 276 -23.06 -18.54 7.71
CA THR A 276 -23.54 -18.95 9.02
C THR A 276 -22.61 -18.35 10.07
N THR A 277 -23.13 -17.45 10.90
CA THR A 277 -22.33 -16.88 11.96
C THR A 277 -22.10 -17.91 13.06
N LEU A 278 -21.16 -17.60 13.95
CA LEU A 278 -20.85 -18.53 15.04
C LEU A 278 -21.99 -18.61 16.03
N THR A 279 -22.71 -17.50 16.26
CA THR A 279 -23.88 -17.55 17.14
C THR A 279 -24.99 -18.39 16.51
N GLU A 280 -25.21 -18.23 15.20
CA GLU A 280 -26.19 -19.06 14.51
C GLU A 280 -25.80 -20.53 14.54
N LEU A 281 -24.50 -20.82 14.39
CA LEU A 281 -24.05 -22.20 14.43
C LEU A 281 -24.33 -22.84 15.79
N PHE A 282 -24.08 -22.09 16.87
CA PHE A 282 -24.38 -22.61 18.20
C PHE A 282 -25.86 -22.95 18.32
N GLU A 283 -26.73 -22.08 17.80
CA GLU A 283 -28.16 -22.35 17.85
C GLU A 283 -28.50 -23.59 17.05
N HIS A 284 -27.88 -23.76 15.87
CA HIS A 284 -28.15 -24.93 15.05
C HIS A 284 -27.73 -26.21 15.77
N LEU A 285 -26.57 -26.19 16.42
CA LEU A 285 -26.13 -27.35 17.18
C LEU A 285 -27.06 -27.64 18.34
N ARG A 286 -27.53 -26.59 19.03
CA ARG A 286 -28.42 -26.78 20.17
C ARG A 286 -29.73 -27.43 19.76
N ARG A 287 -30.33 -26.98 18.65
CA ARG A 287 -31.59 -27.57 18.22
C ARG A 287 -31.38 -28.99 17.68
N THR A 288 -30.35 -29.20 16.87
CA THR A 288 -30.12 -30.54 16.32
C THR A 288 -29.83 -31.54 17.43
N LEU A 289 -28.99 -31.14 18.39
CA LEU A 289 -28.69 -32.00 19.53
C LEU A 289 -29.93 -32.28 20.36
N ALA A 290 -30.84 -31.31 20.47
CA ALA A 290 -32.09 -31.55 21.20
C ALA A 290 -32.89 -32.67 20.57
N GLY A 291 -32.83 -32.80 19.24
CA GLY A 291 -33.50 -33.89 18.56
C GLY A 291 -32.92 -35.26 18.86
N GLN A 292 -31.71 -35.31 19.42
CA GLN A 292 -31.08 -36.55 19.84
C GLN A 292 -31.13 -36.75 21.34
N GLY A 293 -32.06 -36.10 22.03
CA GLY A 293 -32.16 -36.25 23.46
C GLY A 293 -31.00 -35.67 24.23
N VAL A 294 -30.40 -34.60 23.73
CA VAL A 294 -29.24 -33.99 24.34
C VAL A 294 -29.60 -32.58 24.78
N SER A 295 -29.55 -32.36 26.09
CA SER A 295 -29.88 -31.06 26.67
C SER A 295 -28.60 -30.25 26.82
N TYR A 296 -28.66 -28.98 26.44
CA TYR A 296 -27.57 -28.03 26.70
C TYR A 296 -28.23 -26.70 27.04
N GLU A 297 -28.22 -26.35 28.33
CA GLU A 297 -28.92 -25.18 28.81
C GLU A 297 -28.00 -23.98 29.06
N LYS A 298 -26.69 -24.14 28.90
CA LYS A 298 -25.78 -23.03 29.13
C LYS A 298 -25.61 -22.19 27.88
N ALA A 299 -25.35 -20.92 28.08
CA ALA A 299 -25.16 -19.97 26.99
C ALA A 299 -23.71 -19.96 26.54
N PRO A 300 -23.45 -19.54 25.30
CA PRO A 300 -22.07 -19.43 24.85
C PRO A 300 -21.32 -18.35 25.62
N VAL A 301 -20.02 -18.58 25.80
CA VAL A 301 -19.14 -17.64 26.47
C VAL A 301 -18.40 -16.86 25.38
N TYR A 302 -18.67 -15.57 25.28
CA TYR A 302 -18.07 -14.73 24.25
C TYR A 302 -16.74 -14.21 24.79
N ALA A 303 -15.65 -14.57 24.12
CA ALA A 303 -14.30 -14.24 24.53
C ALA A 303 -13.63 -13.43 23.42
N GLU A 304 -12.33 -13.21 23.58
CA GLU A 304 -11.59 -12.39 22.62
C GLU A 304 -11.44 -13.13 21.30
N PHE A 305 -11.15 -12.35 20.25
CA PHE A 305 -10.94 -12.92 18.93
C PHE A 305 -9.67 -13.78 18.90
N ARG A 306 -9.66 -14.75 18.00
CA ARG A 306 -8.51 -15.61 17.80
C ARG A 306 -7.61 -15.00 16.74
N ALA A 307 -6.31 -14.94 17.03
CA ALA A 307 -5.37 -14.30 16.12
C ALA A 307 -5.46 -14.94 14.74
N GLY A 308 -5.54 -14.10 13.72
CA GLY A 308 -5.54 -14.59 12.36
C GLY A 308 -6.89 -15.01 11.82
N ASP A 309 -7.97 -14.78 12.55
CA ASP A 309 -9.28 -15.17 12.06
C ASP A 309 -9.80 -14.16 11.02
N VAL A 310 -10.11 -14.66 9.83
CA VAL A 310 -10.98 -13.92 8.92
C VAL A 310 -12.35 -13.85 9.55
N ARG A 311 -13.05 -12.73 9.37
CA ARG A 311 -14.35 -12.59 10.01
C ARG A 311 -15.49 -13.17 9.19
N HIS A 312 -15.40 -13.13 7.86
CA HIS A 312 -16.49 -13.61 7.01
C HIS A 312 -15.93 -14.41 5.85
N SER A 313 -16.52 -15.58 5.63
CA SER A 313 -16.13 -16.44 4.52
C SER A 313 -17.38 -17.03 3.88
N GLN A 314 -17.57 -16.75 2.60
CA GLN A 314 -18.62 -17.35 1.80
C GLN A 314 -18.02 -17.58 0.41
N ALA A 315 -18.33 -18.72 -0.19
CA ALA A 315 -17.67 -19.16 -1.41
C ALA A 315 -18.58 -19.04 -2.60
N ASP A 316 -18.02 -18.57 -3.71
CA ASP A 316 -18.67 -18.62 -5.01
C ASP A 316 -18.31 -19.97 -5.64
N ILE A 317 -19.29 -20.84 -5.79
CA ILE A 317 -19.07 -22.18 -6.34
C ILE A 317 -19.55 -22.27 -7.78
N GLY A 318 -19.71 -21.14 -8.47
CA GLY A 318 -20.17 -21.17 -9.84
C GLY A 318 -19.21 -21.90 -10.75
N LYS A 319 -17.90 -21.77 -10.49
CA LYS A 319 -16.92 -22.43 -11.33
C LYS A 319 -17.04 -23.94 -11.23
N ALA A 320 -17.20 -24.48 -10.01
CA ALA A 320 -17.35 -25.92 -9.86
C ALA A 320 -18.64 -26.41 -10.49
N GLY A 321 -19.72 -25.62 -10.37
CA GLY A 321 -20.96 -26.01 -11.01
C GLY A 321 -20.88 -26.02 -12.52
N LYS A 322 -20.24 -25.00 -13.09
CA LYS A 322 -20.21 -24.87 -14.54
C LYS A 322 -19.28 -25.89 -15.18
N LEU A 323 -18.11 -26.13 -14.59
CA LEU A 323 -17.10 -26.96 -15.23
C LEU A 323 -17.14 -28.42 -14.77
N LEU A 324 -17.65 -28.68 -13.57
CA LEU A 324 -17.67 -30.04 -13.03
C LEU A 324 -19.07 -30.61 -12.84
N GLY A 325 -20.11 -29.79 -12.90
CA GLY A 325 -21.44 -30.26 -12.58
C GLY A 325 -21.71 -30.38 -11.10
N TYR A 326 -20.99 -29.62 -10.28
CA TYR A 326 -21.09 -29.71 -8.83
C TYR A 326 -22.40 -29.10 -8.34
N GLU A 327 -23.27 -29.94 -7.80
CA GLU A 327 -24.53 -29.51 -7.17
C GLU A 327 -24.59 -30.08 -5.76
N PRO A 328 -24.05 -29.36 -4.77
CA PRO A 328 -24.09 -29.89 -3.40
C PRO A 328 -25.54 -30.09 -2.94
N ALA A 329 -25.77 -31.21 -2.26
CA ALA A 329 -27.10 -31.61 -1.84
C ALA A 329 -27.40 -31.24 -0.39
N TYR A 330 -26.38 -30.92 0.40
CA TYR A 330 -26.54 -30.70 1.83
C TYR A 330 -26.19 -29.26 2.18
N ASP A 331 -27.17 -28.53 2.72
CA ASP A 331 -26.87 -27.30 3.42
C ASP A 331 -26.36 -27.63 4.82
N ILE A 332 -26.04 -26.61 5.61
CA ILE A 332 -25.49 -26.85 6.93
C ILE A 332 -26.49 -27.61 7.80
N LEU A 333 -27.78 -27.23 7.73
CA LEU A 333 -28.76 -27.84 8.62
C LEU A 333 -28.96 -29.32 8.33
N ARG A 334 -29.07 -29.68 7.05
CA ARG A 334 -29.24 -31.09 6.70
C ARG A 334 -27.99 -31.90 7.05
N GLY A 335 -26.81 -31.31 6.85
CA GLY A 335 -25.58 -32.00 7.24
C GLY A 335 -25.49 -32.21 8.74
N LEU A 336 -25.90 -31.22 9.52
CA LEU A 336 -25.88 -31.35 10.98
C LEU A 336 -26.84 -32.44 11.44
N GLU A 337 -28.02 -32.52 10.82
CA GLU A 337 -28.98 -33.54 11.21
C GLU A 337 -28.40 -34.93 10.97
N ALA A 338 -27.68 -35.12 9.87
CA ALA A 338 -27.07 -36.40 9.57
C ALA A 338 -25.83 -36.68 10.42
N ALA A 339 -25.09 -35.64 10.79
CA ALA A 339 -23.80 -35.81 11.45
C ALA A 339 -23.91 -35.90 12.96
N MET A 340 -24.86 -35.19 13.55
CA MET A 340 -24.99 -35.19 15.01
C MET A 340 -25.15 -36.59 15.57
N PRO A 341 -25.96 -37.48 14.98
CA PRO A 341 -26.07 -38.84 15.53
C PRO A 341 -24.75 -39.57 15.59
N TRP A 342 -23.82 -39.31 14.66
CA TRP A 342 -22.53 -39.95 14.72
C TRP A 342 -21.78 -39.57 15.99
N TYR A 343 -21.88 -38.29 16.39
CA TYR A 343 -21.15 -37.82 17.56
C TYR A 343 -21.79 -38.29 18.86
N THR A 344 -23.12 -38.41 18.92
CA THR A 344 -23.74 -38.94 20.13
C THR A 344 -23.33 -40.39 20.35
N GLN A 345 -23.30 -41.18 19.27
CA GLN A 345 -22.86 -42.57 19.39
C GLN A 345 -21.37 -42.67 19.70
N PHE A 346 -20.56 -41.80 19.10
CA PHE A 346 -19.12 -41.90 19.25
C PHE A 346 -18.67 -41.42 20.63
N LEU A 347 -19.33 -40.39 21.16
CA LEU A 347 -18.95 -39.77 22.42
C LEU A 347 -19.78 -40.27 23.61
N ARG A 348 -20.47 -41.40 23.45
CA ARG A 348 -21.31 -41.92 24.52
C ARG A 348 -20.52 -42.86 25.44
N THR B 9 -41.25 8.14 -12.25
CA THR B 9 -41.49 9.58 -12.37
C THR B 9 -40.28 10.37 -11.89
N ASN B 10 -40.05 10.34 -10.57
CA ASN B 10 -38.87 10.99 -10.00
C ASN B 10 -37.61 10.35 -10.56
N ARG B 11 -36.58 11.17 -10.79
CA ARG B 11 -35.33 10.64 -11.32
C ARG B 11 -34.75 9.61 -10.35
N PHE B 12 -34.95 9.80 -9.04
CA PHE B 12 -34.44 8.85 -8.07
C PHE B 12 -35.13 7.49 -8.20
N GLU B 13 -36.44 7.50 -8.45
CA GLU B 13 -37.15 6.23 -8.64
C GLU B 13 -36.60 5.49 -9.85
N THR B 14 -36.38 6.21 -10.95
CA THR B 14 -35.81 5.59 -12.14
C THR B 14 -34.41 5.04 -11.85
N THR B 15 -33.62 5.79 -11.09
CA THR B 15 -32.26 5.36 -10.78
C THR B 15 -32.26 4.08 -9.97
N CYS B 16 -33.17 3.97 -8.99
CA CYS B 16 -33.20 2.77 -8.15
C CYS B 16 -33.57 1.54 -8.96
N ALA B 17 -34.55 1.66 -9.86
CA ALA B 17 -34.95 0.53 -10.69
C ALA B 17 -33.82 0.10 -11.62
N GLN B 18 -33.11 1.07 -12.20
CA GLN B 18 -31.99 0.72 -13.08
C GLN B 18 -30.89 0.01 -12.30
N LEU B 19 -30.64 0.43 -11.06
CA LEU B 19 -29.60 -0.21 -10.28
C LEU B 19 -29.97 -1.65 -9.91
N ARG B 20 -31.23 -1.89 -9.54
CA ARG B 20 -31.66 -3.24 -9.20
C ARG B 20 -31.52 -4.17 -10.39
N ALA B 21 -31.88 -3.69 -11.59
CA ALA B 21 -31.77 -4.51 -12.78
C ALA B 21 -30.33 -4.61 -13.27
N GLN B 22 -29.49 -3.62 -12.98
CA GLN B 22 -28.12 -3.55 -13.45
C GLN B 22 -27.20 -3.18 -12.30
N PRO B 23 -26.98 -4.12 -11.38
CA PRO B 23 -26.21 -3.81 -10.16
C PRO B 23 -24.79 -3.34 -10.48
N GLN B 24 -24.35 -2.33 -9.75
CA GLN B 24 -22.97 -1.87 -9.75
C GLN B 24 -22.28 -2.37 -8.47
N LYS B 25 -20.96 -2.24 -8.44
CA LYS B 25 -20.19 -2.43 -7.22
C LYS B 25 -19.77 -1.06 -6.70
N TRP B 26 -20.06 -0.80 -5.44
CA TRP B 26 -19.84 0.51 -4.84
C TRP B 26 -18.76 0.42 -3.78
N LEU B 27 -18.24 1.58 -3.41
CA LEU B 27 -17.37 1.74 -2.25
C LEU B 27 -17.93 2.90 -1.44
N VAL B 28 -18.16 2.68 -0.15
CA VAL B 28 -18.60 3.72 0.76
C VAL B 28 -17.53 3.83 1.83
N THR B 29 -16.79 4.94 1.83
CA THR B 29 -15.85 5.23 2.89
C THR B 29 -16.59 5.98 3.99
N GLY B 30 -16.18 5.73 5.23
CA GLY B 30 -16.97 6.18 6.35
C GLY B 30 -18.28 5.44 6.50
N CYS B 31 -18.32 4.18 6.04
CA CYS B 31 -19.56 3.41 6.04
C CYS B 31 -20.08 3.11 7.44
N ALA B 32 -19.23 3.16 8.44
CA ALA B 32 -19.63 2.93 9.82
C ALA B 32 -20.18 4.19 10.50
N GLY B 33 -20.25 5.30 9.78
CA GLY B 33 -20.69 6.56 10.35
C GLY B 33 -22.15 6.85 10.02
N PHE B 34 -22.54 8.09 10.32
CA PHE B 34 -23.94 8.51 10.18
C PHE B 34 -24.41 8.41 8.74
N ILE B 35 -23.86 9.26 7.86
CA ILE B 35 -24.31 9.26 6.47
C ILE B 35 -23.87 7.98 5.76
N GLY B 36 -22.66 7.50 6.08
CA GLY B 36 -22.15 6.32 5.40
C GLY B 36 -23.01 5.09 5.59
N SER B 37 -23.48 4.86 6.82
CA SER B 37 -24.30 3.69 7.08
C SER B 37 -25.69 3.83 6.47
N ASN B 38 -26.19 5.06 6.34
CA ASN B 38 -27.45 5.28 5.63
C ASN B 38 -27.31 5.00 4.15
N LEU B 39 -26.18 5.39 3.55
CA LEU B 39 -25.90 5.02 2.17
C LEU B 39 -25.76 3.51 2.02
N LEU B 40 -25.08 2.87 2.98
CA LEU B 40 -24.89 1.42 2.90
C LEU B 40 -26.21 0.68 2.93
N GLU B 41 -27.11 1.08 3.82
CA GLU B 41 -28.41 0.40 3.91
C GLU B 41 -29.19 0.55 2.61
N THR B 42 -29.19 1.75 2.03
CA THR B 42 -29.94 1.98 0.80
C THR B 42 -29.36 1.18 -0.35
N LEU B 43 -28.03 1.15 -0.47
CA LEU B 43 -27.40 0.44 -1.58
C LEU B 43 -27.65 -1.06 -1.50
N LEU B 44 -27.47 -1.64 -0.30
CA LEU B 44 -27.74 -3.06 -0.12
C LEU B 44 -29.21 -3.40 -0.33
N GLY B 45 -30.11 -2.47 0.03
CA GLY B 45 -31.53 -2.66 -0.25
C GLY B 45 -31.88 -2.59 -1.71
N LEU B 46 -30.96 -2.11 -2.54
CA LEU B 46 -31.09 -2.12 -3.99
C LEU B 46 -30.33 -3.30 -4.61
N ASP B 47 -29.88 -4.24 -3.78
CA ASP B 47 -29.19 -5.45 -4.22
C ASP B 47 -27.83 -5.15 -4.84
N GLN B 48 -27.17 -4.09 -4.37
CA GLN B 48 -25.84 -3.74 -4.85
C GLN B 48 -24.77 -4.47 -4.04
N ALA B 49 -23.63 -4.71 -4.68
CA ALA B 49 -22.43 -5.12 -3.96
C ALA B 49 -21.73 -3.87 -3.45
N VAL B 50 -21.31 -3.88 -2.19
CA VAL B 50 -20.76 -2.70 -1.54
C VAL B 50 -19.50 -3.09 -0.79
N VAL B 51 -18.45 -2.28 -0.96
CA VAL B 51 -17.22 -2.37 -0.18
C VAL B 51 -17.22 -1.19 0.79
N GLY B 52 -16.71 -1.42 1.99
CA GLY B 52 -16.65 -0.40 3.01
C GLY B 52 -15.23 -0.19 3.48
N LEU B 53 -14.92 1.05 3.83
CA LEU B 53 -13.63 1.40 4.41
C LEU B 53 -13.89 2.34 5.57
N ASP B 54 -13.41 1.99 6.75
CA ASP B 54 -13.63 2.82 7.94
C ASP B 54 -12.64 2.41 9.02
N ASN B 55 -12.16 3.38 9.78
CA ASN B 55 -11.23 3.13 10.87
C ASN B 55 -11.87 3.32 12.25
N PHE B 56 -13.17 3.59 12.30
CA PHE B 56 -13.91 3.74 13.56
C PHE B 56 -13.38 4.88 14.42
N ALA B 57 -12.84 5.92 13.78
CA ALA B 57 -12.43 7.11 14.53
C ALA B 57 -13.63 7.81 15.16
N THR B 58 -14.73 7.92 14.41
CA THR B 58 -15.97 8.49 14.91
C THR B 58 -17.18 7.61 14.61
N GLY B 59 -17.06 6.62 13.73
CA GLY B 59 -18.12 5.67 13.50
C GLY B 59 -18.12 4.55 14.52
N HIS B 60 -19.12 3.69 14.42
CA HIS B 60 -19.32 2.65 15.42
C HIS B 60 -19.65 1.32 14.75
N GLN B 61 -19.16 0.24 15.36
CA GLN B 61 -19.53 -1.09 14.90
C GLN B 61 -21.04 -1.30 14.95
N HIS B 62 -21.71 -0.71 15.94
CA HIS B 62 -23.15 -0.93 16.09
C HIS B 62 -23.96 -0.30 14.95
N ASN B 63 -23.41 0.72 14.27
CA ASN B 63 -24.06 1.22 13.06
C ASN B 63 -24.06 0.16 11.97
N LEU B 64 -22.95 -0.56 11.82
CA LEU B 64 -22.91 -1.64 10.83
C LEU B 64 -23.88 -2.77 11.22
N ASP B 65 -23.94 -3.10 12.52
CA ASP B 65 -24.83 -4.17 12.95
C ASP B 65 -26.30 -3.80 12.72
N GLU B 66 -26.65 -2.53 12.93
CA GLU B 66 -28.01 -2.11 12.68
C GLU B 66 -28.38 -2.26 11.20
N VAL B 67 -27.44 -1.92 10.31
CA VAL B 67 -27.68 -2.11 8.88
C VAL B 67 -27.92 -3.58 8.57
N ARG B 68 -27.15 -4.47 9.18
CA ARG B 68 -27.33 -5.90 8.92
C ARG B 68 -28.72 -6.36 9.33
N ALA B 69 -29.23 -5.86 10.47
CA ALA B 69 -30.55 -6.26 10.93
C ALA B 69 -31.65 -5.76 9.99
N ALA B 70 -31.40 -4.67 9.26
CA ALA B 70 -32.42 -4.07 8.41
C ALA B 70 -32.50 -4.70 7.02
N VAL B 71 -31.38 -5.20 6.50
CA VAL B 71 -31.34 -5.77 5.16
C VAL B 71 -31.49 -7.29 5.27
N THR B 72 -31.83 -7.91 4.15
CA THR B 72 -31.94 -9.36 4.10
C THR B 72 -30.55 -9.98 4.20
N PRO B 73 -30.45 -11.24 4.65
CA PRO B 73 -29.12 -11.87 4.76
C PRO B 73 -28.38 -11.96 3.41
N GLU B 74 -29.09 -12.19 2.31
CA GLU B 74 -28.45 -12.24 0.99
C GLU B 74 -27.86 -10.89 0.63
N GLN B 75 -28.59 -9.81 0.94
CA GLN B 75 -28.07 -8.48 0.63
C GLN B 75 -26.83 -8.19 1.46
N TRP B 76 -26.82 -8.63 2.73
CA TRP B 76 -25.66 -8.43 3.58
C TRP B 76 -24.46 -9.24 3.10
N ALA B 77 -24.71 -10.38 2.45
CA ALA B 77 -23.62 -11.19 1.94
C ALA B 77 -22.84 -10.46 0.84
N ARG B 78 -23.42 -9.43 0.25
CA ARG B 78 -22.76 -8.65 -0.79
C ARG B 78 -21.96 -7.49 -0.20
N PHE B 79 -21.83 -7.42 1.11
CA PHE B 79 -21.13 -6.33 1.79
C PHE B 79 -19.80 -6.84 2.29
N THR B 80 -18.71 -6.23 1.82
CA THR B 80 -17.37 -6.47 2.31
C THR B 80 -16.90 -5.24 3.07
N PHE B 81 -16.49 -5.42 4.31
CA PHE B 81 -16.00 -4.33 5.14
C PHE B 81 -14.50 -4.43 5.32
N ILE B 82 -13.82 -3.29 5.17
CA ILE B 82 -12.38 -3.18 5.33
C ILE B 82 -12.14 -2.16 6.44
N GLU B 83 -11.59 -2.61 7.57
CA GLU B 83 -11.17 -1.69 8.61
C GLU B 83 -9.81 -1.13 8.21
N GLY B 84 -9.79 0.15 7.86
CA GLY B 84 -8.58 0.76 7.34
C GLY B 84 -8.70 2.28 7.37
N ASP B 85 -7.56 2.91 7.14
CA ASP B 85 -7.41 4.35 7.25
C ASP B 85 -7.17 4.94 5.86
N ILE B 86 -7.94 5.97 5.51
CA ILE B 86 -7.77 6.60 4.21
C ILE B 86 -6.46 7.37 4.12
N ARG B 87 -5.81 7.67 5.25
CA ARG B 87 -4.49 8.27 5.23
C ARG B 87 -3.42 7.30 4.73
N ASP B 88 -3.70 6.01 4.72
CA ASP B 88 -2.80 4.98 4.19
C ASP B 88 -3.23 4.69 2.76
N LEU B 89 -2.40 5.08 1.80
CA LEU B 89 -2.79 4.94 0.40
C LEU B 89 -3.04 3.49 0.02
N ALA B 90 -2.26 2.57 0.60
CA ALA B 90 -2.48 1.15 0.30
C ALA B 90 -3.89 0.71 0.69
N ALA B 91 -4.43 1.27 1.76
CA ALA B 91 -5.81 0.95 2.13
C ALA B 91 -6.79 1.45 1.07
N CYS B 92 -6.59 2.67 0.56
CA CYS B 92 -7.48 3.21 -0.46
C CYS B 92 -7.42 2.38 -1.74
N GLN B 93 -6.22 1.99 -2.15
CA GLN B 93 -6.07 1.21 -3.38
C GLN B 93 -6.77 -0.14 -3.25
N ARG B 94 -6.66 -0.78 -2.09
CA ARG B 94 -7.37 -2.04 -1.88
C ARG B 94 -8.88 -1.84 -1.95
N ALA B 95 -9.37 -0.72 -1.41
CA ALA B 95 -10.81 -0.52 -1.29
C ALA B 95 -11.46 -0.25 -2.64
N VAL B 96 -10.77 0.47 -3.54
CA VAL B 96 -11.37 0.88 -4.80
C VAL B 96 -11.22 -0.16 -5.91
N GLN B 97 -10.53 -1.26 -5.65
CA GLN B 97 -10.28 -2.23 -6.72
C GLN B 97 -11.58 -2.90 -7.14
N GLY B 98 -11.80 -2.99 -8.45
CA GLY B 98 -13.01 -3.57 -8.97
C GLY B 98 -14.27 -2.79 -8.71
N VAL B 99 -14.14 -1.53 -8.30
CA VAL B 99 -15.29 -0.72 -7.90
C VAL B 99 -15.67 0.18 -9.07
N ASP B 100 -16.99 0.37 -9.25
CA ASP B 100 -17.53 1.24 -10.27
C ASP B 100 -17.90 2.62 -9.75
N ARG B 101 -18.41 2.70 -8.52
CA ARG B 101 -18.91 3.95 -7.97
C ARG B 101 -18.34 4.14 -6.57
N VAL B 102 -17.77 5.31 -6.31
CA VAL B 102 -17.22 5.65 -5.00
C VAL B 102 -18.05 6.75 -4.37
N LEU B 103 -18.47 6.53 -3.13
CA LEU B 103 -19.15 7.53 -2.31
C LEU B 103 -18.25 7.77 -1.10
N HIS B 104 -17.45 8.83 -1.16
CA HIS B 104 -16.45 9.12 -0.14
C HIS B 104 -17.08 9.98 0.96
N GLN B 105 -17.24 9.40 2.15
CA GLN B 105 -17.73 10.12 3.30
C GLN B 105 -16.73 10.19 4.46
N ALA B 106 -15.68 9.37 4.44
CA ALA B 106 -14.74 9.33 5.56
C ALA B 106 -14.11 10.70 5.76
N ALA B 107 -14.23 11.22 6.98
CA ALA B 107 -13.69 12.52 7.32
C ALA B 107 -13.87 12.74 8.82
N LEU B 108 -13.37 13.88 9.30
CA LEU B 108 -13.59 14.34 10.67
C LEU B 108 -14.34 15.66 10.59
N GLY B 109 -15.63 15.64 10.92
CA GLY B 109 -16.43 16.84 10.92
C GLY B 109 -16.12 17.71 12.11
N SER B 110 -17.12 18.45 12.61
CA SER B 110 -16.95 19.24 13.81
C SER B 110 -15.90 20.34 13.69
N VAL B 111 -16.27 21.44 13.04
CA VAL B 111 -15.48 22.67 13.10
C VAL B 111 -14.82 22.85 14.47
N PRO B 112 -15.55 22.74 15.59
CA PRO B 112 -14.87 22.87 16.88
C PRO B 112 -13.72 21.89 17.08
N ARG B 113 -13.87 20.65 16.61
CA ARG B 113 -12.77 19.70 16.71
C ARG B 113 -11.55 20.18 15.95
N SER B 114 -11.75 20.72 14.75
CA SER B 114 -10.63 21.16 13.93
C SER B 114 -9.92 22.36 14.56
N LEU B 115 -10.65 23.20 15.31
CA LEU B 115 -10.00 24.34 15.97
C LEU B 115 -9.08 23.88 17.09
N LYS B 116 -9.45 22.83 17.82
CA LYS B 116 -8.57 22.32 18.85
C LYS B 116 -7.37 21.59 18.25
N ASP B 117 -7.59 20.81 17.20
CA ASP B 117 -6.56 19.95 16.60
C ASP B 117 -6.63 20.08 15.09
N PRO B 118 -6.19 21.21 14.54
CA PRO B 118 -6.25 21.38 13.08
C PRO B 118 -5.41 20.37 12.31
N ILE B 119 -4.31 19.90 12.89
CA ILE B 119 -3.41 19.02 12.15
C ILE B 119 -4.07 17.69 11.83
N THR B 120 -4.69 17.06 12.84
CA THR B 120 -5.33 15.77 12.60
C THR B 120 -6.48 15.89 11.61
N THR B 121 -7.27 16.96 11.72
CA THR B 121 -8.35 17.18 10.77
C THR B 121 -7.79 17.39 9.37
N ASN B 122 -6.66 18.09 9.25
CA ASN B 122 -6.05 18.30 7.94
C ASN B 122 -5.55 16.99 7.33
N GLU B 123 -4.93 16.14 8.13
CA GLU B 123 -4.37 14.91 7.59
C GLU B 123 -5.47 14.02 7.02
N VAL B 124 -6.60 13.91 7.71
CA VAL B 124 -7.68 13.04 7.26
C VAL B 124 -8.44 13.67 6.10
N ASN B 125 -8.82 14.94 6.24
CA ASN B 125 -9.75 15.54 5.29
C ASN B 125 -9.07 16.00 4.01
N ILE B 126 -7.81 16.40 4.07
CA ILE B 126 -7.07 16.76 2.87
C ILE B 126 -6.21 15.57 2.43
N GLY B 127 -5.32 15.13 3.30
CA GLY B 127 -4.46 14.01 2.94
C GLY B 127 -5.25 12.75 2.61
N GLY B 128 -6.22 12.42 3.47
CA GLY B 128 -7.03 11.24 3.22
C GLY B 128 -7.87 11.35 1.97
N PHE B 129 -8.46 12.53 1.74
CA PHE B 129 -9.23 12.73 0.52
C PHE B 129 -8.35 12.57 -0.72
N LEU B 130 -7.13 13.11 -0.68
CA LEU B 130 -6.25 13.03 -1.84
C LEU B 130 -5.85 11.59 -2.12
N ASN B 131 -5.65 10.78 -1.08
CA ASN B 131 -5.36 9.37 -1.28
C ASN B 131 -6.52 8.67 -1.99
N MET B 132 -7.76 8.97 -1.58
CA MET B 132 -8.91 8.36 -2.23
C MET B 132 -9.06 8.86 -3.66
N LEU B 133 -8.80 10.14 -3.89
CA LEU B 133 -8.94 10.69 -5.24
C LEU B 133 -7.94 10.05 -6.20
N VAL B 134 -6.70 9.86 -5.74
CA VAL B 134 -5.68 9.24 -6.60
C VAL B 134 -5.99 7.76 -6.81
N ALA B 135 -6.38 7.06 -5.76
CA ALA B 135 -6.67 5.63 -5.89
C ALA B 135 -7.85 5.39 -6.83
N ALA B 136 -8.90 6.21 -6.72
CA ALA B 136 -10.05 6.04 -7.59
C ALA B 136 -9.69 6.36 -9.03
N ARG B 137 -8.87 7.39 -9.24
CA ARG B 137 -8.43 7.72 -10.59
C ARG B 137 -7.67 6.55 -11.21
N ASP B 138 -6.76 5.95 -10.44
CA ASP B 138 -5.92 4.87 -10.97
C ASP B 138 -6.74 3.62 -11.25
N ALA B 139 -7.73 3.33 -10.41
CA ALA B 139 -8.61 2.18 -10.60
C ALA B 139 -9.64 2.40 -11.70
N GLN B 140 -9.77 3.63 -12.20
CA GLN B 140 -10.69 3.95 -13.29
C GLN B 140 -12.13 3.61 -12.92
N VAL B 141 -12.58 4.20 -11.80
CA VAL B 141 -13.97 4.08 -11.41
C VAL B 141 -14.84 4.93 -12.33
N GLN B 142 -16.11 4.55 -12.42
CA GLN B 142 -17.07 5.28 -13.25
C GLN B 142 -17.49 6.61 -12.62
N ALA B 143 -17.42 6.71 -11.29
CA ALA B 143 -17.91 7.91 -10.62
C ALA B 143 -17.22 8.06 -9.28
N PHE B 144 -17.06 9.32 -8.86
CA PHE B 144 -16.43 9.65 -7.57
C PHE B 144 -17.23 10.80 -6.97
N VAL B 145 -18.11 10.48 -6.04
CA VAL B 145 -18.90 11.47 -5.31
C VAL B 145 -18.31 11.62 -3.93
N TYR B 146 -18.00 12.84 -3.53
CA TYR B 146 -17.36 13.12 -2.25
C TYR B 146 -18.19 14.11 -1.46
N ALA B 147 -18.10 13.99 -0.14
CA ALA B 147 -18.83 14.86 0.77
C ALA B 147 -18.11 16.21 0.86
N ALA B 148 -18.76 17.26 0.38
CA ALA B 148 -18.35 18.63 0.60
C ALA B 148 -19.16 19.20 1.76
N SER B 149 -18.99 20.49 2.04
CA SER B 149 -19.66 21.10 3.19
C SER B 149 -20.15 22.49 2.83
N SER B 150 -21.30 22.84 3.41
CA SER B 150 -21.83 24.19 3.30
C SER B 150 -20.96 25.22 4.02
N SER B 151 -20.01 24.78 4.85
CA SER B 151 -19.07 25.71 5.47
C SER B 151 -18.20 26.39 4.42
N THR B 152 -18.14 25.83 3.21
CA THR B 152 -17.35 26.44 2.14
C THR B 152 -17.87 27.82 1.77
N TYR B 153 -19.12 28.14 2.12
CA TYR B 153 -19.63 29.48 1.86
C TYR B 153 -19.05 30.52 2.82
N GLY B 154 -18.60 30.10 4.00
CA GLY B 154 -17.87 31.01 4.87
C GLY B 154 -18.69 32.25 5.22
N ASP B 155 -18.10 33.41 4.99
CA ASP B 155 -18.68 34.69 5.36
C ASP B 155 -19.51 35.34 4.26
N HIS B 156 -19.69 34.68 3.12
CA HIS B 156 -20.49 35.28 2.05
C HIS B 156 -21.90 35.54 2.58
N PRO B 157 -22.44 36.76 2.41
CA PRO B 157 -23.70 37.09 3.08
C PRO B 157 -24.96 36.64 2.34
N ASP B 158 -24.88 36.52 1.01
CA ASP B 158 -26.07 36.30 0.22
C ASP B 158 -26.80 35.02 0.65
N LEU B 159 -28.11 35.11 0.74
CA LEU B 159 -28.96 33.97 1.01
C LEU B 159 -30.16 33.99 0.06
N PRO B 160 -30.52 32.83 -0.50
CA PRO B 160 -29.93 31.50 -0.29
C PRO B 160 -28.55 31.38 -0.93
N LYS B 161 -27.82 30.35 -0.56
CA LYS B 161 -26.45 30.15 -1.00
C LYS B 161 -26.45 29.44 -2.35
N VAL B 162 -25.80 30.05 -3.34
CA VAL B 162 -25.68 29.47 -4.67
C VAL B 162 -24.26 28.95 -4.84
N GLU B 163 -24.13 27.88 -5.62
CA GLU B 163 -22.87 27.15 -5.68
C GLU B 163 -21.72 28.02 -6.19
N GLU B 164 -22.00 28.92 -7.13
CA GLU B 164 -20.92 29.67 -7.77
C GLU B 164 -20.44 30.88 -6.97
N ARG B 165 -21.11 31.26 -5.89
CA ARG B 165 -20.72 32.40 -5.08
C ARG B 165 -20.40 31.92 -3.66
N ILE B 166 -19.12 31.90 -3.32
CA ILE B 166 -18.67 31.46 -2.00
C ILE B 166 -17.91 32.58 -1.32
N GLY B 167 -17.47 32.33 -0.08
CA GLY B 167 -16.72 33.30 0.68
C GLY B 167 -15.45 32.71 1.26
N ASN B 168 -14.85 33.39 2.21
CA ASN B 168 -13.59 32.93 2.78
C ASN B 168 -13.86 31.85 3.84
N PRO B 169 -13.08 30.76 3.86
CA PRO B 169 -13.26 29.77 4.92
C PRO B 169 -13.03 30.39 6.29
N LEU B 170 -13.80 29.94 7.27
CA LEU B 170 -13.78 30.53 8.60
C LEU B 170 -13.25 29.59 9.67
N SER B 171 -12.88 28.36 9.31
CA SER B 171 -12.35 27.41 10.27
C SER B 171 -11.42 26.47 9.53
N PRO B 172 -10.51 25.80 10.27
CA PRO B 172 -9.66 24.80 9.59
C PRO B 172 -10.46 23.73 8.89
N TYR B 173 -11.58 23.29 9.47
CA TYR B 173 -12.42 22.29 8.83
C TYR B 173 -12.95 22.80 7.50
N ALA B 174 -13.44 24.04 7.48
CA ALA B 174 -13.96 24.60 6.24
C ALA B 174 -12.86 24.67 5.17
N VAL B 175 -11.61 24.87 5.58
CA VAL B 175 -10.51 24.87 4.62
C VAL B 175 -10.40 23.50 3.95
N THR B 176 -10.44 22.43 4.75
CA THR B 176 -10.24 21.09 4.18
C THR B 176 -11.35 20.75 3.19
N LYS B 177 -12.60 21.06 3.53
CA LYS B 177 -13.70 20.73 2.63
C LYS B 177 -13.63 21.56 1.35
N TYR B 178 -13.18 22.82 1.46
CA TYR B 178 -12.96 23.62 0.25
C TYR B 178 -11.84 23.02 -0.60
N VAL B 179 -10.78 22.54 0.05
CA VAL B 179 -9.65 21.99 -0.69
C VAL B 179 -10.03 20.69 -1.39
N ASN B 180 -10.99 19.94 -0.85
CA ASN B 180 -11.48 18.76 -1.56
C ASN B 180 -12.03 19.15 -2.92
N GLU B 181 -12.79 20.25 -2.98
CA GLU B 181 -13.30 20.73 -4.26
C GLU B 181 -12.18 21.22 -5.16
N LEU B 182 -11.17 21.89 -4.60
CA LEU B 182 -10.08 22.39 -5.41
C LEU B 182 -9.31 21.25 -6.07
N TYR B 183 -9.04 20.19 -5.32
CA TYR B 183 -8.33 19.04 -5.88
C TYR B 183 -9.20 18.32 -6.91
N ALA B 184 -10.51 18.25 -6.66
CA ALA B 184 -11.41 17.63 -7.64
C ALA B 184 -11.40 18.40 -8.95
N ASP B 185 -11.42 19.74 -8.87
CA ASP B 185 -11.37 20.55 -10.08
C ASP B 185 -10.04 20.38 -10.81
N VAL B 186 -8.93 20.32 -10.06
CA VAL B 186 -7.62 20.19 -10.69
C VAL B 186 -7.48 18.81 -11.33
N PHE B 187 -8.03 17.77 -10.70
CA PHE B 187 -7.95 16.43 -11.28
C PHE B 187 -8.80 16.32 -12.54
N ALA B 188 -9.91 17.05 -12.62
CA ALA B 188 -10.67 17.10 -13.86
C ALA B 188 -9.88 17.79 -14.96
N ARG B 189 -9.18 18.88 -14.62
CA ARG B 189 -8.40 19.60 -15.61
C ARG B 189 -7.21 18.79 -16.11
N SER B 190 -6.44 18.21 -15.18
CA SER B 190 -5.13 17.66 -15.52
C SER B 190 -5.22 16.24 -16.06
N TYR B 191 -6.11 15.42 -15.50
CA TYR B 191 -6.20 14.02 -15.87
C TYR B 191 -7.52 13.65 -16.52
N GLY B 192 -8.45 14.58 -16.62
CA GLY B 192 -9.76 14.27 -17.16
C GLY B 192 -10.62 13.43 -16.26
N PHE B 193 -10.31 13.39 -14.96
CA PHE B 193 -11.09 12.61 -13.99
C PHE B 193 -12.18 13.49 -13.43
N SER B 194 -13.44 13.12 -13.68
CA SER B 194 -14.58 13.89 -13.21
C SER B 194 -15.09 13.35 -11.88
N SER B 195 -15.72 14.24 -11.11
CA SER B 195 -16.25 13.88 -9.80
C SER B 195 -17.36 14.84 -9.43
N VAL B 196 -18.14 14.46 -8.42
CA VAL B 196 -19.26 15.27 -7.93
C VAL B 196 -19.03 15.56 -6.46
N GLY B 197 -19.06 16.84 -6.09
CA GLY B 197 -19.02 17.25 -4.70
C GLY B 197 -20.41 17.63 -4.23
N LEU B 198 -20.77 17.18 -3.03
CA LEU B 198 -22.07 17.45 -2.43
C LEU B 198 -21.87 18.27 -1.17
N ARG B 199 -22.18 19.56 -1.25
CA ARG B 199 -22.16 20.45 -0.09
C ARG B 199 -23.37 20.17 0.78
N TYR B 200 -23.19 19.33 1.80
CA TYR B 200 -24.26 19.04 2.73
C TYR B 200 -24.58 20.26 3.58
N PHE B 201 -25.87 20.41 3.91
CA PHE B 201 -26.36 21.43 4.83
C PHE B 201 -26.98 20.74 6.04
N ASN B 202 -26.23 20.66 7.15
CA ASN B 202 -26.77 20.27 8.44
C ASN B 202 -27.63 19.02 8.34
N VAL B 203 -27.01 17.92 7.95
CA VAL B 203 -27.73 16.67 7.76
C VAL B 203 -28.02 16.04 9.11
N PHE B 204 -29.21 15.46 9.23
CA PHE B 204 -29.65 14.83 10.48
C PHE B 204 -30.47 13.59 10.14
N GLY B 205 -30.57 12.70 11.11
CA GLY B 205 -31.35 11.49 10.94
C GLY B 205 -30.79 10.38 11.83
N LYS B 206 -31.30 9.18 11.57
CA LYS B 206 -30.92 8.04 12.40
C LYS B 206 -29.42 7.79 12.30
N ARG B 207 -28.83 7.42 13.43
CA ARG B 207 -27.42 7.03 13.54
C ARG B 207 -26.47 8.22 13.46
N GLN B 208 -26.96 9.45 13.59
CA GLN B 208 -26.08 10.58 13.85
C GLN B 208 -25.76 10.57 15.35
N ASP B 209 -24.48 10.44 15.66
CA ASP B 209 -24.04 10.12 17.02
C ASP B 209 -24.48 11.20 18.00
N PRO B 210 -25.24 10.86 19.06
CA PRO B 210 -25.56 11.87 20.09
C PRO B 210 -24.49 11.94 21.16
N ASP B 211 -23.72 10.86 21.30
CA ASP B 211 -22.66 10.77 22.30
C ASP B 211 -21.35 11.28 21.71
N GLY B 212 -20.79 12.30 22.34
CA GLY B 212 -19.53 12.86 21.91
C GLY B 212 -19.43 14.32 22.31
N ALA B 213 -18.20 14.78 22.48
CA ALA B 213 -17.99 16.20 22.76
C ALA B 213 -18.34 17.08 21.57
N TYR B 214 -18.45 16.49 20.38
CA TYR B 214 -18.65 17.25 19.15
C TYR B 214 -19.96 16.87 18.45
N ALA B 215 -20.97 16.49 19.22
CA ALA B 215 -22.23 16.05 18.63
C ALA B 215 -22.95 17.21 17.96
N ALA B 216 -23.62 16.91 16.85
CA ALA B 216 -24.43 17.91 16.16
C ALA B 216 -25.60 18.33 17.04
N VAL B 217 -26.23 19.44 16.66
CA VAL B 217 -27.23 20.05 17.54
C VAL B 217 -28.44 19.15 17.73
N ILE B 218 -28.96 18.56 16.65
CA ILE B 218 -30.15 17.72 16.77
C ILE B 218 -29.88 16.49 17.63
N PRO B 219 -28.86 15.67 17.37
CA PRO B 219 -28.61 14.53 18.26
C PRO B 219 -28.35 14.94 19.69
N LYS B 220 -27.67 16.07 19.90
CA LYS B 220 -27.32 16.49 21.25
C LYS B 220 -28.56 16.93 22.03
N TRP B 221 -29.36 17.82 21.43
CA TRP B 221 -30.57 18.28 22.11
C TRP B 221 -31.55 17.14 22.32
N THR B 222 -31.66 16.25 21.33
CA THR B 222 -32.60 15.13 21.44
C THR B 222 -32.22 14.23 22.62
N ALA B 223 -30.93 13.90 22.73
CA ALA B 223 -30.49 13.08 23.85
C ALA B 223 -30.69 13.80 25.18
N ALA B 224 -30.36 15.09 25.23
CA ALA B 224 -30.53 15.84 26.47
C ALA B 224 -31.99 15.87 26.89
N MET B 225 -32.89 16.11 25.94
CA MET B 225 -34.31 16.18 26.27
C MET B 225 -34.84 14.83 26.73
N ILE B 226 -34.38 13.75 26.09
CA ILE B 226 -34.77 12.41 26.53
C ILE B 226 -34.29 12.15 27.95
N LYS B 227 -33.10 12.64 28.29
CA LYS B 227 -32.54 12.47 29.62
C LYS B 227 -32.98 13.57 30.59
N GLY B 228 -33.73 14.57 30.10
CA GLY B 228 -34.19 15.63 30.96
C GLY B 228 -33.12 16.59 31.42
N GLU B 229 -32.03 16.70 30.69
CA GLU B 229 -30.94 17.62 31.02
C GLU B 229 -31.19 18.98 30.38
N ASP B 230 -30.37 19.95 30.77
CA ASP B 230 -30.48 21.29 30.21
C ASP B 230 -30.13 21.28 28.73
N VAL B 231 -30.82 22.14 27.98
CA VAL B 231 -30.55 22.36 26.56
C VAL B 231 -30.06 23.79 26.40
N VAL B 232 -28.94 23.96 25.72
CA VAL B 232 -28.28 25.25 25.60
C VAL B 232 -28.35 25.71 24.15
N ILE B 233 -28.71 26.97 23.95
CA ILE B 233 -28.70 27.61 22.65
C ILE B 233 -27.51 28.56 22.60
N ASN B 234 -26.63 28.36 21.62
CA ASN B 234 -25.43 29.18 21.48
C ASN B 234 -25.82 30.46 20.76
N GLY B 235 -26.16 31.49 21.54
CA GLY B 235 -26.50 32.79 21.01
C GLY B 235 -27.91 33.20 21.37
N ASP B 236 -28.51 33.99 20.49
CA ASP B 236 -29.85 34.54 20.69
C ASP B 236 -30.96 33.63 20.17
N GLY B 237 -30.63 32.53 19.51
CA GLY B 237 -31.65 31.65 18.98
C GLY B 237 -32.16 32.01 17.61
N GLN B 238 -31.74 33.15 17.07
CA GLN B 238 -32.14 33.55 15.73
C GLN B 238 -31.29 32.85 14.66
N THR B 239 -30.19 32.23 15.07
CA THR B 239 -29.36 31.45 14.16
C THR B 239 -30.19 30.36 13.49
N SER B 240 -30.20 30.36 12.16
CA SER B 240 -31.03 29.44 11.39
C SER B 240 -30.13 28.53 10.56
N ARG B 241 -30.68 27.38 10.19
CA ARG B 241 -29.98 26.40 9.38
C ARG B 241 -30.97 25.76 8.42
N ASP B 242 -30.43 25.18 7.35
CA ASP B 242 -31.21 24.42 6.38
C ASP B 242 -30.97 22.94 6.69
N PHE B 243 -31.72 22.44 7.67
CA PHE B 243 -31.55 21.06 8.11
C PHE B 243 -32.06 20.11 7.04
N CYS B 244 -31.22 19.13 6.70
CA CYS B 244 -31.47 18.20 5.59
C CYS B 244 -31.58 16.79 6.15
N PHE B 245 -32.76 16.20 6.01
CA PHE B 245 -32.95 14.82 6.47
C PHE B 245 -32.05 13.89 5.67
N VAL B 246 -31.53 12.86 6.33
CA VAL B 246 -30.48 12.03 5.73
C VAL B 246 -30.97 11.37 4.44
N GLU B 247 -32.27 11.07 4.34
CA GLU B 247 -32.78 10.43 3.13
C GLU B 247 -32.63 11.35 1.92
N ASN B 248 -32.73 12.66 2.11
CA ASN B 248 -32.46 13.58 1.01
C ASN B 248 -31.02 13.49 0.55
N ALA B 249 -30.09 13.39 1.50
CA ALA B 249 -28.68 13.24 1.14
C ALA B 249 -28.43 11.91 0.44
N VAL B 250 -29.11 10.84 0.88
CA VAL B 250 -28.96 9.54 0.23
C VAL B 250 -29.36 9.66 -1.24
N GLN B 251 -30.49 10.29 -1.51
CA GLN B 251 -30.95 10.47 -2.87
C GLN B 251 -29.92 11.24 -3.70
N ALA B 252 -29.31 12.28 -3.10
CA ALA B 252 -28.34 13.09 -3.83
C ALA B 252 -27.12 12.27 -4.21
N ASN B 253 -26.64 11.40 -3.31
CA ASN B 253 -25.45 10.61 -3.60
C ASN B 253 -25.68 9.66 -4.76
N LEU B 254 -26.81 8.97 -4.79
CA LEU B 254 -27.06 8.00 -5.86
C LEU B 254 -27.27 8.71 -7.19
N LEU B 255 -27.98 9.83 -7.18
CA LEU B 255 -28.15 10.60 -8.41
C LEU B 255 -26.80 11.10 -8.92
N ALA B 256 -25.96 11.59 -8.01
CA ALA B 256 -24.64 12.10 -8.40
C ALA B 256 -23.77 10.99 -9.00
N ALA B 257 -23.80 9.80 -8.40
CA ALA B 257 -22.95 8.72 -8.87
C ALA B 257 -23.34 8.24 -10.27
N MET B 258 -24.64 8.28 -10.59
CA MET B 258 -25.14 7.78 -11.86
C MET B 258 -25.37 8.91 -12.87
N ALA B 259 -24.91 10.12 -12.56
CA ALA B 259 -25.18 11.27 -13.42
C ALA B 259 -24.45 11.18 -14.75
N ALA B 260 -25.00 11.88 -15.74
CA ALA B 260 -24.38 11.99 -17.06
C ALA B 260 -23.19 12.94 -17.00
N PRO B 261 -22.43 13.05 -18.08
CA PRO B 261 -21.27 13.97 -18.08
C PRO B 261 -21.66 15.42 -17.84
N GLU B 262 -22.88 15.83 -18.20
CA GLU B 262 -23.34 17.17 -17.88
C GLU B 262 -23.54 17.37 -16.38
N GLY B 263 -23.74 16.29 -15.62
CA GLY B 263 -23.90 16.35 -14.19
C GLY B 263 -22.68 15.98 -13.39
N ALA B 264 -21.59 15.60 -14.03
CA ALA B 264 -20.35 15.28 -13.35
C ALA B 264 -19.38 16.46 -13.43
N ASN B 265 -18.32 16.37 -12.62
CA ASN B 265 -17.39 17.49 -12.43
C ASN B 265 -18.14 18.73 -11.97
N GLN B 266 -19.10 18.54 -11.07
CA GLN B 266 -19.95 19.60 -10.58
C GLN B 266 -19.98 19.56 -9.05
N VAL B 267 -20.39 20.68 -8.46
CA VAL B 267 -20.64 20.78 -7.02
C VAL B 267 -22.10 21.18 -6.83
N TYR B 268 -22.77 20.49 -5.90
CA TYR B 268 -24.21 20.65 -5.71
C TYR B 268 -24.54 20.92 -4.26
N ASN B 269 -25.46 21.86 -4.03
CA ASN B 269 -26.07 22.01 -2.72
C ASN B 269 -27.05 20.87 -2.46
N VAL B 270 -27.01 20.33 -1.25
CA VAL B 270 -27.89 19.23 -0.85
C VAL B 270 -28.61 19.69 0.42
N ALA B 271 -29.85 20.17 0.26
CA ALA B 271 -30.64 20.66 1.37
C ALA B 271 -32.10 20.70 0.90
N TYR B 272 -32.94 21.40 1.67
CA TYR B 272 -34.35 21.56 1.34
C TYR B 272 -34.72 22.97 0.91
N ASN B 273 -33.80 23.93 1.02
CA ASN B 273 -34.09 25.34 0.79
C ASN B 273 -35.20 25.80 1.75
N ALA B 274 -34.91 25.67 3.03
CA ALA B 274 -35.83 26.04 4.09
C ALA B 274 -35.01 26.54 5.26
N ARG B 275 -35.61 27.44 6.06
CA ARG B 275 -34.89 28.06 7.20
C ARG B 275 -35.58 27.70 8.52
N THR B 276 -34.81 27.26 9.50
CA THR B 276 -35.27 26.91 10.84
C THR B 276 -34.32 27.50 11.86
N THR B 277 -34.78 28.44 12.68
CA THR B 277 -33.93 28.98 13.72
C THR B 277 -33.73 27.94 14.82
N LEU B 278 -32.76 28.21 15.70
CA LEU B 278 -32.49 27.28 16.78
C LEU B 278 -33.62 27.25 17.80
N THR B 279 -34.28 28.38 18.04
CA THR B 279 -35.42 28.39 18.94
C THR B 279 -36.60 27.62 18.34
N GLU B 280 -36.85 27.79 17.04
CA GLU B 280 -37.91 27.02 16.38
C GLU B 280 -37.58 25.54 16.39
N LEU B 281 -36.32 25.18 16.17
CA LEU B 281 -35.92 23.77 16.20
C LEU B 281 -36.19 23.15 17.56
N PHE B 282 -35.87 23.87 18.63
CA PHE B 282 -36.12 23.34 19.97
C PHE B 282 -37.60 23.02 20.16
N GLU B 283 -38.48 23.91 19.70
CA GLU B 283 -39.91 23.65 19.82
C GLU B 283 -40.31 22.44 19.00
N HIS B 284 -39.72 22.28 17.80
CA HIS B 284 -40.03 21.12 16.96
C HIS B 284 -39.62 19.82 17.64
N LEU B 285 -38.44 19.79 18.27
CA LEU B 285 -38.01 18.59 18.97
C LEU B 285 -38.92 18.28 20.15
N ARG B 286 -39.32 19.32 20.89
CA ARG B 286 -40.21 19.11 22.03
C ARG B 286 -41.55 18.54 21.59
N ARG B 287 -42.10 19.04 20.49
CA ARG B 287 -43.38 18.51 20.02
C ARG B 287 -43.25 17.11 19.45
N THR B 288 -42.21 16.85 18.65
CA THR B 288 -42.04 15.52 18.10
C THR B 288 -41.79 14.49 19.19
N LEU B 289 -40.94 14.83 20.16
CA LEU B 289 -40.66 13.93 21.27
C LEU B 289 -41.91 13.70 22.12
N ALA B 290 -42.75 14.72 22.26
CA ALA B 290 -44.00 14.56 22.98
C ALA B 290 -44.89 13.51 22.30
N GLY B 291 -44.82 13.42 20.97
CA GLY B 291 -45.54 12.38 20.27
C GLY B 291 -45.03 10.98 20.56
N GLN B 292 -43.83 10.88 21.12
CA GLN B 292 -43.25 9.60 21.51
C GLN B 292 -43.33 9.38 23.02
N GLY B 293 -44.24 10.06 23.70
CA GLY B 293 -44.36 9.91 25.13
C GLY B 293 -43.18 10.42 25.92
N VAL B 294 -42.52 11.48 25.44
CA VAL B 294 -41.34 12.04 26.08
C VAL B 294 -41.65 13.46 26.51
N SER B 295 -41.63 13.68 27.82
CA SER B 295 -41.94 14.99 28.39
C SER B 295 -40.66 15.78 28.56
N TYR B 296 -40.71 17.07 28.18
CA TYR B 296 -39.61 17.99 28.46
C TYR B 296 -40.21 19.34 28.81
N GLU B 297 -40.15 19.71 30.10
CA GLU B 297 -40.78 20.92 30.60
C GLU B 297 -39.82 22.08 30.80
N LYS B 298 -38.52 21.90 30.60
CA LYS B 298 -37.58 22.99 30.81
C LYS B 298 -37.42 23.82 29.54
N ALA B 299 -37.13 25.10 29.74
CA ALA B 299 -36.94 26.05 28.66
C ALA B 299 -35.49 26.06 28.20
N PRO B 300 -35.23 26.49 26.97
CA PRO B 300 -33.85 26.57 26.50
C PRO B 300 -33.04 27.59 27.30
N VAL B 301 -31.76 27.29 27.47
CA VAL B 301 -30.82 28.16 28.18
C VAL B 301 -30.01 28.91 27.12
N TYR B 302 -30.19 30.22 27.06
CA TYR B 302 -29.52 31.04 26.05
C TYR B 302 -28.15 31.50 26.56
N ALA B 303 -27.10 31.12 25.84
CA ALA B 303 -25.72 31.41 26.19
C ALA B 303 -25.06 32.18 25.04
N GLU B 304 -23.74 32.35 25.14
CA GLU B 304 -22.99 33.12 24.17
C GLU B 304 -22.87 32.39 22.84
N PHE B 305 -22.53 33.16 21.80
CA PHE B 305 -22.34 32.60 20.47
C PHE B 305 -21.12 31.70 20.42
N ARG B 306 -21.15 30.72 19.52
CA ARG B 306 -20.04 29.80 19.31
C ARG B 306 -19.11 30.27 18.20
N ALA B 307 -17.81 30.24 18.47
CA ALA B 307 -16.81 30.74 17.53
C ALA B 307 -16.88 30.01 16.19
N GLY B 308 -16.85 30.77 15.11
CA GLY B 308 -16.75 30.24 13.76
C GLY B 308 -18.04 29.79 13.14
N ASP B 309 -19.17 29.99 13.80
CA ASP B 309 -20.45 29.58 13.25
C ASP B 309 -21.01 30.62 12.27
N VAL B 310 -21.40 30.18 11.09
CA VAL B 310 -22.23 31.04 10.26
C VAL B 310 -23.52 31.30 11.01
N ARG B 311 -24.06 32.51 10.88
CA ARG B 311 -25.29 32.83 11.61
C ARG B 311 -26.53 32.38 10.87
N HIS B 312 -26.50 32.40 9.54
CA HIS B 312 -27.64 32.04 8.72
C HIS B 312 -27.18 31.19 7.56
N SER B 313 -27.86 30.06 7.34
CA SER B 313 -27.52 29.17 6.23
C SER B 313 -28.81 28.65 5.61
N GLN B 314 -28.98 28.91 4.32
CA GLN B 314 -30.06 28.37 3.53
C GLN B 314 -29.50 28.04 2.15
N ALA B 315 -29.95 26.93 1.57
CA ALA B 315 -29.37 26.44 0.33
C ALA B 315 -30.34 26.61 -0.82
N ASP B 316 -29.83 27.07 -1.95
CA ASP B 316 -30.55 27.03 -3.21
C ASP B 316 -30.25 25.67 -3.84
N ILE B 317 -31.26 24.82 -3.96
CA ILE B 317 -31.08 23.47 -4.47
C ILE B 317 -31.53 23.36 -5.93
N GLY B 318 -31.64 24.49 -6.62
CA GLY B 318 -32.08 24.47 -8.01
C GLY B 318 -31.12 23.72 -8.92
N LYS B 319 -29.82 23.84 -8.65
CA LYS B 319 -28.84 23.18 -9.53
C LYS B 319 -28.97 21.67 -9.46
N ALA B 320 -29.14 21.11 -8.27
CA ALA B 320 -29.31 19.68 -8.14
C ALA B 320 -30.62 19.22 -8.77
N GLY B 321 -31.67 20.03 -8.65
CA GLY B 321 -32.93 19.67 -9.27
C GLY B 321 -32.86 19.65 -10.79
N LYS B 322 -32.21 20.65 -11.38
CA LYS B 322 -32.17 20.77 -12.83
C LYS B 322 -31.24 19.73 -13.45
N LEU B 323 -30.07 19.53 -12.86
CA LEU B 323 -29.04 18.70 -13.48
C LEU B 323 -29.10 17.24 -13.02
N LEU B 324 -29.61 17.00 -11.80
CA LEU B 324 -29.66 15.65 -11.25
C LEU B 324 -31.07 15.12 -11.04
N GLY B 325 -32.09 15.97 -11.11
CA GLY B 325 -33.43 15.52 -10.78
C GLY B 325 -33.68 15.40 -9.29
N TYR B 326 -32.94 16.15 -8.47
CA TYR B 326 -33.02 16.05 -7.02
C TYR B 326 -34.33 16.64 -6.53
N GLU B 327 -35.19 15.77 -5.99
CA GLU B 327 -36.46 16.18 -5.38
C GLU B 327 -36.50 15.63 -3.96
N PRO B 328 -35.99 16.39 -2.99
CA PRO B 328 -36.00 15.89 -1.60
C PRO B 328 -37.43 15.66 -1.14
N ALA B 329 -37.65 14.56 -0.43
CA ALA B 329 -38.98 14.16 -0.01
C ALA B 329 -39.30 14.54 1.42
N TYR B 330 -38.30 14.90 2.23
CA TYR B 330 -38.47 15.13 3.65
C TYR B 330 -38.14 16.58 3.99
N ASP B 331 -39.11 17.31 4.51
CA ASP B 331 -38.80 18.57 5.17
C ASP B 331 -38.27 18.24 6.57
N ILE B 332 -37.94 19.28 7.34
CA ILE B 332 -37.36 19.05 8.66
C ILE B 332 -38.34 18.30 9.55
N LEU B 333 -39.62 18.68 9.53
CA LEU B 333 -40.56 18.07 10.46
C LEU B 333 -40.80 16.59 10.16
N ARG B 334 -40.95 16.24 8.88
CA ARG B 334 -41.13 14.83 8.56
C ARG B 334 -39.88 14.02 8.90
N GLY B 335 -38.71 14.61 8.68
CA GLY B 335 -37.49 13.93 9.09
C GLY B 335 -37.39 13.74 10.59
N LEU B 336 -37.84 14.74 11.35
CA LEU B 336 -37.78 14.65 12.81
C LEU B 336 -38.69 13.55 13.34
N GLU B 337 -39.92 13.43 12.83
CA GLU B 337 -40.80 12.36 13.29
C GLU B 337 -40.23 10.99 12.95
N ALA B 338 -39.58 10.87 11.80
CA ALA B 338 -39.00 9.58 11.42
C ALA B 338 -37.76 9.27 12.26
N ALA B 339 -37.01 10.29 12.67
CA ALA B 339 -35.73 10.09 13.35
C ALA B 339 -35.86 10.00 14.86
N MET B 340 -36.83 10.73 15.44
CA MET B 340 -36.96 10.74 16.90
C MET B 340 -37.14 9.35 17.49
N PRO B 341 -37.96 8.45 16.91
CA PRO B 341 -38.05 7.09 17.48
C PRO B 341 -36.72 6.36 17.51
N TRP B 342 -35.82 6.64 16.58
CA TRP B 342 -34.51 5.99 16.61
C TRP B 342 -33.75 6.35 17.89
N TYR B 343 -33.84 7.60 18.32
CA TYR B 343 -33.10 8.03 19.50
C TYR B 343 -33.74 7.54 20.79
N THR B 344 -35.08 7.47 20.84
CA THR B 344 -35.72 6.92 22.03
C THR B 344 -35.38 5.45 22.20
N GLN B 345 -35.36 4.68 21.10
CA GLN B 345 -34.96 3.28 21.17
C GLN B 345 -33.48 3.14 21.48
N PHE B 346 -32.65 4.01 20.90
CA PHE B 346 -31.21 3.90 21.04
C PHE B 346 -30.73 4.33 22.43
N LEU B 347 -31.38 5.32 23.02
CA LEU B 347 -30.96 5.89 24.30
C LEU B 347 -31.68 5.30 25.49
N ARG B 348 -32.82 4.63 25.29
CA ARG B 348 -33.58 4.05 26.39
C ARG B 348 -32.70 3.18 27.28
N ASN C 10 27.35 8.93 0.70
CA ASN C 10 26.68 7.66 0.39
C ASN C 10 26.42 6.87 1.67
N ARG C 11 25.25 6.22 1.70
CA ARG C 11 24.89 5.44 2.88
C ARG C 11 25.83 4.27 3.10
N PHE C 12 26.33 3.65 2.03
CA PHE C 12 27.20 2.49 2.17
C PHE C 12 28.51 2.84 2.84
N GLU C 13 29.12 3.97 2.47
CA GLU C 13 30.36 4.39 3.12
C GLU C 13 30.13 4.63 4.61
N THR C 14 29.00 5.27 4.95
CA THR C 14 28.69 5.48 6.36
C THR C 14 28.55 4.14 7.09
N THR C 15 27.93 3.16 6.45
CA THR C 15 27.72 1.86 7.10
C THR C 15 29.05 1.16 7.36
N CYS C 16 29.96 1.19 6.39
CA CYS C 16 31.23 0.50 6.56
C CYS C 16 32.07 1.13 7.67
N ALA C 17 32.09 2.46 7.75
CA ALA C 17 32.83 3.11 8.82
C ALA C 17 32.21 2.78 10.18
N GLN C 18 30.87 2.73 10.24
CA GLN C 18 30.21 2.41 11.49
C GLN C 18 30.54 0.99 11.93
N LEU C 19 30.59 0.06 10.98
CA LEU C 19 30.91 -1.33 11.30
C LEU C 19 32.33 -1.48 11.79
N ARG C 20 33.25 -0.72 11.17
CA ARG C 20 34.64 -0.82 11.57
C ARG C 20 34.82 -0.38 13.02
N ALA C 21 34.13 0.67 13.44
CA ALA C 21 34.24 1.16 14.81
C ALA C 21 33.43 0.33 15.80
N GLN C 22 32.38 -0.33 15.33
CA GLN C 22 31.46 -1.11 16.18
C GLN C 22 31.24 -2.47 15.54
N PRO C 23 32.24 -3.35 15.60
CA PRO C 23 32.10 -4.64 14.91
C PRO C 23 30.90 -5.43 15.40
N GLN C 24 30.18 -6.03 14.45
CA GLN C 24 29.12 -6.98 14.74
C GLN C 24 29.62 -8.40 14.50
N LYS C 25 28.83 -9.36 14.95
CA LYS C 25 29.04 -10.76 14.60
C LYS C 25 28.01 -11.16 13.57
N TRP C 26 28.48 -11.74 12.47
CA TRP C 26 27.65 -12.09 11.33
C TRP C 26 27.58 -13.60 11.18
N LEU C 27 26.59 -14.06 10.43
CA LEU C 27 26.50 -15.43 9.95
C LEU C 27 26.22 -15.38 8.47
N VAL C 28 27.02 -16.08 7.68
CA VAL C 28 26.81 -16.19 6.24
C VAL C 28 26.66 -17.68 5.93
N THR C 29 25.45 -18.08 5.54
CA THR C 29 25.24 -19.42 5.03
C THR C 29 25.51 -19.41 3.53
N GLY C 30 26.02 -20.54 3.03
CA GLY C 30 26.55 -20.55 1.68
C GLY C 30 27.85 -19.78 1.54
N CYS C 31 28.62 -19.69 2.63
CA CYS C 31 29.83 -18.87 2.63
C CYS C 31 30.90 -19.40 1.69
N ALA C 32 30.87 -20.68 1.34
CA ALA C 32 31.83 -21.27 0.43
C ALA C 32 31.44 -21.09 -1.03
N GLY C 33 30.32 -20.42 -1.31
CA GLY C 33 29.83 -20.25 -2.66
C GLY C 33 30.21 -18.89 -3.23
N PHE C 34 29.59 -18.59 -4.37
CA PHE C 34 29.91 -17.37 -5.13
C PHE C 34 29.63 -16.11 -4.34
N ILE C 35 28.35 -15.82 -4.07
CA ILE C 35 28.02 -14.59 -3.36
C ILE C 35 28.47 -14.67 -1.91
N GLY C 36 28.33 -15.85 -1.30
CA GLY C 36 28.69 -15.99 0.11
C GLY C 36 30.16 -15.69 0.38
N SER C 37 31.04 -16.15 -0.51
CA SER C 37 32.46 -15.93 -0.31
C SER C 37 32.85 -14.48 -0.57
N ASN C 38 32.12 -13.78 -1.46
CA ASN C 38 32.36 -12.36 -1.63
C ASN C 38 31.89 -11.57 -0.42
N LEU C 39 30.76 -11.96 0.18
CA LEU C 39 30.32 -11.35 1.42
C LEU C 39 31.33 -11.60 2.52
N LEU C 40 31.86 -12.83 2.60
CA LEU C 40 32.82 -13.16 3.63
C LEU C 40 34.08 -12.30 3.51
N GLU C 41 34.57 -12.12 2.28
CA GLU C 41 35.75 -11.29 2.08
C GLU C 41 35.50 -9.85 2.51
N THR C 42 34.34 -9.30 2.16
CA THR C 42 34.04 -7.93 2.51
C THR C 42 33.88 -7.75 4.02
N LEU C 43 33.17 -8.68 4.67
CA LEU C 43 32.93 -8.54 6.11
C LEU C 43 34.23 -8.67 6.90
N LEU C 44 35.05 -9.68 6.57
CA LEU C 44 36.34 -9.81 7.22
C LEU C 44 37.24 -8.62 6.92
N GLY C 45 37.11 -8.05 5.72
CA GLY C 45 37.83 -6.83 5.39
C GLY C 45 37.37 -5.60 6.14
N LEU C 46 36.20 -5.68 6.78
CA LEU C 46 35.72 -4.63 7.68
C LEU C 46 35.98 -4.98 9.14
N ASP C 47 36.78 -6.01 9.40
CA ASP C 47 37.17 -6.41 10.75
C ASP C 47 36.00 -6.97 11.54
N GLN C 48 35.05 -7.60 10.86
CA GLN C 48 33.90 -8.23 11.50
C GLN C 48 34.23 -9.67 11.89
N ALA C 49 33.55 -10.14 12.93
CA ALA C 49 33.51 -11.56 13.26
C ALA C 49 32.42 -12.22 12.42
N VAL C 50 32.74 -13.35 11.81
CA VAL C 50 31.83 -14.01 10.87
C VAL C 50 31.78 -15.51 11.16
N VAL C 51 30.57 -16.05 11.19
CA VAL C 51 30.34 -17.49 11.24
C VAL C 51 29.88 -17.93 9.86
N GLY C 52 30.32 -19.11 9.44
CA GLY C 52 29.98 -19.64 8.13
C GLY C 52 29.31 -21.00 8.27
N LEU C 53 28.38 -21.27 7.36
CA LEU C 53 27.71 -22.57 7.31
C LEU C 53 27.61 -22.98 5.85
N ASP C 54 28.12 -24.17 5.52
CA ASP C 54 28.09 -24.65 4.15
C ASP C 54 28.35 -26.15 4.16
N ASN C 55 27.70 -26.86 3.24
CA ASN C 55 27.86 -28.30 3.10
C ASN C 55 28.64 -28.67 1.84
N PHE C 56 29.15 -27.68 1.09
CA PHE C 56 29.94 -27.93 -0.11
C PHE C 56 29.14 -28.71 -1.15
N ALA C 57 27.82 -28.53 -1.16
CA ALA C 57 27.00 -29.13 -2.21
C ALA C 57 27.32 -28.52 -3.56
N THR C 58 27.47 -27.19 -3.62
CA THR C 58 27.86 -26.50 -4.84
C THR C 58 28.99 -25.50 -4.64
N GLY C 59 29.32 -25.16 -3.40
CA GLY C 59 30.49 -24.34 -3.13
C GLY C 59 31.74 -25.17 -3.05
N HIS C 60 32.87 -24.48 -2.89
CA HIS C 60 34.17 -25.12 -2.96
C HIS C 60 35.07 -24.64 -1.83
N GLN C 61 35.87 -25.55 -1.28
CA GLN C 61 36.86 -25.18 -0.29
C GLN C 61 37.84 -24.14 -0.84
N HIS C 62 38.15 -24.21 -2.13
CA HIS C 62 39.14 -23.29 -2.69
C HIS C 62 38.63 -21.85 -2.70
N ASN C 63 37.32 -21.65 -2.68
CA ASN C 63 36.80 -20.29 -2.47
C ASN C 63 37.13 -19.79 -1.08
N LEU C 64 37.01 -20.65 -0.06
CA LEU C 64 37.38 -20.25 1.30
C LEU C 64 38.87 -19.98 1.41
N ASP C 65 39.70 -20.83 0.81
CA ASP C 65 41.15 -20.61 0.86
C ASP C 65 41.54 -19.32 0.16
N GLU C 66 40.86 -19.01 -0.94
CA GLU C 66 41.13 -17.75 -1.65
C GLU C 66 40.81 -16.56 -0.78
N VAL C 67 39.71 -16.62 -0.03
CA VAL C 67 39.36 -15.53 0.88
C VAL C 67 40.45 -15.35 1.94
N ARG C 68 40.98 -16.46 2.45
CA ARG C 68 42.04 -16.38 3.46
C ARG C 68 43.28 -15.69 2.91
N ALA C 69 43.62 -15.98 1.64
CA ALA C 69 44.78 -15.35 1.03
C ALA C 69 44.58 -13.85 0.83
N ALA C 70 43.33 -13.41 0.70
CA ALA C 70 43.05 -12.00 0.41
C ALA C 70 42.97 -11.15 1.66
N VAL C 71 42.55 -11.71 2.80
CA VAL C 71 42.42 -10.95 4.03
C VAL C 71 43.66 -11.18 4.87
N THR C 72 43.87 -10.29 5.85
CA THR C 72 45.00 -10.42 6.74
C THR C 72 44.78 -11.60 7.69
N PRO C 73 45.87 -12.16 8.23
CA PRO C 73 45.71 -13.24 9.21
C PRO C 73 44.85 -12.83 10.38
N GLU C 74 44.94 -11.55 10.76
CA GLU C 74 44.15 -11.06 11.88
C GLU C 74 42.65 -11.13 11.56
N GLN C 75 42.27 -10.77 10.34
CA GLN C 75 40.86 -10.82 9.94
C GLN C 75 40.37 -12.27 9.80
N TRP C 76 41.21 -13.14 9.25
CA TRP C 76 40.82 -14.54 9.08
C TRP C 76 40.61 -15.22 10.43
N ALA C 77 41.33 -14.76 11.47
CA ALA C 77 41.16 -15.33 12.80
C ALA C 77 39.77 -15.09 13.35
N ARG C 78 39.03 -14.13 12.80
CA ARG C 78 37.69 -13.81 13.25
C ARG C 78 36.63 -14.63 12.54
N PHE C 79 37.04 -15.62 11.74
CA PHE C 79 36.13 -16.44 10.95
C PHE C 79 36.06 -17.84 11.53
N THR C 80 34.85 -18.26 11.90
CA THR C 80 34.57 -19.63 12.30
C THR C 80 33.73 -20.28 11.22
N PHE C 81 34.19 -21.41 10.69
CA PHE C 81 33.48 -22.14 9.66
C PHE C 81 32.87 -23.41 10.22
N ILE C 82 31.62 -23.66 9.84
CA ILE C 82 30.88 -24.85 10.24
C ILE C 82 30.49 -25.57 8.96
N GLU C 83 31.03 -26.77 8.77
CA GLU C 83 30.56 -27.61 7.67
C GLU C 83 29.26 -28.26 8.11
N GLY C 84 28.14 -27.82 7.53
CA GLY C 84 26.84 -28.26 7.99
C GLY C 84 25.77 -27.96 6.95
N ASP C 85 24.60 -28.54 7.21
CA ASP C 85 23.49 -28.51 6.28
C ASP C 85 22.34 -27.72 6.89
N ILE C 86 21.79 -26.78 6.11
CA ILE C 86 20.65 -26.01 6.61
C ILE C 86 19.41 -26.87 6.73
N ARG C 87 19.39 -28.04 6.08
CA ARG C 87 18.31 -29.00 6.28
C ARG C 87 18.36 -29.62 7.68
N ASP C 88 19.49 -29.51 8.36
CA ASP C 88 19.64 -29.98 9.73
C ASP C 88 19.43 -28.79 10.66
N LEU C 89 18.31 -28.79 11.38
CA LEU C 89 17.97 -27.64 12.22
C LEU C 89 19.01 -27.43 13.30
N ALA C 90 19.56 -28.52 13.83
CA ALA C 90 20.60 -28.39 14.85
C ALA C 90 21.81 -27.61 14.32
N ALA C 91 22.13 -27.78 13.04
CA ALA C 91 23.22 -27.02 12.45
C ALA C 91 22.89 -25.53 12.41
N CYS C 92 21.66 -25.18 12.02
CA CYS C 92 21.28 -23.77 11.95
C CYS C 92 21.32 -23.14 13.35
N GLN C 93 20.83 -23.86 14.36
CA GLN C 93 20.83 -23.33 15.71
C GLN C 93 22.26 -23.09 16.21
N ARG C 94 23.17 -24.00 15.89
CA ARG C 94 24.57 -23.79 16.23
C ARG C 94 25.13 -22.57 15.52
N ALA C 95 24.73 -22.37 14.26
CA ALA C 95 25.33 -21.32 13.43
C ALA C 95 24.88 -19.93 13.86
N VAL C 96 23.62 -19.79 14.29
CA VAL C 96 23.09 -18.48 14.64
C VAL C 96 23.38 -18.07 16.08
N GLN C 97 24.05 -18.93 16.84
CA GLN C 97 24.27 -18.64 18.25
C GLN C 97 25.19 -17.44 18.42
N GLY C 98 24.77 -16.49 19.25
CA GLY C 98 25.56 -15.30 19.49
C GLY C 98 25.67 -14.36 18.31
N VAL C 99 24.83 -14.51 17.30
CA VAL C 99 24.93 -13.77 16.05
C VAL C 99 24.01 -12.57 16.06
N ASP C 100 24.47 -11.47 15.48
CA ASP C 100 23.69 -10.24 15.35
C ASP C 100 23.06 -10.09 13.97
N ARG C 101 23.75 -10.47 12.91
CA ARG C 101 23.26 -10.26 11.54
C ARG C 101 23.44 -11.55 10.76
N VAL C 102 22.37 -11.98 10.08
CA VAL C 102 22.39 -13.18 9.25
C VAL C 102 22.25 -12.76 7.80
N LEU C 103 23.12 -13.29 6.95
CA LEU C 103 23.03 -13.16 5.49
C LEU C 103 22.89 -14.58 4.96
N HIS C 104 21.65 -14.98 4.67
CA HIS C 104 21.35 -16.35 4.26
C HIS C 104 21.47 -16.44 2.75
N GLN C 105 22.48 -17.16 2.28
CA GLN C 105 22.68 -17.40 0.86
C GLN C 105 22.60 -18.88 0.48
N ALA C 106 22.69 -19.79 1.43
CA ALA C 106 22.67 -21.21 1.11
C ALA C 106 21.37 -21.59 0.39
N ALA C 107 21.52 -22.18 -0.79
CA ALA C 107 20.38 -22.61 -1.59
C ALA C 107 20.93 -23.38 -2.80
N LEU C 108 20.01 -23.89 -3.61
CA LEU C 108 20.34 -24.55 -4.87
C LEU C 108 19.72 -23.75 -6.00
N GLY C 109 20.54 -23.01 -6.74
CA GLY C 109 20.09 -22.23 -7.87
C GLY C 109 19.79 -23.11 -9.07
N SER C 110 19.99 -22.55 -10.26
CA SER C 110 19.82 -23.35 -11.47
C SER C 110 18.41 -23.86 -11.69
N VAL C 111 17.52 -22.99 -12.15
CA VAL C 111 16.22 -23.40 -12.68
C VAL C 111 16.34 -24.75 -13.40
N PRO C 112 17.31 -24.96 -14.29
CA PRO C 112 17.42 -26.30 -14.92
C PRO C 112 17.58 -27.44 -13.92
N ARG C 113 18.35 -27.23 -12.86
CA ARG C 113 18.49 -28.27 -11.85
C ARG C 113 17.14 -28.60 -11.21
N SER C 114 16.35 -27.58 -10.90
CA SER C 114 15.08 -27.79 -10.22
C SER C 114 14.08 -28.55 -11.10
N LEU C 115 14.16 -28.38 -12.43
CA LEU C 115 13.28 -29.13 -13.32
C LEU C 115 13.66 -30.61 -13.34
N LYS C 116 14.96 -30.89 -13.29
CA LYS C 116 15.41 -32.28 -13.26
C LYS C 116 15.08 -32.94 -11.92
N ASP C 117 15.30 -32.21 -10.83
CA ASP C 117 15.17 -32.75 -9.48
C ASP C 117 14.45 -31.74 -8.60
N PRO C 118 13.13 -31.57 -8.79
CA PRO C 118 12.41 -30.59 -7.97
C PRO C 118 12.44 -30.89 -6.48
N ILE C 119 12.51 -32.17 -6.09
CA ILE C 119 12.41 -32.53 -4.68
C ILE C 119 13.62 -32.00 -3.90
N THR C 120 14.82 -32.22 -4.41
CA THR C 120 16.01 -31.76 -3.69
C THR C 120 16.04 -30.25 -3.59
N THR C 121 15.68 -29.55 -4.67
CA THR C 121 15.65 -28.09 -4.63
C THR C 121 14.61 -27.60 -3.60
N ASN C 122 13.46 -28.27 -3.53
CA ASN C 122 12.45 -27.90 -2.54
C ASN C 122 12.95 -28.15 -1.13
N GLU C 123 13.66 -29.25 -0.93
CA GLU C 123 14.14 -29.60 0.41
C GLU C 123 15.11 -28.56 0.95
N VAL C 124 16.03 -28.09 0.11
CA VAL C 124 17.03 -27.12 0.56
C VAL C 124 16.44 -25.72 0.62
N ASN C 125 15.75 -25.30 -0.44
CA ASN C 125 15.39 -23.89 -0.58
C ASN C 125 14.18 -23.50 0.26
N ILE C 126 13.24 -24.41 0.47
CA ILE C 126 12.10 -24.11 1.33
C ILE C 126 12.36 -24.67 2.72
N GLY C 127 12.60 -25.98 2.80
CA GLY C 127 12.84 -26.59 4.10
C GLY C 127 14.05 -26.01 4.81
N GLY C 128 15.15 -25.87 4.08
CA GLY C 128 16.35 -25.30 4.68
C GLY C 128 16.16 -23.84 5.06
N PHE C 129 15.51 -23.07 4.21
CA PHE C 129 15.25 -21.68 4.54
C PHE C 129 14.41 -21.55 5.79
N LEU C 130 13.38 -22.39 5.92
CA LEU C 130 12.51 -22.34 7.10
C LEU C 130 13.27 -22.72 8.36
N ASN C 131 14.19 -23.69 8.27
CA ASN C 131 15.02 -24.02 9.42
C ASN C 131 15.85 -22.81 9.85
N MET C 132 16.44 -22.09 8.89
CA MET C 132 17.24 -20.92 9.22
C MET C 132 16.37 -19.80 9.80
N LEU C 133 15.16 -19.62 9.24
CA LEU C 133 14.29 -18.55 9.71
C LEU C 133 13.84 -18.79 11.15
N VAL C 134 13.52 -20.04 11.50
CA VAL C 134 13.11 -20.35 12.86
C VAL C 134 14.29 -20.24 13.81
N ALA C 135 15.47 -20.74 13.41
CA ALA C 135 16.63 -20.68 14.28
C ALA C 135 17.02 -19.24 14.57
N ALA C 136 17.00 -18.38 13.54
CA ALA C 136 17.32 -16.96 13.75
C ALA C 136 16.28 -16.29 14.63
N ARG C 137 15.00 -16.63 14.45
CA ARG C 137 13.96 -16.06 15.29
C ARG C 137 14.19 -16.40 16.75
N ASP C 138 14.52 -17.66 17.04
CA ASP C 138 14.69 -18.09 18.42
C ASP C 138 15.94 -17.46 19.04
N ALA C 139 17.01 -17.32 18.24
CA ALA C 139 18.23 -16.68 18.71
C ALA C 139 18.11 -15.16 18.83
N GLN C 140 17.01 -14.59 18.32
CA GLN C 140 16.77 -13.16 18.42
C GLN C 140 17.92 -12.37 17.80
N VAL C 141 18.19 -12.66 16.53
CA VAL C 141 19.21 -11.91 15.80
C VAL C 141 18.70 -10.51 15.48
N GLN C 142 19.63 -9.58 15.29
CA GLN C 142 19.25 -8.21 15.02
C GLN C 142 18.77 -8.05 13.57
N ALA C 143 19.20 -8.91 12.66
CA ALA C 143 18.82 -8.76 11.26
C ALA C 143 18.90 -10.11 10.57
N PHE C 144 18.04 -10.28 9.57
CA PHE C 144 17.98 -11.50 8.77
C PHE C 144 17.73 -11.10 7.32
N VAL C 145 18.80 -11.07 6.53
CA VAL C 145 18.72 -10.78 5.10
C VAL C 145 18.90 -12.10 4.36
N TYR C 146 17.98 -12.42 3.46
CA TYR C 146 18.00 -13.68 2.74
C TYR C 146 17.98 -13.42 1.24
N ALA C 147 18.57 -14.35 0.49
CA ALA C 147 18.64 -14.25 -0.96
C ALA C 147 17.31 -14.65 -1.57
N ALA C 148 16.62 -13.70 -2.20
CA ALA C 148 15.48 -13.95 -3.05
C ALA C 148 15.95 -13.94 -4.50
N SER C 149 15.01 -14.05 -5.45
CA SER C 149 15.36 -14.14 -6.85
C SER C 149 14.40 -13.32 -7.70
N SER C 150 14.93 -12.78 -8.80
CA SER C 150 14.10 -12.10 -9.80
C SER C 150 13.19 -13.07 -10.53
N SER C 151 13.39 -14.38 -10.37
CA SER C 151 12.48 -15.36 -10.94
C SER C 151 11.08 -15.26 -10.36
N THR C 152 10.92 -14.60 -9.21
CA THR C 152 9.60 -14.43 -8.62
C THR C 152 8.68 -13.60 -9.50
N TYR C 153 9.22 -12.83 -10.45
CA TYR C 153 8.37 -12.08 -11.37
C TYR C 153 7.73 -12.99 -12.42
N GLY C 154 8.30 -14.16 -12.67
CA GLY C 154 7.63 -15.14 -13.50
C GLY C 154 7.31 -14.61 -14.88
N ASP C 155 6.04 -14.74 -15.26
CA ASP C 155 5.56 -14.37 -16.59
C ASP C 155 5.03 -12.95 -16.67
N HIS C 156 5.15 -12.17 -15.60
CA HIS C 156 4.66 -10.80 -15.62
C HIS C 156 5.37 -10.02 -16.72
N PRO C 157 4.63 -9.31 -17.60
CA PRO C 157 5.26 -8.70 -18.76
C PRO C 157 5.86 -7.33 -18.51
N ASP C 158 5.35 -6.60 -17.50
CA ASP C 158 5.74 -5.21 -17.33
C ASP C 158 7.25 -5.11 -17.16
N LEU C 159 7.85 -4.14 -17.86
CA LEU C 159 9.27 -3.88 -17.77
C LEU C 159 9.45 -2.37 -17.65
N PRO C 160 10.27 -1.87 -16.70
CA PRO C 160 11.07 -2.61 -15.70
C PRO C 160 10.23 -3.24 -14.60
N LYS C 161 10.85 -4.14 -13.84
CA LYS C 161 10.14 -4.93 -12.82
C LYS C 161 10.07 -4.13 -11.52
N VAL C 162 8.86 -3.92 -11.03
CA VAL C 162 8.64 -3.24 -9.76
C VAL C 162 8.21 -4.29 -8.74
N GLU C 163 8.63 -4.07 -7.49
CA GLU C 163 8.48 -5.11 -6.48
C GLU C 163 7.02 -5.50 -6.28
N GLU C 164 6.09 -4.54 -6.40
CA GLU C 164 4.70 -4.80 -6.11
C GLU C 164 3.96 -5.51 -7.24
N ARG C 165 4.59 -5.68 -8.41
CA ARG C 165 3.97 -6.35 -9.55
C ARG C 165 4.77 -7.59 -9.90
N ILE C 166 4.23 -8.77 -9.58
CA ILE C 166 4.89 -10.03 -9.93
C ILE C 166 3.92 -10.90 -10.73
N GLY C 167 4.40 -12.06 -11.17
CA GLY C 167 3.58 -13.00 -11.92
C GLY C 167 3.68 -14.41 -11.36
N ASN C 168 3.24 -15.40 -12.14
CA ASN C 168 3.23 -16.78 -11.66
C ASN C 168 4.62 -17.41 -11.85
N PRO C 169 5.10 -18.18 -10.87
CA PRO C 169 6.38 -18.88 -11.05
C PRO C 169 6.34 -19.83 -12.23
N LEU C 170 7.49 -19.95 -12.91
CA LEU C 170 7.59 -20.74 -14.12
C LEU C 170 8.47 -21.98 -13.95
N SER C 171 9.04 -22.19 -12.78
CA SER C 171 9.89 -23.35 -12.53
C SER C 171 9.78 -23.74 -11.07
N PRO C 172 10.12 -24.98 -10.72
CA PRO C 172 10.14 -25.34 -9.29
C PRO C 172 11.06 -24.45 -8.49
N TYR C 173 12.20 -24.06 -9.06
CA TYR C 173 13.12 -23.17 -8.34
C TYR C 173 12.45 -21.85 -8.02
N ALA C 174 11.74 -21.27 -8.99
CA ALA C 174 11.06 -20.00 -8.74
C ALA C 174 10.03 -20.15 -7.63
N VAL C 175 9.40 -21.32 -7.51
CA VAL C 175 8.45 -21.53 -6.42
C VAL C 175 9.17 -21.42 -5.08
N THR C 176 10.33 -22.06 -4.95
CA THR C 176 11.01 -22.06 -3.66
C THR C 176 11.44 -20.65 -3.25
N LYS C 177 11.95 -19.85 -4.21
CA LYS C 177 12.39 -18.51 -3.85
C LYS C 177 11.21 -17.63 -3.47
N TYR C 178 10.07 -17.81 -4.13
CA TYR C 178 8.85 -17.09 -3.75
C TYR C 178 8.38 -17.50 -2.36
N VAL C 179 8.50 -18.79 -2.03
CA VAL C 179 8.05 -19.26 -0.72
C VAL C 179 8.92 -18.67 0.38
N ASN C 180 10.18 -18.34 0.08
CA ASN C 180 11.01 -17.66 1.07
C ASN C 180 10.38 -16.33 1.47
N GLU C 181 9.90 -15.56 0.49
CA GLU C 181 9.26 -14.29 0.80
C GLU C 181 7.96 -14.49 1.56
N LEU C 182 7.19 -15.52 1.20
CA LEU C 182 5.92 -15.77 1.88
C LEU C 182 6.13 -16.11 3.34
N TYR C 183 7.12 -16.96 3.64
CA TYR C 183 7.38 -17.32 5.03
C TYR C 183 7.92 -16.14 5.82
N ALA C 184 8.76 -15.31 5.20
CA ALA C 184 9.27 -14.13 5.88
C ALA C 184 8.14 -13.16 6.23
N ASP C 185 7.21 -12.95 5.29
CA ASP C 185 6.07 -12.08 5.56
C ASP C 185 5.19 -12.67 6.66
N VAL C 186 4.98 -13.99 6.64
CA VAL C 186 4.15 -14.63 7.65
C VAL C 186 4.82 -14.55 9.02
N PHE C 187 6.14 -14.69 9.06
CA PHE C 187 6.86 -14.60 10.33
C PHE C 187 6.82 -13.19 10.90
N ALA C 188 6.79 -12.17 10.04
CA ALA C 188 6.62 -10.81 10.53
C ALA C 188 5.23 -10.61 11.14
N ARG C 189 4.20 -11.19 10.52
CA ARG C 189 2.83 -11.04 11.02
C ARG C 189 2.67 -11.77 12.35
N SER C 190 3.11 -13.03 12.42
CA SER C 190 2.77 -13.92 13.51
C SER C 190 3.68 -13.78 14.71
N TYR C 191 4.98 -13.59 14.49
CA TYR C 191 5.96 -13.55 15.56
C TYR C 191 6.67 -12.21 15.70
N GLY C 192 6.39 -11.25 14.84
CA GLY C 192 7.08 -9.97 14.90
C GLY C 192 8.52 -10.01 14.48
N PHE C 193 8.93 -11.04 13.74
CA PHE C 193 10.30 -11.18 13.27
C PHE C 193 10.46 -10.50 11.92
N SER C 194 11.31 -9.49 11.85
CA SER C 194 11.53 -8.74 10.62
C SER C 194 12.69 -9.35 9.83
N SER C 195 12.65 -9.13 8.52
CA SER C 195 13.69 -9.66 7.64
C SER C 195 13.64 -8.91 6.32
N VAL C 196 14.74 -8.98 5.57
CA VAL C 196 14.86 -8.34 4.28
C VAL C 196 15.17 -9.40 3.23
N GLY C 197 14.38 -9.43 2.17
CA GLY C 197 14.66 -10.28 1.02
C GLY C 197 15.24 -9.44 -0.09
N LEU C 198 16.27 -9.98 -0.75
CA LEU C 198 16.97 -9.31 -1.84
C LEU C 198 16.74 -10.10 -3.11
N ARG C 199 15.87 -9.60 -3.98
CA ARG C 199 15.66 -10.22 -5.29
C ARG C 199 16.83 -9.92 -6.20
N TYR C 200 17.81 -10.83 -6.25
CA TYR C 200 18.95 -10.68 -7.13
C TYR C 200 18.54 -10.80 -8.60
N PHE C 201 19.20 -10.04 -9.46
CA PHE C 201 19.05 -10.13 -10.91
C PHE C 201 20.40 -10.53 -11.50
N ASN C 202 20.56 -11.81 -11.80
CA ASN C 202 21.69 -12.31 -12.60
C ASN C 202 23.03 -11.75 -12.12
N VAL C 203 23.39 -12.13 -10.90
CA VAL C 203 24.63 -11.66 -10.30
C VAL C 203 25.81 -12.42 -10.90
N PHE C 204 26.91 -11.70 -11.13
CA PHE C 204 28.11 -12.27 -11.71
C PHE C 204 29.33 -11.64 -11.04
N GLY C 205 30.46 -12.34 -11.15
CA GLY C 205 31.70 -11.86 -10.59
C GLY C 205 32.61 -13.02 -10.26
N LYS C 206 33.69 -12.70 -9.56
CA LYS C 206 34.70 -13.70 -9.24
C LYS C 206 34.12 -14.81 -8.38
N ARG C 207 34.56 -16.04 -8.63
CA ARG C 207 34.20 -17.23 -7.87
C ARG C 207 32.80 -17.73 -8.15
N GLN C 208 32.16 -17.27 -9.22
CA GLN C 208 30.97 -17.94 -9.73
C GLN C 208 31.42 -19.15 -10.54
N ASP C 209 30.99 -20.34 -10.13
CA ASP C 209 31.58 -21.57 -10.65
C ASP C 209 31.37 -21.71 -12.15
N PRO C 210 32.45 -21.80 -12.95
CA PRO C 210 32.27 -22.10 -14.38
C PRO C 210 32.29 -23.60 -14.66
N ASP C 211 32.90 -24.36 -13.75
CA ASP C 211 33.03 -25.82 -13.90
C ASP C 211 31.82 -26.49 -13.27
N GLY C 212 30.70 -26.45 -14.00
CA GLY C 212 29.50 -27.11 -13.54
C GLY C 212 28.56 -27.37 -14.69
N ALA C 213 27.72 -28.39 -14.53
CA ALA C 213 26.69 -28.67 -15.53
C ALA C 213 25.62 -27.59 -15.55
N TYR C 214 25.52 -26.80 -14.48
CA TYR C 214 24.49 -25.78 -14.32
C TYR C 214 25.11 -24.40 -14.17
N ALA C 215 26.26 -24.18 -14.78
CA ALA C 215 26.96 -22.91 -14.63
C ALA C 215 26.17 -21.78 -15.28
N ALA C 216 26.20 -20.61 -14.64
CA ALA C 216 25.55 -19.44 -15.18
C ALA C 216 26.20 -19.03 -16.51
N VAL C 217 25.51 -18.16 -17.24
CA VAL C 217 25.90 -17.88 -18.63
C VAL C 217 27.27 -17.21 -18.68
N ILE C 218 27.51 -16.22 -17.83
CA ILE C 218 28.78 -15.49 -17.88
C ILE C 218 29.95 -16.42 -17.55
N PRO C 219 29.98 -17.13 -16.42
CA PRO C 219 31.10 -18.04 -16.16
C PRO C 219 31.27 -19.12 -17.21
N LYS C 220 30.17 -19.65 -17.77
CA LYS C 220 30.31 -20.71 -18.76
C LYS C 220 30.90 -20.19 -20.06
N TRP C 221 30.38 -19.08 -20.57
CA TRP C 221 30.90 -18.51 -21.80
C TRP C 221 32.34 -18.06 -21.61
N THR C 222 32.67 -17.52 -20.44
CA THR C 222 34.02 -17.05 -20.16
C THR C 222 35.02 -18.20 -20.20
N ALA C 223 34.68 -19.31 -19.55
CA ALA C 223 35.59 -20.46 -19.54
C ALA C 223 35.74 -21.04 -20.95
N ALA C 224 34.63 -21.14 -21.69
CA ALA C 224 34.71 -21.67 -23.04
C ALA C 224 35.58 -20.77 -23.92
N MET C 225 35.40 -19.46 -23.80
CA MET C 225 36.18 -18.54 -24.64
C MET C 225 37.66 -18.58 -24.28
N ILE C 226 37.97 -18.68 -22.99
CA ILE C 226 39.37 -18.78 -22.58
C ILE C 226 39.99 -20.05 -23.14
N LYS C 227 39.24 -21.14 -23.16
CA LYS C 227 39.72 -22.41 -23.67
C LYS C 227 39.51 -22.58 -25.18
N GLY C 228 38.88 -21.62 -25.84
CA GLY C 228 38.66 -21.72 -27.26
C GLY C 228 37.61 -22.72 -27.68
N GLU C 229 36.65 -23.02 -26.81
CA GLU C 229 35.55 -23.92 -27.13
C GLU C 229 34.37 -23.13 -27.70
N ASP C 230 33.37 -23.86 -28.21
CA ASP C 230 32.17 -23.25 -28.76
C ASP C 230 31.35 -22.56 -27.68
N VAL C 231 30.70 -21.46 -28.07
CA VAL C 231 29.76 -20.73 -27.22
C VAL C 231 28.38 -20.79 -27.87
N VAL C 232 27.38 -21.21 -27.09
CA VAL C 232 26.02 -21.41 -27.59
C VAL C 232 25.10 -20.40 -26.94
N ILE C 233 24.26 -19.76 -27.74
CA ILE C 233 23.22 -18.84 -27.28
C ILE C 233 21.88 -19.56 -27.40
N ASN C 234 21.17 -19.69 -26.27
CA ASN C 234 19.88 -20.37 -26.24
C ASN C 234 18.80 -19.39 -26.69
N GLY C 235 18.49 -19.42 -27.99
CA GLY C 235 17.45 -18.60 -28.56
C GLY C 235 17.99 -17.71 -29.67
N ASP C 236 17.34 -16.55 -29.84
CA ASP C 236 17.69 -15.61 -30.89
C ASP C 236 18.75 -14.60 -30.48
N GLY C 237 19.16 -14.57 -29.23
CA GLY C 237 20.19 -13.64 -28.74
C GLY C 237 19.68 -12.28 -28.28
N GLN C 238 18.41 -11.96 -28.50
CA GLN C 238 17.80 -10.73 -27.99
C GLN C 238 17.30 -10.87 -26.56
N THR C 239 17.30 -12.09 -26.02
CA THR C 239 16.98 -12.28 -24.61
C THR C 239 17.86 -11.38 -23.77
N SER C 240 17.25 -10.53 -22.96
CA SER C 240 17.97 -9.51 -22.21
C SER C 240 17.88 -9.78 -20.72
N ARG C 241 18.89 -9.31 -19.99
CA ARG C 241 18.98 -9.48 -18.55
C ARG C 241 19.59 -8.23 -17.92
N ASP C 242 19.35 -8.07 -16.63
CA ASP C 242 19.94 -6.99 -15.84
C ASP C 242 21.07 -7.59 -15.00
N PHE C 243 22.23 -7.72 -15.62
CA PHE C 243 23.38 -8.33 -14.95
C PHE C 243 23.92 -7.41 -13.86
N CYS C 244 24.10 -7.97 -12.67
CA CYS C 244 24.47 -7.23 -11.47
C CYS C 244 25.81 -7.73 -10.98
N PHE C 245 26.82 -6.86 -11.00
CA PHE C 245 28.13 -7.24 -10.48
C PHE C 245 28.00 -7.55 -8.99
N VAL C 246 28.78 -8.54 -8.54
CA VAL C 246 28.59 -9.08 -7.19
C VAL C 246 28.82 -8.02 -6.13
N GLU C 247 29.69 -7.05 -6.37
CA GLU C 247 29.94 -6.01 -5.37
C GLU C 247 28.69 -5.16 -5.13
N ASN C 248 27.85 -4.99 -6.16
CA ASN C 248 26.58 -4.31 -5.93
C ASN C 248 25.70 -5.11 -4.96
N ALA C 249 25.66 -6.42 -5.13
CA ALA C 249 24.89 -7.25 -4.22
C ALA C 249 25.47 -7.20 -2.81
N VAL C 250 26.80 -7.16 -2.70
CA VAL C 250 27.43 -7.04 -1.39
C VAL C 250 26.96 -5.79 -0.69
N GLN C 251 26.96 -4.67 -1.40
CA GLN C 251 26.48 -3.42 -0.81
C GLN C 251 25.04 -3.55 -0.35
N ALA C 252 24.21 -4.23 -1.15
CA ALA C 252 22.79 -4.37 -0.79
C ALA C 252 22.63 -5.20 0.47
N ASN C 253 23.44 -6.25 0.65
CA ASN C 253 23.32 -7.08 1.84
C ASN C 253 23.66 -6.29 3.09
N LEU C 254 24.75 -5.53 3.06
CA LEU C 254 25.16 -4.78 4.25
C LEU C 254 24.19 -3.65 4.57
N LEU C 255 23.71 -2.94 3.54
CA LEU C 255 22.73 -1.89 3.78
C LEU C 255 21.44 -2.48 4.36
N ALA C 256 20.99 -3.61 3.81
CA ALA C 256 19.79 -4.25 4.32
C ALA C 256 19.99 -4.75 5.74
N ALA C 257 21.17 -5.28 6.04
CA ALA C 257 21.42 -5.86 7.36
C ALA C 257 21.40 -4.81 8.47
N MET C 258 21.86 -3.59 8.17
CA MET C 258 21.94 -2.54 9.18
C MET C 258 20.77 -1.56 9.12
N ALA C 259 19.77 -1.82 8.28
CA ALA C 259 18.66 -0.89 8.13
C ALA C 259 17.77 -0.90 9.37
N ALA C 260 17.05 0.19 9.56
CA ALA C 260 16.06 0.30 10.63
C ALA C 260 14.83 -0.51 10.27
N PRO C 261 13.89 -0.68 11.21
CA PRO C 261 12.65 -1.40 10.87
C PRO C 261 11.86 -0.74 9.75
N GLU C 262 11.99 0.59 9.57
CA GLU C 262 11.39 1.26 8.41
C GLU C 262 12.09 0.92 7.08
N GLY C 263 12.93 -0.12 7.11
CA GLY C 263 13.61 -0.62 5.93
C GLY C 263 13.69 -2.13 5.98
N ALA C 264 13.19 -2.71 7.07
CA ALA C 264 13.12 -4.15 7.27
C ALA C 264 11.70 -4.65 6.97
N ASN C 265 11.58 -5.98 6.90
CA ASN C 265 10.36 -6.62 6.44
C ASN C 265 9.99 -6.13 5.04
N GLN C 266 11.02 -6.00 4.20
CA GLN C 266 10.88 -5.49 2.85
C GLN C 266 11.56 -6.44 1.88
N VAL C 267 11.15 -6.36 0.61
CA VAL C 267 11.82 -7.06 -0.48
C VAL C 267 12.30 -6.02 -1.48
N TYR C 268 13.55 -6.16 -1.93
CA TYR C 268 14.19 -5.16 -2.76
C TYR C 268 14.79 -5.78 -4.00
N ASN C 269 14.61 -5.11 -5.14
CA ASN C 269 15.37 -5.47 -6.33
C ASN C 269 16.82 -5.05 -6.15
N VAL C 270 17.74 -5.93 -6.54
CA VAL C 270 19.17 -5.67 -6.46
C VAL C 270 19.73 -5.87 -7.86
N ALA C 271 19.91 -4.78 -8.59
CA ALA C 271 20.40 -4.84 -9.97
C ALA C 271 20.93 -3.45 -10.32
N TYR C 272 21.14 -3.20 -11.62
CA TYR C 272 21.63 -1.92 -12.08
C TYR C 272 20.61 -1.10 -12.86
N ASN C 273 19.43 -1.64 -13.13
CA ASN C 273 18.45 -1.00 -14.00
C ASN C 273 19.02 -0.80 -15.40
N ALA C 274 19.39 -1.92 -16.02
CA ALA C 274 19.98 -1.88 -17.35
C ALA C 274 19.61 -3.14 -18.13
N ARG C 275 19.77 -3.06 -19.46
CA ARG C 275 19.39 -4.14 -20.36
C ARG C 275 20.63 -4.62 -21.09
N THR C 276 20.83 -5.95 -21.13
CA THR C 276 21.92 -6.52 -21.91
C THR C 276 21.42 -7.81 -22.55
N THR C 277 21.34 -7.81 -23.88
CA THR C 277 20.94 -9.01 -24.59
C THR C 277 22.07 -10.04 -24.55
N LEU C 278 21.74 -11.27 -24.94
CA LEU C 278 22.74 -12.33 -24.90
C LEU C 278 23.81 -12.11 -25.97
N THR C 279 23.42 -11.59 -27.14
CA THR C 279 24.42 -11.32 -28.17
C THR C 279 25.34 -10.18 -27.75
N GLU C 280 24.79 -9.14 -27.14
CA GLU C 280 25.62 -8.05 -26.63
C GLU C 280 26.56 -8.56 -25.55
N LEU C 281 26.07 -9.46 -24.68
CA LEU C 281 26.93 -10.02 -23.64
C LEU C 281 28.09 -10.76 -24.25
N PHE C 282 27.84 -11.55 -25.30
CA PHE C 282 28.93 -12.23 -25.99
C PHE C 282 29.94 -11.22 -26.50
N GLU C 283 29.47 -10.11 -27.06
CA GLU C 283 30.38 -9.07 -27.55
C GLU C 283 31.21 -8.51 -26.40
N HIS C 284 30.59 -8.28 -25.25
CA HIS C 284 31.30 -7.72 -24.10
C HIS C 284 32.37 -8.66 -23.59
N LEU C 285 32.06 -9.96 -23.51
CA LEU C 285 33.06 -10.92 -23.02
C LEU C 285 34.25 -11.01 -23.97
N ARG C 286 33.99 -11.02 -25.28
CA ARG C 286 35.09 -11.11 -26.23
C ARG C 286 35.99 -9.88 -26.14
N ARG C 287 35.37 -8.70 -25.98
CA ARG C 287 36.14 -7.46 -25.91
C ARG C 287 36.95 -7.38 -24.63
N THR C 288 36.33 -7.73 -23.49
CA THR C 288 37.05 -7.64 -22.21
C THR C 288 38.22 -8.61 -22.17
N LEU C 289 38.02 -9.84 -22.65
CA LEU C 289 39.12 -10.80 -22.68
C LEU C 289 40.22 -10.34 -23.62
N ALA C 290 39.86 -9.72 -24.74
CA ALA C 290 40.85 -9.18 -25.66
C ALA C 290 41.73 -8.12 -25.00
N GLY C 291 41.15 -7.34 -24.08
CA GLY C 291 41.93 -6.35 -23.37
C GLY C 291 42.96 -6.94 -22.44
N GLN C 292 42.82 -8.24 -22.12
CA GLN C 292 43.79 -8.96 -21.30
C GLN C 292 44.62 -9.94 -22.13
N GLY C 293 44.74 -9.68 -23.43
CA GLY C 293 45.52 -10.53 -24.31
C GLY C 293 44.95 -11.91 -24.56
N VAL C 294 43.63 -12.05 -24.55
CA VAL C 294 42.96 -13.32 -24.78
C VAL C 294 42.09 -13.17 -26.01
N SER C 295 42.43 -13.91 -27.07
CA SER C 295 41.71 -13.83 -28.33
C SER C 295 40.64 -14.90 -28.42
N TYR C 296 39.46 -14.50 -28.92
CA TYR C 296 38.39 -15.43 -29.25
C TYR C 296 37.75 -14.94 -30.55
N GLU C 297 38.03 -15.64 -31.64
CA GLU C 297 37.64 -15.21 -32.98
C GLU C 297 36.42 -15.94 -33.52
N LYS C 298 35.85 -16.86 -32.77
CA LYS C 298 34.73 -17.66 -33.23
C LYS C 298 33.40 -16.94 -33.00
N ALA C 299 32.42 -17.23 -33.87
CA ALA C 299 31.11 -16.62 -33.79
C ALA C 299 30.19 -17.42 -32.88
N PRO C 300 29.18 -16.79 -32.30
CA PRO C 300 28.23 -17.54 -31.47
C PRO C 300 27.40 -18.52 -32.29
N VAL C 301 27.04 -19.62 -31.63
CA VAL C 301 26.20 -20.66 -32.23
C VAL C 301 24.79 -20.47 -31.69
N TYR C 302 23.85 -20.10 -32.57
CA TYR C 302 22.48 -19.83 -32.18
C TYR C 302 21.66 -21.12 -32.22
N ALA C 303 21.08 -21.48 -31.07
CA ALA C 303 20.30 -22.70 -30.90
C ALA C 303 18.90 -22.35 -30.40
N GLU C 304 18.14 -23.38 -30.05
CA GLU C 304 16.76 -23.20 -29.61
C GLU C 304 16.72 -22.57 -28.21
N PHE C 305 15.55 -22.04 -27.87
CA PHE C 305 15.34 -21.43 -26.56
C PHE C 305 15.41 -22.48 -25.46
N ARG C 306 15.78 -22.04 -24.26
CA ARG C 306 15.86 -22.89 -23.08
C ARG C 306 14.51 -22.90 -22.36
N ALA C 307 14.09 -24.08 -21.94
CA ALA C 307 12.76 -24.24 -21.38
C ALA C 307 12.53 -23.30 -20.19
N GLY C 308 11.45 -22.52 -20.28
CA GLY C 308 10.98 -21.76 -19.15
C GLY C 308 11.75 -20.49 -18.85
N ASP C 309 12.74 -20.13 -19.64
CA ASP C 309 13.53 -18.94 -19.35
C ASP C 309 12.73 -17.69 -19.72
N VAL C 310 12.66 -16.74 -18.78
CA VAL C 310 12.10 -15.44 -19.10
C VAL C 310 12.90 -14.82 -20.23
N ARG C 311 12.21 -14.09 -21.10
CA ARG C 311 12.88 -13.51 -22.26
C ARG C 311 13.54 -12.19 -21.93
N HIS C 312 12.96 -11.41 -21.02
CA HIS C 312 13.49 -10.09 -20.68
C HIS C 312 13.35 -9.82 -19.20
N SER C 313 14.42 -9.37 -18.57
CA SER C 313 14.39 -9.00 -17.15
C SER C 313 15.19 -7.74 -16.95
N GLN C 314 14.53 -6.70 -16.41
CA GLN C 314 15.18 -5.47 -16.02
C GLN C 314 14.53 -5.01 -14.73
N ALA C 315 15.33 -4.50 -13.79
CA ALA C 315 14.86 -4.20 -12.45
C ALA C 315 14.80 -2.71 -12.19
N ASP C 316 13.73 -2.27 -11.54
CA ASP C 316 13.64 -0.93 -10.98
C ASP C 316 14.22 -0.97 -9.57
N ILE C 317 15.32 -0.26 -9.35
CA ILE C 317 16.00 -0.26 -8.07
C ILE C 317 15.67 0.99 -7.25
N GLY C 318 14.58 1.68 -7.60
CA GLY C 318 14.23 2.89 -6.86
C GLY C 318 13.91 2.61 -5.40
N LYS C 319 13.28 1.47 -5.13
CA LYS C 319 12.92 1.14 -3.75
C LYS C 319 14.17 0.95 -2.89
N ALA C 320 15.17 0.24 -3.41
CA ALA C 320 16.39 0.03 -2.66
C ALA C 320 17.15 1.34 -2.45
N GLY C 321 17.11 2.23 -3.44
CA GLY C 321 17.79 3.51 -3.29
C GLY C 321 17.18 4.38 -2.20
N LYS C 322 15.84 4.44 -2.16
CA LYS C 322 15.18 5.34 -1.22
C LYS C 322 15.26 4.81 0.20
N LEU C 323 15.07 3.51 0.40
CA LEU C 323 14.95 2.96 1.74
C LEU C 323 16.28 2.45 2.30
N LEU C 324 17.22 2.06 1.44
CA LEU C 324 18.50 1.54 1.90
C LEU C 324 19.69 2.40 1.52
N GLY C 325 19.52 3.36 0.62
CA GLY C 325 20.67 4.11 0.13
C GLY C 325 21.48 3.35 -0.90
N TYR C 326 20.86 2.42 -1.61
CA TYR C 326 21.57 1.56 -2.56
C TYR C 326 21.96 2.38 -3.77
N GLU C 327 23.27 2.57 -3.95
CA GLU C 327 23.85 3.28 -5.10
C GLU C 327 24.84 2.33 -5.75
N PRO C 328 24.40 1.45 -6.65
CA PRO C 328 25.34 0.50 -7.26
C PRO C 328 26.44 1.22 -8.01
N ALA C 329 27.67 0.73 -7.84
CA ALA C 329 28.84 1.37 -8.42
C ALA C 329 29.31 0.74 -9.72
N TYR C 330 28.87 -0.48 -10.02
CA TYR C 330 29.39 -1.23 -11.16
C TYR C 330 28.28 -1.49 -12.17
N ASP C 331 28.47 -0.99 -13.39
CA ASP C 331 27.66 -1.47 -14.50
C ASP C 331 28.23 -2.81 -14.96
N ILE C 332 27.59 -3.41 -15.96
CA ILE C 332 28.01 -4.73 -16.42
C ILE C 332 29.44 -4.68 -16.94
N LEU C 333 29.77 -3.65 -17.71
CA LEU C 333 31.08 -3.61 -18.36
C LEU C 333 32.21 -3.45 -17.34
N ARG C 334 32.02 -2.57 -16.35
CA ARG C 334 33.03 -2.41 -15.32
C ARG C 334 33.17 -3.67 -14.48
N GLY C 335 32.06 -4.34 -14.19
CA GLY C 335 32.12 -5.59 -13.45
C GLY C 335 32.84 -6.69 -14.23
N LEU C 336 32.59 -6.75 -15.54
CA LEU C 336 33.26 -7.76 -16.36
C LEU C 336 34.76 -7.54 -16.38
N GLU C 337 35.20 -6.29 -16.50
CA GLU C 337 36.63 -6.00 -16.51
C GLU C 337 37.28 -6.43 -15.20
N ALA C 338 36.58 -6.25 -14.08
CA ALA C 338 37.14 -6.64 -12.78
C ALA C 338 37.13 -8.15 -12.59
N ALA C 339 36.15 -8.85 -13.18
CA ALA C 339 35.98 -10.27 -12.93
C ALA C 339 36.76 -11.17 -13.88
N MET C 340 36.97 -10.74 -15.12
CA MET C 340 37.67 -11.58 -16.09
C MET C 340 39.05 -12.02 -15.61
N PRO C 341 39.87 -11.17 -14.99
CA PRO C 341 41.18 -11.64 -14.53
C PRO C 341 41.08 -12.83 -13.58
N TRP C 342 40.02 -12.92 -12.78
CA TRP C 342 39.87 -14.10 -11.92
C TRP C 342 39.75 -15.37 -12.74
N TYR C 343 39.04 -15.31 -13.87
CA TYR C 343 38.82 -16.50 -14.68
C TYR C 343 40.06 -16.89 -15.48
N THR C 344 40.81 -15.91 -15.98
CA THR C 344 42.07 -16.24 -16.66
C THR C 344 43.06 -16.85 -15.67
N GLN C 345 43.13 -16.29 -14.46
CA GLN C 345 43.98 -16.87 -13.42
C GLN C 345 43.48 -18.23 -12.98
N PHE C 346 42.15 -18.39 -12.92
CA PHE C 346 41.57 -19.61 -12.38
C PHE C 346 41.76 -20.78 -13.33
N LEU C 347 41.72 -20.54 -14.63
CA LEU C 347 41.85 -21.60 -15.63
C LEU C 347 43.28 -21.71 -16.13
N ARG C 348 43.83 -20.62 -16.68
CA ARG C 348 45.18 -20.61 -17.20
C ARG C 348 45.40 -21.68 -18.27
N ASN D 10 14.60 54.84 2.23
CA ASN D 10 14.62 53.41 1.93
C ASN D 10 14.36 52.60 3.20
N ARG D 11 13.20 51.94 3.26
CA ARG D 11 12.87 51.17 4.45
C ARG D 11 13.84 50.00 4.65
N PHE D 12 14.32 49.40 3.56
CA PHE D 12 15.20 48.25 3.69
C PHE D 12 16.51 48.64 4.37
N GLU D 13 17.07 49.80 4.02
CA GLU D 13 18.29 50.25 4.68
C GLU D 13 18.05 50.47 6.17
N THR D 14 16.92 51.09 6.52
CA THR D 14 16.60 51.27 7.94
C THR D 14 16.43 49.92 8.63
N THR D 15 15.80 48.96 7.95
CA THR D 15 15.59 47.66 8.56
C THR D 15 16.91 46.95 8.82
N CYS D 16 17.84 47.00 7.86
CA CYS D 16 19.13 46.34 8.03
C CYS D 16 19.94 47.00 9.14
N ALA D 17 19.91 48.33 9.21
CA ALA D 17 20.60 49.01 10.30
C ALA D 17 19.98 48.64 11.64
N GLN D 18 18.65 48.52 11.67
CA GLN D 18 17.97 48.13 12.90
C GLN D 18 18.33 46.72 13.32
N LEU D 19 18.43 45.79 12.35
CA LEU D 19 18.75 44.41 12.71
C LEU D 19 20.18 44.30 13.24
N ARG D 20 21.11 45.01 12.62
CA ARG D 20 22.49 45.01 13.11
C ARG D 20 22.59 45.57 14.51
N ALA D 21 21.84 46.65 14.79
CA ALA D 21 21.84 47.23 16.13
C ALA D 21 20.98 46.43 17.10
N GLN D 22 19.97 45.72 16.60
CA GLN D 22 19.00 45.00 17.41
C GLN D 22 18.84 43.59 16.86
N PRO D 23 19.85 42.74 17.00
CA PRO D 23 19.78 41.43 16.35
C PRO D 23 18.60 40.62 16.85
N GLN D 24 17.92 39.98 15.92
CA GLN D 24 16.89 38.98 16.20
C GLN D 24 17.49 37.60 15.97
N LYS D 25 16.77 36.59 16.44
CA LYS D 25 17.07 35.20 16.10
C LYS D 25 16.03 34.72 15.09
N TRP D 26 16.50 34.19 13.98
CA TRP D 26 15.64 33.83 12.87
C TRP D 26 15.62 32.31 12.69
N LEU D 27 14.62 31.84 11.96
CA LEU D 27 14.56 30.47 11.48
C LEU D 27 14.26 30.54 10.00
N VAL D 28 15.06 29.85 9.18
CA VAL D 28 14.82 29.77 7.75
C VAL D 28 14.65 28.29 7.41
N THR D 29 13.45 27.90 7.01
CA THR D 29 13.22 26.56 6.49
C THR D 29 13.52 26.55 5.00
N GLY D 30 14.01 25.41 4.52
CA GLY D 30 14.53 25.36 3.17
C GLY D 30 15.82 26.13 3.01
N CYS D 31 16.60 26.26 4.08
CA CYS D 31 17.81 27.09 4.05
C CYS D 31 18.88 26.52 3.12
N ALA D 32 18.83 25.22 2.81
CA ALA D 32 19.77 24.61 1.89
C ALA D 32 19.35 24.77 0.44
N GLY D 33 18.22 25.43 0.18
CA GLY D 33 17.71 25.61 -1.17
C GLY D 33 18.06 26.98 -1.73
N PHE D 34 17.44 27.28 -2.87
CA PHE D 34 17.75 28.49 -3.64
C PHE D 34 17.46 29.75 -2.83
N ILE D 35 16.18 30.01 -2.54
CA ILE D 35 15.83 31.23 -1.84
C ILE D 35 16.30 31.16 -0.39
N GLY D 36 16.21 29.98 0.22
CA GLY D 36 16.59 29.84 1.62
C GLY D 36 18.05 30.18 1.87
N SER D 37 18.94 29.72 0.99
CA SER D 37 20.36 29.97 1.19
C SER D 37 20.72 31.43 0.92
N ASN D 38 20.00 32.10 0.02
CA ASN D 38 20.21 33.54 -0.16
C ASN D 38 19.74 34.32 1.05
N LEU D 39 18.62 33.89 1.65
CA LEU D 39 18.19 34.51 2.91
C LEU D 39 19.21 34.28 4.00
N LEU D 40 19.75 33.06 4.09
CA LEU D 40 20.71 32.76 5.14
C LEU D 40 21.96 33.60 5.00
N GLU D 41 22.46 33.75 3.77
CA GLU D 41 23.66 34.55 3.56
C GLU D 41 23.44 35.99 3.97
N THR D 42 22.29 36.56 3.61
CA THR D 42 22.01 37.95 3.96
C THR D 42 21.86 38.12 5.47
N LEU D 43 21.15 37.21 6.12
CA LEU D 43 20.93 37.33 7.56
C LEU D 43 22.23 37.18 8.35
N LEU D 44 23.04 36.18 7.99
CA LEU D 44 24.32 36.01 8.65
C LEU D 44 25.24 37.20 8.36
N GLY D 45 25.12 37.80 7.17
CA GLY D 45 25.86 39.00 6.85
C GLY D 45 25.41 40.22 7.62
N LEU D 46 24.26 40.16 8.28
CA LEU D 46 23.80 41.19 9.17
C LEU D 46 24.05 40.84 10.64
N ASP D 47 24.85 39.79 10.89
CA ASP D 47 25.22 39.38 12.24
C ASP D 47 24.03 38.86 13.05
N GLN D 48 23.07 38.25 12.37
CA GLN D 48 21.93 37.64 13.03
C GLN D 48 22.25 36.21 13.42
N ALA D 49 21.59 35.73 14.47
CA ALA D 49 21.58 34.31 14.78
C ALA D 49 20.49 33.65 13.96
N VAL D 50 20.81 32.54 13.30
CA VAL D 50 19.90 31.89 12.37
C VAL D 50 19.88 30.40 12.64
N VAL D 51 18.67 29.82 12.69
CA VAL D 51 18.46 28.39 12.71
C VAL D 51 17.96 27.98 11.35
N GLY D 52 18.43 26.83 10.86
CA GLY D 52 18.04 26.33 9.56
C GLY D 52 17.41 24.97 9.67
N LEU D 53 16.45 24.69 8.81
CA LEU D 53 15.79 23.39 8.76
C LEU D 53 15.65 22.98 7.31
N ASP D 54 16.16 21.80 6.96
CA ASP D 54 16.10 21.33 5.59
C ASP D 54 16.37 19.82 5.58
N ASN D 55 15.68 19.12 4.68
CA ASN D 55 15.84 17.68 4.53
C ASN D 55 16.58 17.31 3.25
N PHE D 56 17.09 18.29 2.51
CA PHE D 56 17.88 18.06 1.30
C PHE D 56 17.07 17.31 0.24
N ALA D 57 15.75 17.50 0.24
CA ALA D 57 14.92 16.92 -0.82
C ALA D 57 15.26 17.54 -2.17
N THR D 58 15.45 18.87 -2.21
CA THR D 58 15.86 19.56 -3.41
C THR D 58 17.01 20.53 -3.18
N GLY D 59 17.34 20.87 -1.93
CA GLY D 59 18.52 21.66 -1.65
C GLY D 59 19.78 20.83 -1.58
N HIS D 60 20.90 21.52 -1.43
CA HIS D 60 22.21 20.89 -1.50
C HIS D 60 23.11 21.38 -0.37
N GLN D 61 23.93 20.47 0.16
CA GLN D 61 24.91 20.85 1.15
C GLN D 61 25.86 21.90 0.58
N HIS D 62 26.16 21.84 -0.72
CA HIS D 62 27.11 22.80 -1.29
C HIS D 62 26.54 24.21 -1.31
N ASN D 63 25.21 24.37 -1.27
CA ASN D 63 24.66 25.69 -1.07
C ASN D 63 25.01 26.22 0.32
N LEU D 64 24.94 25.37 1.34
CA LEU D 64 25.36 25.79 2.67
C LEU D 64 26.85 26.09 2.72
N ASP D 65 27.67 25.26 2.06
CA ASP D 65 29.11 25.50 2.08
C ASP D 65 29.45 26.81 1.38
N GLU D 66 28.74 27.12 0.30
CA GLU D 66 28.97 28.39 -0.39
C GLU D 66 28.63 29.57 0.51
N VAL D 67 27.54 29.47 1.26
CA VAL D 67 27.20 30.52 2.23
C VAL D 67 28.31 30.66 3.26
N ARG D 68 28.87 29.55 3.71
CA ARG D 68 29.94 29.59 4.70
C ARG D 68 31.16 30.33 4.15
N ALA D 69 31.50 30.09 2.89
CA ALA D 69 32.64 30.76 2.29
C ALA D 69 32.39 32.25 2.11
N ALA D 70 31.12 32.66 2.00
CA ALA D 70 30.79 34.05 1.73
C ALA D 70 30.71 34.90 2.99
N VAL D 71 30.31 34.31 4.13
CA VAL D 71 30.19 35.05 5.37
C VAL D 71 31.45 34.84 6.19
N THR D 72 31.67 35.73 7.15
CA THR D 72 32.83 35.62 8.02
C THR D 72 32.68 34.43 8.96
N PRO D 73 33.79 33.90 9.48
CA PRO D 73 33.67 32.80 10.45
C PRO D 73 32.86 33.19 11.68
N GLU D 74 32.96 34.45 12.12
CA GLU D 74 32.17 34.89 13.26
C GLU D 74 30.68 34.82 12.95
N GLN D 75 30.29 35.25 11.75
CA GLN D 75 28.88 35.21 11.37
C GLN D 75 28.40 33.77 11.22
N TRP D 76 29.23 32.89 10.65
CA TRP D 76 28.86 31.49 10.50
C TRP D 76 28.71 30.80 11.85
N ALA D 77 29.41 31.28 12.88
CA ALA D 77 29.31 30.70 14.21
C ALA D 77 27.92 30.88 14.81
N ARG D 78 27.12 31.81 14.29
CA ARG D 78 25.77 32.05 14.79
C ARG D 78 24.72 31.22 14.08
N PHE D 79 25.12 30.27 13.24
CA PHE D 79 24.20 29.45 12.46
C PHE D 79 24.12 28.05 13.03
N THR D 80 22.91 27.63 13.38
CA THR D 80 22.63 26.26 13.79
C THR D 80 21.83 25.61 12.67
N PHE D 81 22.32 24.48 12.16
CA PHE D 81 21.63 23.76 11.10
C PHE D 81 20.99 22.50 11.66
N ILE D 82 19.73 22.28 11.29
CA ILE D 82 18.97 21.11 11.69
C ILE D 82 18.55 20.42 10.39
N GLU D 83 19.06 19.22 10.17
CA GLU D 83 18.57 18.39 9.08
C GLU D 83 17.28 17.73 9.55
N GLY D 84 16.16 18.15 9.01
CA GLY D 84 14.88 17.68 9.49
C GLY D 84 13.78 17.94 8.48
N ASP D 85 12.64 17.31 8.74
CA ASP D 85 11.51 17.31 7.83
C ASP D 85 10.35 18.08 8.45
N ILE D 86 9.79 19.03 7.70
CA ILE D 86 8.67 19.79 8.22
C ILE D 86 7.42 18.92 8.33
N ARG D 87 7.39 17.78 7.66
CA ARG D 87 6.29 16.84 7.83
C ARG D 87 6.31 16.20 9.21
N ASP D 88 7.44 16.25 9.89
CA ASP D 88 7.57 15.74 11.26
C ASP D 88 7.40 16.94 12.20
N LEU D 89 6.28 16.97 12.94
CA LEU D 89 5.98 18.12 13.78
C LEU D 89 7.05 18.34 14.84
N ALA D 90 7.61 17.25 15.37
CA ALA D 90 8.65 17.39 16.39
C ALA D 90 9.84 18.19 15.88
N ALA D 91 10.19 18.03 14.61
CA ALA D 91 11.27 18.83 14.03
C ALA D 91 10.92 20.30 13.99
N CYS D 92 9.68 20.63 13.58
CA CYS D 92 9.28 22.04 13.50
C CYS D 92 9.30 22.70 14.86
N GLN D 93 8.81 22.01 15.90
CA GLN D 93 8.79 22.60 17.23
C GLN D 93 10.19 22.87 17.74
N ARG D 94 11.11 21.93 17.52
CA ARG D 94 12.50 22.15 17.91
C ARG D 94 13.11 23.32 17.15
N ALA D 95 12.75 23.47 15.87
CA ALA D 95 13.38 24.50 15.03
C ALA D 95 12.91 25.90 15.39
N VAL D 96 11.65 26.06 15.81
CA VAL D 96 11.13 27.39 16.11
C VAL D 96 11.40 27.80 17.56
N GLN D 97 12.06 26.96 18.34
CA GLN D 97 12.25 27.24 19.75
C GLN D 97 13.15 28.45 19.94
N GLY D 98 12.70 29.38 20.77
CA GLY D 98 13.48 30.58 21.04
C GLY D 98 13.65 31.52 19.87
N VAL D 99 12.86 31.37 18.83
CA VAL D 99 13.01 32.15 17.59
C VAL D 99 12.02 33.30 17.58
N ASP D 100 12.46 34.43 17.04
CA ASP D 100 11.63 35.63 16.88
C ASP D 100 11.00 35.76 15.51
N ARG D 101 11.72 35.39 14.44
CA ARG D 101 11.24 35.59 13.08
C ARG D 101 11.43 34.29 12.31
N VAL D 102 10.37 33.84 11.65
CA VAL D 102 10.40 32.62 10.83
C VAL D 102 10.23 33.01 9.37
N LEU D 103 11.10 32.49 8.51
CA LEU D 103 11.01 32.64 7.07
C LEU D 103 10.86 31.23 6.50
N HIS D 104 9.62 30.86 6.20
CA HIS D 104 9.30 29.50 5.77
C HIS D 104 9.41 29.41 4.25
N GLN D 105 10.43 28.69 3.77
CA GLN D 105 10.62 28.44 2.35
C GLN D 105 10.54 26.97 1.98
N ALA D 106 10.63 26.06 2.95
CA ALA D 106 10.65 24.63 2.65
C ALA D 106 9.36 24.23 1.92
N ALA D 107 9.52 23.63 0.75
CA ALA D 107 8.39 23.17 -0.06
C ALA D 107 8.95 22.40 -1.25
N LEU D 108 8.04 21.87 -2.06
CA LEU D 108 8.36 21.22 -3.32
C LEU D 108 7.70 22.00 -4.45
N GLY D 109 8.51 22.75 -5.21
CA GLY D 109 8.02 23.52 -6.34
C GLY D 109 7.71 22.67 -7.54
N SER D 110 7.87 23.24 -8.73
CA SER D 110 7.71 22.49 -9.97
C SER D 110 6.30 21.93 -10.15
N VAL D 111 5.38 22.79 -10.57
CA VAL D 111 4.07 22.34 -11.04
C VAL D 111 4.16 20.99 -11.75
N PRO D 112 5.08 20.79 -12.71
CA PRO D 112 5.16 19.46 -13.35
C PRO D 112 5.40 18.33 -12.35
N ARG D 113 6.22 18.55 -11.33
CA ARG D 113 6.44 17.52 -10.32
C ARG D 113 5.15 17.16 -9.61
N SER D 114 4.35 18.18 -9.26
CA SER D 114 3.11 17.92 -8.53
C SER D 114 2.12 17.13 -9.37
N LEU D 115 2.16 17.29 -10.70
CA LEU D 115 1.28 16.52 -11.56
C LEU D 115 1.67 15.05 -11.58
N LYS D 116 2.97 14.76 -11.51
CA LYS D 116 3.43 13.38 -11.46
C LYS D 116 3.09 12.73 -10.13
N ASP D 117 3.30 13.44 -9.03
CA ASP D 117 3.17 12.89 -7.68
C ASP D 117 2.45 13.91 -6.80
N PRO D 118 1.15 14.08 -6.98
CA PRO D 118 0.42 15.08 -6.17
C PRO D 118 0.46 14.79 -4.68
N ILE D 119 0.51 13.52 -4.27
CA ILE D 119 0.43 13.20 -2.85
C ILE D 119 1.65 13.74 -2.10
N THR D 120 2.85 13.52 -2.65
CA THR D 120 4.05 13.98 -1.96
C THR D 120 4.10 15.51 -1.89
N THR D 121 3.70 16.18 -2.98
CA THR D 121 3.65 17.63 -2.96
C THR D 121 2.64 18.12 -1.91
N ASN D 122 1.51 17.42 -1.80
CA ASN D 122 0.51 17.77 -0.80
C ASN D 122 1.05 17.56 0.61
N GLU D 123 1.80 16.47 0.81
CA GLU D 123 2.30 16.12 2.13
C GLU D 123 3.21 17.20 2.68
N VAL D 124 4.12 17.71 1.85
CA VAL D 124 5.08 18.71 2.31
C VAL D 124 4.45 20.10 2.35
N ASN D 125 3.75 20.47 1.27
CA ASN D 125 3.37 21.86 1.08
C ASN D 125 2.16 22.26 1.92
N ILE D 126 1.22 21.34 2.16
CA ILE D 126 0.09 21.65 3.03
C ILE D 126 0.37 21.08 4.42
N GLY D 127 0.59 19.77 4.50
CA GLY D 127 0.85 19.17 5.80
C GLY D 127 2.07 19.78 6.48
N GLY D 128 3.17 19.93 5.74
CA GLY D 128 4.35 20.53 6.30
C GLY D 128 4.15 21.98 6.67
N PHE D 129 3.45 22.74 5.83
CA PHE D 129 3.19 24.13 6.16
C PHE D 129 2.36 24.25 7.43
N LEU D 130 1.33 23.40 7.58
CA LEU D 130 0.48 23.47 8.76
C LEU D 130 1.26 23.10 10.02
N ASN D 131 2.19 22.15 9.91
CA ASN D 131 3.05 21.85 11.06
C ASN D 131 3.86 23.07 11.47
N MET D 132 4.43 23.79 10.50
CA MET D 132 5.21 24.98 10.82
C MET D 132 4.34 26.09 11.39
N LEU D 133 3.13 26.26 10.84
CA LEU D 133 2.25 27.31 11.33
C LEU D 133 1.83 27.07 12.77
N VAL D 134 1.52 25.81 13.11
CA VAL D 134 1.14 25.49 14.49
C VAL D 134 2.33 25.61 15.42
N ALA D 135 3.50 25.11 14.99
CA ALA D 135 4.68 25.19 15.84
C ALA D 135 5.06 26.64 16.13
N ALA D 136 5.01 27.50 15.12
CA ALA D 136 5.34 28.90 15.33
C ALA D 136 4.32 29.59 16.23
N ARG D 137 3.04 29.26 16.07
CA ARG D 137 2.01 29.83 16.93
C ARG D 137 2.25 29.47 18.38
N ASP D 138 2.56 28.19 18.64
CA ASP D 138 2.74 27.73 20.00
C ASP D 138 3.99 28.33 20.63
N ALA D 139 5.04 28.50 19.84
CA ALA D 139 6.28 29.11 20.34
C ALA D 139 6.16 30.63 20.48
N GLN D 140 5.07 31.23 19.98
CA GLN D 140 4.86 32.67 20.08
C GLN D 140 6.00 33.46 19.43
N VAL D 141 6.24 33.16 18.15
CA VAL D 141 7.20 33.93 17.38
C VAL D 141 6.62 35.30 17.07
N GLN D 142 7.51 36.27 16.85
CA GLN D 142 7.07 37.63 16.55
C GLN D 142 6.56 37.78 15.12
N ALA D 143 7.00 36.93 14.20
CA ALA D 143 6.60 37.05 12.81
C ALA D 143 6.73 35.70 12.12
N PHE D 144 5.87 35.47 11.13
CA PHE D 144 5.86 34.23 10.36
C PHE D 144 5.62 34.61 8.91
N VAL D 145 6.69 34.66 8.12
CA VAL D 145 6.63 34.96 6.70
C VAL D 145 6.80 33.66 5.94
N TYR D 146 5.87 33.37 5.03
CA TYR D 146 5.88 32.12 4.28
C TYR D 146 5.87 32.39 2.79
N ALA D 147 6.49 31.47 2.05
CA ALA D 147 6.56 31.58 0.59
C ALA D 147 5.23 31.14 0.00
N ALA D 148 4.52 32.07 -0.62
CA ALA D 148 3.37 31.78 -1.45
C ALA D 148 3.80 31.78 -2.91
N SER D 149 2.85 31.66 -3.83
CA SER D 149 3.17 31.56 -5.24
C SER D 149 2.20 32.37 -6.08
N SER D 150 2.72 32.92 -7.17
CA SER D 150 1.90 33.61 -8.17
C SER D 150 1.00 32.65 -8.93
N SER D 151 1.19 31.35 -8.79
CA SER D 151 0.28 30.39 -9.40
C SER D 151 -1.12 30.50 -8.82
N THR D 152 -1.26 31.14 -7.65
CA THR D 152 -2.58 31.31 -7.03
C THR D 152 -3.49 32.17 -7.89
N TYR D 153 -2.94 32.94 -8.84
CA TYR D 153 -3.77 33.70 -9.76
C TYR D 153 -4.43 32.80 -10.79
N GLY D 154 -3.85 31.63 -11.05
CA GLY D 154 -4.53 30.63 -11.85
C GLY D 154 -4.89 31.15 -13.23
N ASP D 155 -6.17 30.99 -13.57
CA ASP D 155 -6.69 31.32 -14.90
C ASP D 155 -7.23 32.75 -14.99
N HIS D 156 -7.11 33.54 -13.94
CA HIS D 156 -7.59 34.92 -14.00
C HIS D 156 -6.85 35.66 -15.11
N PRO D 157 -7.56 36.33 -16.03
CA PRO D 157 -6.89 36.88 -17.22
C PRO D 157 -6.29 38.25 -17.01
N ASP D 158 -6.85 39.03 -16.09
CA ASP D 158 -6.49 40.43 -15.94
C ASP D 158 -5.02 40.62 -15.64
N LEU D 159 -4.42 41.64 -16.27
CA LEU D 159 -3.04 42.05 -16.04
C LEU D 159 -2.99 43.56 -15.81
N PRO D 160 -2.21 44.03 -14.84
CA PRO D 160 -1.33 43.28 -13.92
C PRO D 160 -2.11 42.52 -12.86
N LYS D 161 -1.46 41.58 -12.18
CA LYS D 161 -2.12 40.75 -11.19
C LYS D 161 -2.15 41.49 -9.85
N VAL D 162 -3.35 41.71 -9.33
CA VAL D 162 -3.54 42.37 -8.04
C VAL D 162 -3.98 41.33 -7.01
N GLU D 163 -3.56 41.55 -5.77
CA GLU D 163 -3.70 40.52 -4.75
C GLU D 163 -5.15 40.13 -4.51
N GLU D 164 -6.08 41.08 -4.62
CA GLU D 164 -7.47 40.80 -4.27
C GLU D 164 -8.23 40.06 -5.37
N ARG D 165 -7.64 39.89 -6.55
CA ARG D 165 -8.26 39.20 -7.67
C ARG D 165 -7.42 37.97 -8.02
N ILE D 166 -7.94 36.78 -7.68
CA ILE D 166 -7.24 35.54 -8.01
C ILE D 166 -8.17 34.66 -8.85
N GLY D 167 -7.67 33.51 -9.29
CA GLY D 167 -8.47 32.59 -10.08
C GLY D 167 -8.40 31.17 -9.55
N ASN D 168 -8.83 30.21 -10.36
CA ASN D 168 -8.84 28.81 -9.91
C ASN D 168 -7.45 28.19 -10.08
N PRO D 169 -6.99 27.40 -9.11
CA PRO D 169 -5.70 26.71 -9.29
C PRO D 169 -5.75 25.78 -10.49
N LEU D 170 -4.61 25.68 -11.17
CA LEU D 170 -4.50 24.89 -12.40
C LEU D 170 -3.61 23.67 -12.24
N SER D 171 -3.02 23.47 -11.07
CA SER D 171 -2.15 22.33 -10.83
C SER D 171 -2.25 21.95 -9.36
N PRO D 172 -1.88 20.72 -9.00
CA PRO D 172 -1.85 20.37 -7.57
C PRO D 172 -0.94 21.30 -6.78
N TYR D 173 0.18 21.70 -7.36
CA TYR D 173 1.09 22.62 -6.68
C TYR D 173 0.38 23.94 -6.37
N ALA D 174 -0.34 24.49 -7.35
CA ALA D 174 -1.05 25.75 -7.10
C ALA D 174 -2.07 25.59 -5.98
N VAL D 175 -2.64 24.40 -5.84
CA VAL D 175 -3.57 24.16 -4.73
C VAL D 175 -2.84 24.31 -3.40
N THR D 176 -1.65 23.70 -3.29
CA THR D 176 -0.95 23.71 -2.01
C THR D 176 -0.57 25.13 -1.59
N LYS D 177 -0.05 25.93 -2.53
CA LYS D 177 0.36 27.28 -2.18
C LYS D 177 -0.84 28.16 -1.84
N TYR D 178 -1.96 27.97 -2.53
CA TYR D 178 -3.16 28.70 -2.16
C TYR D 178 -3.65 28.31 -0.77
N VAL D 179 -3.55 27.03 -0.43
CA VAL D 179 -4.01 26.57 0.88
C VAL D 179 -3.17 27.14 2.00
N ASN D 180 -1.89 27.43 1.73
CA ASN D 180 -1.08 28.10 2.74
C ASN D 180 -1.70 29.44 3.12
N GLU D 181 -2.18 30.19 2.14
CA GLU D 181 -2.82 31.47 2.42
C GLU D 181 -4.13 31.27 3.18
N LEU D 182 -4.88 30.22 2.83
CA LEU D 182 -6.16 29.97 3.51
C LEU D 182 -5.93 29.65 4.98
N TYR D 183 -4.94 28.81 5.29
CA TYR D 183 -4.66 28.48 6.69
C TYR D 183 -4.10 29.68 7.44
N ALA D 184 -3.28 30.49 6.77
CA ALA D 184 -2.75 31.70 7.41
C ALA D 184 -3.87 32.66 7.78
N ASP D 185 -4.82 32.85 6.88
CA ASP D 185 -5.97 33.70 7.18
C ASP D 185 -6.81 33.11 8.30
N VAL D 186 -7.02 31.80 8.29
CA VAL D 186 -7.85 31.15 9.30
C VAL D 186 -7.17 31.20 10.67
N PHE D 187 -5.84 31.07 10.71
CA PHE D 187 -5.14 31.13 11.98
C PHE D 187 -5.18 32.54 12.56
N ALA D 188 -5.19 33.57 11.71
CA ALA D 188 -5.38 34.92 12.21
C ALA D 188 -6.79 35.09 12.79
N ARG D 189 -7.80 34.52 12.13
CA ARG D 189 -9.17 34.64 12.64
C ARG D 189 -9.35 33.90 13.95
N SER D 190 -8.91 32.65 14.02
CA SER D 190 -9.30 31.78 15.12
C SER D 190 -8.40 31.97 16.34
N TYR D 191 -7.10 32.17 16.11
CA TYR D 191 -6.13 32.25 17.19
C TYR D 191 -5.44 33.59 17.30
N GLY D 192 -5.70 34.52 16.38
CA GLY D 192 -5.03 35.80 16.42
C GLY D 192 -3.59 35.77 16.00
N PHE D 193 -3.17 34.74 15.26
CA PHE D 193 -1.79 34.58 14.83
C PHE D 193 -1.58 35.31 13.51
N SER D 194 -0.64 36.25 13.49
CA SER D 194 -0.37 37.05 12.30
C SER D 194 0.70 36.39 11.43
N SER D 195 0.57 36.60 10.13
CA SER D 195 1.48 36.01 9.16
CA SER D 195 1.46 36.00 9.16
C SER D 195 1.52 36.89 7.92
N VAL D 196 2.58 36.72 7.13
CA VAL D 196 2.74 37.42 5.86
C VAL D 196 3.06 36.38 4.79
N GLY D 197 2.26 36.36 3.73
CA GLY D 197 2.54 35.52 2.58
C GLY D 197 3.12 36.36 1.46
N LEU D 198 4.14 35.82 0.80
CA LEU D 198 4.81 36.49 -0.31
C LEU D 198 4.57 35.65 -1.56
N ARG D 199 3.69 36.13 -2.43
CA ARG D 199 3.45 35.49 -3.73
C ARG D 199 4.64 35.82 -4.65
N TYR D 200 5.61 34.91 -4.70
CA TYR D 200 6.75 35.08 -5.59
C TYR D 200 6.33 34.95 -7.05
N PHE D 201 6.99 35.72 -7.91
CA PHE D 201 6.83 35.62 -9.37
C PHE D 201 8.17 35.22 -9.96
N ASN D 202 8.36 33.94 -10.26
CA ASN D 202 9.49 33.46 -11.06
C ASN D 202 10.82 34.04 -10.59
N VAL D 203 11.20 33.66 -9.38
CA VAL D 203 12.44 34.14 -8.79
C VAL D 203 13.62 33.42 -9.44
N PHE D 204 14.70 34.16 -9.67
CA PHE D 204 15.90 33.62 -10.29
C PHE D 204 17.12 34.26 -9.65
N GLY D 205 18.24 33.58 -9.76
CA GLY D 205 19.49 34.08 -9.22
C GLY D 205 20.42 32.92 -8.89
N LYS D 206 21.51 33.27 -8.19
CA LYS D 206 22.51 32.28 -7.88
C LYS D 206 21.94 31.17 -7.01
N ARG D 207 22.39 29.94 -7.26
CA ARG D 207 22.05 28.74 -6.51
C ARG D 207 20.64 28.24 -6.77
N GLN D 208 19.98 28.71 -7.83
CA GLN D 208 18.78 28.03 -8.32
C GLN D 208 19.24 26.83 -9.14
N ASP D 209 18.84 25.63 -8.72
CA ASP D 209 19.45 24.41 -9.22
C ASP D 209 19.23 24.27 -10.73
N PRO D 210 20.30 24.17 -11.54
CA PRO D 210 20.11 23.89 -12.97
C PRO D 210 20.03 22.41 -13.27
N ASP D 211 20.55 21.58 -12.36
CA ASP D 211 20.56 20.14 -12.54
C ASP D 211 19.27 19.57 -11.98
N GLY D 212 18.49 18.95 -12.83
CA GLY D 212 17.24 18.33 -12.41
C GLY D 212 16.24 18.29 -13.55
N ALA D 213 15.32 17.32 -13.46
CA ALA D 213 14.23 17.24 -14.42
C ALA D 213 13.25 18.39 -14.26
N TYR D 214 13.29 19.10 -13.14
CA TYR D 214 12.33 20.16 -12.83
C TYR D 214 13.00 21.51 -12.66
N ALA D 215 14.13 21.72 -13.34
CA ALA D 215 14.85 22.98 -13.19
C ALA D 215 14.04 24.12 -13.81
N ALA D 216 14.13 25.29 -13.19
CA ALA D 216 13.46 26.47 -13.71
C ALA D 216 14.04 26.85 -15.07
N VAL D 217 13.32 27.72 -15.79
CA VAL D 217 13.66 27.99 -17.18
C VAL D 217 15.01 28.70 -17.27
N ILE D 218 15.25 29.70 -16.43
CA ILE D 218 16.51 30.45 -16.51
C ILE D 218 17.71 29.56 -16.20
N PRO D 219 17.77 28.86 -15.06
CA PRO D 219 18.94 28.01 -14.82
C PRO D 219 19.12 26.91 -15.86
N LYS D 220 18.02 26.35 -16.38
CA LYS D 220 18.13 25.27 -17.35
C LYS D 220 18.66 25.78 -18.68
N TRP D 221 18.11 26.90 -19.17
CA TRP D 221 18.61 27.47 -20.42
C TRP D 221 20.05 27.93 -20.25
N THR D 222 20.37 28.50 -19.08
CA THR D 222 21.74 28.98 -18.86
C THR D 222 22.73 27.83 -18.91
N ALA D 223 22.41 26.71 -18.27
CA ALA D 223 23.30 25.55 -18.30
C ALA D 223 23.42 25.00 -19.71
N ALA D 224 22.31 24.92 -20.43
CA ALA D 224 22.36 24.42 -21.80
C ALA D 224 23.22 25.31 -22.68
N MET D 225 23.06 26.62 -22.54
CA MET D 225 23.83 27.54 -23.40
C MET D 225 25.32 27.48 -23.05
N ILE D 226 25.64 27.34 -21.78
CA ILE D 226 27.05 27.21 -21.38
C ILE D 226 27.66 25.97 -22.01
N LYS D 227 26.91 24.88 -22.07
CA LYS D 227 27.38 23.63 -22.65
C LYS D 227 27.13 23.56 -24.16
N GLY D 228 26.46 24.55 -24.74
CA GLY D 228 26.20 24.53 -26.16
C GLY D 228 25.15 23.53 -26.61
N GLU D 229 24.26 23.13 -25.70
CA GLU D 229 23.19 22.21 -26.01
C GLU D 229 21.97 22.97 -26.51
N ASP D 230 20.98 22.21 -27.01
CA ASP D 230 19.75 22.80 -27.50
C ASP D 230 18.96 23.46 -26.38
N VAL D 231 18.29 24.55 -26.72
CA VAL D 231 17.38 25.26 -25.82
C VAL D 231 16.00 25.16 -26.43
N VAL D 232 15.03 24.73 -25.62
CA VAL D 232 13.67 24.47 -26.10
C VAL D 232 12.73 25.47 -25.45
N ILE D 233 11.87 26.07 -26.27
CA ILE D 233 10.82 26.98 -25.82
C ILE D 233 9.50 26.23 -25.91
N ASN D 234 8.81 26.12 -24.77
CA ASN D 234 7.53 25.40 -24.71
C ASN D 234 6.43 26.34 -25.17
N GLY D 235 6.12 26.30 -26.46
CA GLY D 235 5.05 27.10 -27.04
C GLY D 235 5.56 28.02 -28.13
N ASP D 236 4.91 29.17 -28.27
CA ASP D 236 5.21 30.14 -29.31
C ASP D 236 6.29 31.14 -28.90
N GLY D 237 6.73 31.12 -27.65
CA GLY D 237 7.74 32.05 -27.19
C GLY D 237 7.22 33.39 -26.72
N GLN D 238 5.93 33.68 -26.94
CA GLN D 238 5.33 34.91 -26.44
C GLN D 238 4.83 34.78 -25.01
N THR D 239 4.84 33.58 -24.44
CA THR D 239 4.51 33.40 -23.03
C THR D 239 5.41 34.30 -22.19
N SER D 240 4.80 35.14 -21.36
CA SER D 240 5.52 36.17 -20.62
C SER D 240 5.48 35.89 -19.12
N ARG D 241 6.51 36.39 -18.43
CA ARG D 241 6.65 36.21 -17.00
C ARG D 241 7.24 37.48 -16.39
N ASP D 242 7.01 37.65 -15.09
CA ASP D 242 7.60 38.74 -14.32
C ASP D 242 8.75 38.16 -13.50
N PHE D 243 9.92 38.03 -14.14
CA PHE D 243 11.06 37.43 -13.48
C PHE D 243 11.60 38.36 -12.39
N CYS D 244 11.78 37.79 -11.20
CA CYS D 244 12.14 38.56 -10.00
C CYS D 244 13.51 38.09 -9.52
N PHE D 245 14.49 38.98 -9.55
CA PHE D 245 15.82 38.62 -9.06
C PHE D 245 15.74 38.30 -7.58
N VAL D 246 16.55 37.32 -7.15
CA VAL D 246 16.42 36.77 -5.81
C VAL D 246 16.65 37.83 -4.73
N GLU D 247 17.49 38.84 -5.02
CA GLU D 247 17.72 39.88 -4.03
C GLU D 247 16.47 40.68 -3.75
N ASN D 248 15.59 40.83 -4.74
CA ASN D 248 14.31 41.49 -4.50
C ASN D 248 13.48 40.68 -3.50
N ALA D 249 13.47 39.36 -3.64
CA ALA D 249 12.73 38.51 -2.70
C ALA D 249 13.33 38.59 -1.30
N VAL D 250 14.66 38.67 -1.20
CA VAL D 250 15.30 38.80 0.10
C VAL D 250 14.80 40.05 0.81
N GLN D 251 14.77 41.17 0.10
CA GLN D 251 14.28 42.41 0.69
C GLN D 251 12.84 42.24 1.16
N ALA D 252 12.01 41.54 0.39
CA ALA D 252 10.61 41.36 0.77
C ALA D 252 10.49 40.56 2.05
N ASN D 253 11.32 39.53 2.23
CA ASN D 253 11.24 38.71 3.43
C ASN D 253 11.59 39.51 4.67
N LEU D 254 12.67 40.30 4.62
CA LEU D 254 13.09 41.04 5.80
C LEU D 254 12.11 42.17 6.12
N LEU D 255 11.61 42.87 5.10
CA LEU D 255 10.59 43.89 5.35
C LEU D 255 9.34 43.27 5.94
N ALA D 256 8.90 42.13 5.40
CA ALA D 256 7.70 41.47 5.91
C ALA D 256 7.91 41.00 7.34
N ALA D 257 9.09 40.47 7.64
CA ALA D 257 9.35 39.94 8.98
C ALA D 257 9.32 41.03 10.02
N MET D 258 9.76 42.24 9.67
CA MET D 258 9.85 43.36 10.60
C MET D 258 8.67 44.31 10.50
N ALA D 259 7.64 43.95 9.73
CA ALA D 259 6.51 44.85 9.52
C ALA D 259 5.72 45.03 10.82
N ALA D 260 5.03 46.17 10.90
CA ALA D 260 4.16 46.48 12.03
C ALA D 260 2.89 45.65 11.95
N PRO D 261 2.03 45.68 12.98
CA PRO D 261 0.79 44.91 12.90
C PRO D 261 -0.05 45.33 11.70
N GLU D 262 -0.01 46.61 11.33
CA GLU D 262 -0.50 47.02 10.02
C GLU D 262 0.52 46.53 9.00
N GLY D 263 0.04 45.92 7.93
CA GLY D 263 0.91 45.31 6.95
C GLY D 263 1.24 43.87 7.26
N ALA D 264 0.80 43.37 8.41
CA ALA D 264 0.90 41.96 8.76
C ALA D 264 -0.48 41.34 8.54
N ASN D 265 -0.54 40.00 8.56
CA ASN D 265 -1.75 39.29 8.16
C ASN D 265 -2.17 39.70 6.75
N GLN D 266 -1.19 39.86 5.87
CA GLN D 266 -1.43 40.27 4.50
C GLN D 266 -0.67 39.36 3.54
N VAL D 267 -1.08 39.38 2.28
CA VAL D 267 -0.41 38.67 1.21
C VAL D 267 0.05 39.70 0.19
N TYR D 268 1.30 39.56 -0.27
CA TYR D 268 1.94 40.56 -1.10
C TYR D 268 2.54 39.93 -2.35
N ASN D 269 2.35 40.61 -3.48
CA ASN D 269 3.10 40.25 -4.69
C ASN D 269 4.55 40.70 -4.53
N VAL D 270 5.47 39.83 -4.94
CA VAL D 270 6.90 40.10 -4.87
C VAL D 270 7.45 39.90 -6.29
N ALA D 271 7.64 41.01 -7.00
CA ALA D 271 8.13 40.96 -8.37
C ALA D 271 8.68 42.34 -8.71
N TYR D 272 8.89 42.60 -10.01
CA TYR D 272 9.35 43.89 -10.49
C TYR D 272 8.29 44.66 -11.26
N ASN D 273 7.13 44.05 -11.50
CA ASN D 273 6.08 44.62 -12.35
C ASN D 273 6.59 44.87 -13.77
N ALA D 274 7.04 43.79 -14.41
CA ALA D 274 7.53 43.87 -15.77
C ALA D 274 7.22 42.55 -16.48
N ARG D 275 7.17 42.61 -17.80
CA ARG D 275 6.83 41.48 -18.65
C ARG D 275 7.99 41.15 -19.56
N THR D 276 8.34 39.87 -19.63
CA THR D 276 9.40 39.39 -20.51
C THR D 276 8.95 38.06 -21.11
N THR D 277 8.79 38.02 -22.42
CA THR D 277 8.42 36.78 -23.07
C THR D 277 9.58 35.79 -23.07
N LEU D 278 9.27 34.54 -23.40
CA LEU D 278 10.31 33.51 -23.39
C LEU D 278 11.33 33.75 -24.50
N THR D 279 10.90 34.29 -25.64
CA THR D 279 11.85 34.60 -26.70
C THR D 279 12.77 35.74 -26.30
N GLU D 280 12.22 36.79 -25.67
CA GLU D 280 13.04 37.89 -25.20
C GLU D 280 14.05 37.41 -24.15
N LEU D 281 13.61 36.53 -23.24
CA LEU D 281 14.51 35.99 -22.23
C LEU D 281 15.66 35.23 -22.88
N PHE D 282 15.38 34.48 -23.93
CA PHE D 282 16.45 33.73 -24.61
C PHE D 282 17.53 34.68 -25.09
N GLU D 283 17.15 35.79 -25.71
CA GLU D 283 18.14 36.77 -26.15
C GLU D 283 18.86 37.42 -24.97
N HIS D 284 18.13 37.70 -23.88
CA HIS D 284 18.79 38.30 -22.72
C HIS D 284 19.88 37.38 -22.18
N LEU D 285 19.59 36.08 -22.11
CA LEU D 285 20.58 35.12 -21.67
C LEU D 285 21.76 35.05 -22.64
N ARG D 286 21.47 35.09 -23.95
CA ARG D 286 22.53 34.99 -24.93
C ARG D 286 23.48 36.18 -24.83
N ARG D 287 22.93 37.38 -24.67
CA ARG D 287 23.75 38.58 -24.61
C ARG D 287 24.56 38.63 -23.32
N THR D 288 23.92 38.30 -22.20
CA THR D 288 24.60 38.35 -20.91
C THR D 288 25.76 37.37 -20.87
N LEU D 289 25.56 36.15 -21.35
CA LEU D 289 26.66 35.19 -21.40
C LEU D 289 27.76 35.67 -22.34
N ALA D 290 27.39 36.30 -23.45
CA ALA D 290 28.39 36.86 -24.35
C ALA D 290 29.22 37.94 -23.66
N GLY D 291 28.61 38.70 -22.74
CA GLY D 291 29.35 39.69 -22.00
C GLY D 291 30.41 39.10 -21.08
N GLN D 292 30.31 37.81 -20.80
CA GLN D 292 31.32 37.10 -20.02
C GLN D 292 32.19 36.18 -20.90
N GLY D 293 32.26 36.47 -22.20
CA GLY D 293 33.06 35.67 -23.10
C GLY D 293 32.53 34.27 -23.34
N VAL D 294 31.22 34.08 -23.30
CA VAL D 294 30.59 32.78 -23.50
C VAL D 294 29.70 32.88 -24.72
N SER D 295 30.04 32.12 -25.77
CA SER D 295 29.33 32.17 -27.03
C SER D 295 28.24 31.11 -27.08
N TYR D 296 27.06 31.50 -27.58
CA TYR D 296 25.99 30.57 -27.89
C TYR D 296 25.35 31.02 -29.20
N GLU D 297 25.64 30.31 -30.27
CA GLU D 297 25.24 30.70 -31.62
C GLU D 297 24.04 29.92 -32.12
N LYS D 298 23.49 29.01 -31.32
CA LYS D 298 22.39 28.16 -31.75
C LYS D 298 21.06 28.88 -31.56
N ALA D 299 20.10 28.54 -32.43
CA ALA D 299 18.79 29.15 -32.38
C ALA D 299 17.87 28.37 -31.43
N PRO D 300 16.86 29.03 -30.88
CA PRO D 300 15.90 28.30 -30.04
C PRO D 300 15.09 27.32 -30.86
N VAL D 301 14.73 26.21 -30.23
CA VAL D 301 13.90 25.17 -30.83
C VAL D 301 12.50 25.35 -30.28
N TYR D 302 11.55 25.72 -31.14
CA TYR D 302 10.18 25.97 -30.72
C TYR D 302 9.40 24.66 -30.76
N ALA D 303 8.90 24.23 -29.60
CA ALA D 303 8.18 22.97 -29.45
C ALA D 303 6.78 23.25 -28.89
N GLU D 304 6.08 22.18 -28.51
CA GLU D 304 4.71 22.31 -28.06
C GLU D 304 4.65 22.99 -26.68
N PHE D 305 3.47 23.50 -26.35
CA PHE D 305 3.24 24.13 -25.06
C PHE D 305 3.31 23.11 -23.94
N ARG D 306 3.70 23.58 -22.75
CA ARG D 306 3.66 22.73 -21.56
C ARG D 306 2.30 22.94 -20.91
N ALA D 307 1.56 21.85 -20.73
CA ALA D 307 0.21 21.94 -20.19
C ALA D 307 0.22 22.54 -18.78
N GLY D 308 -0.71 23.45 -18.54
CA GLY D 308 -0.92 24.04 -17.24
C GLY D 308 -0.09 25.27 -16.92
N ASP D 309 0.71 25.75 -17.85
CA ASP D 309 1.43 27.00 -17.66
C ASP D 309 0.50 28.17 -17.97
N VAL D 310 0.44 29.14 -17.06
CA VAL D 310 -0.22 30.40 -17.39
C VAL D 310 0.52 31.02 -18.57
N ARG D 311 -0.22 31.71 -19.44
CA ARG D 311 0.39 32.27 -20.64
C ARG D 311 1.04 33.63 -20.39
N HIS D 312 0.45 34.45 -19.51
CA HIS D 312 0.94 35.79 -19.21
C HIS D 312 0.82 36.08 -17.73
N SER D 313 1.90 36.56 -17.12
CA SER D 313 1.92 36.93 -15.71
C SER D 313 2.77 38.18 -15.51
N GLN D 314 2.16 39.20 -14.92
CA GLN D 314 2.82 40.43 -14.52
C GLN D 314 2.23 40.83 -13.18
N ALA D 315 3.07 41.37 -12.29
CA ALA D 315 2.67 41.63 -10.91
C ALA D 315 2.53 43.11 -10.63
N ASP D 316 1.48 43.47 -9.91
CA ASP D 316 1.33 44.79 -9.31
C ASP D 316 1.97 44.75 -7.91
N ILE D 317 3.05 45.48 -7.71
CA ILE D 317 3.76 45.48 -6.44
C ILE D 317 3.44 46.74 -5.61
N GLY D 318 2.35 47.43 -5.94
CA GLY D 318 2.01 48.64 -5.20
C GLY D 318 1.70 48.36 -3.75
N LYS D 319 1.08 47.22 -3.46
CA LYS D 319 0.75 46.89 -2.08
C LYS D 319 2.00 46.72 -1.23
N ALA D 320 3.01 46.03 -1.77
CA ALA D 320 4.25 45.84 -1.02
C ALA D 320 4.99 47.16 -0.82
N GLY D 321 4.93 48.05 -1.82
CA GLY D 321 5.58 49.34 -1.67
C GLY D 321 4.94 50.20 -0.60
N LYS D 322 3.61 50.24 -0.56
CA LYS D 322 2.92 51.11 0.38
C LYS D 322 2.98 50.56 1.81
N LEU D 323 2.82 49.25 1.96
CA LEU D 323 2.69 48.64 3.29
C LEU D 323 4.01 48.16 3.86
N LEU D 324 4.97 47.80 3.00
CA LEU D 324 6.26 47.29 3.46
C LEU D 324 7.44 48.18 3.07
N GLY D 325 7.25 49.12 2.16
CA GLY D 325 8.37 49.89 1.66
C GLY D 325 9.21 49.16 0.64
N TYR D 326 8.62 48.20 -0.08
CA TYR D 326 9.34 47.36 -1.02
C TYR D 326 9.72 48.19 -2.24
N GLU D 327 11.02 48.39 -2.43
CA GLU D 327 11.59 49.09 -3.58
C GLU D 327 12.60 48.13 -4.21
N PRO D 328 12.17 47.24 -5.11
CA PRO D 328 13.12 46.30 -5.71
C PRO D 328 14.23 47.03 -6.46
N ALA D 329 15.45 46.52 -6.32
CA ALA D 329 16.62 47.16 -6.89
C ALA D 329 17.05 46.57 -8.23
N TYR D 330 16.58 45.37 -8.57
CA TYR D 330 17.07 44.65 -9.74
C TYR D 330 15.93 44.41 -10.72
N ASP D 331 16.07 44.92 -11.93
CA ASP D 331 15.25 44.46 -13.04
C ASP D 331 15.81 43.13 -13.54
N ILE D 332 15.17 42.55 -14.56
CA ILE D 332 15.62 41.24 -15.02
C ILE D 332 17.04 41.31 -15.56
N LEU D 333 17.36 42.35 -16.34
CA LEU D 333 18.67 42.41 -16.97
C LEU D 333 19.79 42.57 -15.94
N ARG D 334 19.61 43.44 -14.95
CA ARG D 334 20.63 43.61 -13.92
C ARG D 334 20.79 42.34 -13.10
N GLY D 335 19.68 41.66 -12.79
CA GLY D 335 19.77 40.40 -12.07
C GLY D 335 20.48 39.33 -12.87
N LEU D 336 20.21 39.28 -14.19
CA LEU D 336 20.87 38.29 -15.03
C LEU D 336 22.38 38.52 -15.07
N GLU D 337 22.81 39.78 -15.16
CA GLU D 337 24.23 40.07 -15.16
C GLU D 337 24.88 39.63 -13.86
N ALA D 338 24.16 39.78 -12.74
CA ALA D 338 24.71 39.37 -11.45
C ALA D 338 24.73 37.86 -11.29
N ALA D 339 23.77 37.16 -11.87
CA ALA D 339 23.61 35.73 -11.63
C ALA D 339 24.40 34.87 -12.61
N MET D 340 24.55 35.33 -13.85
CA MET D 340 25.21 34.52 -14.87
C MET D 340 26.60 34.08 -14.45
N PRO D 341 27.43 34.90 -13.81
CA PRO D 341 28.75 34.41 -13.38
C PRO D 341 28.67 33.21 -12.44
N TRP D 342 27.61 33.11 -11.63
CA TRP D 342 27.48 31.95 -10.76
C TRP D 342 27.35 30.66 -11.57
N TYR D 343 26.60 30.71 -12.68
CA TYR D 343 26.37 29.51 -13.47
C TYR D 343 27.58 29.13 -14.31
N THR D 344 28.31 30.10 -14.86
CA THR D 344 29.54 29.77 -15.56
C THR D 344 30.56 29.16 -14.60
N GLN D 345 30.65 29.72 -13.39
CA GLN D 345 31.56 29.18 -12.38
C GLN D 345 31.12 27.80 -11.90
N PHE D 346 29.82 27.61 -11.70
CA PHE D 346 29.32 26.38 -11.10
C PHE D 346 29.33 25.20 -12.07
N LEU D 347 29.08 25.46 -13.34
CA LEU D 347 28.94 24.39 -14.34
C LEU D 347 30.22 24.12 -15.11
N ARG D 348 31.18 25.04 -15.06
CA ARG D 348 32.43 24.87 -15.80
C ARG D 348 33.61 24.74 -14.85
#